data_2Y1R
#
_entry.id   2Y1R
#
_cell.length_a   110.020
_cell.length_b   124.720
_cell.length_c   149.830
_cell.angle_alpha   90.00
_cell.angle_beta   90.00
_cell.angle_gamma   90.00
#
_symmetry.space_group_name_H-M   'P 21 21 21'
#
loop_
_entity.id
_entity.type
_entity.pdbx_description
1 polymer 'NEGATIVE REGULATOR OF GENETIC COMPETENCE CLPC/MECB'
2 polymer 'ADAPTER PROTEIN MECA 1'
3 non-polymer 'S,R MESO-TARTARIC ACID'
4 water water
#
loop_
_entity_poly.entity_id
_entity_poly.type
_entity_poly.pdbx_seq_one_letter_code
_entity_poly.pdbx_strand_id
1 'polypeptide(L)'
;MMFGRFTERAQKVLALAQEEALRLGHNNIGTEHILLGLVREGEGIAAKALQALGLGSEKIQKEVESLIGRGQEMSQTIHY
TPRAKKVIELSMDEARKLGHSYVGTEHILLGLIREGEGVAARVLNNLGVSLNKARQQVLQLLGSNETGS
;
A,B,C,D,E,F,G,H
2 'polypeptide(L)'
;EEKEQKLQFVLRFGDFEDVISLSKLNVNGSKTTLYSFENRYYLYVDFCNMTDEEVENQLSILLEYATESSISIHRLEEYG
KLIISEHALETIKKHFAS
;
I,J,K,L,M,N,O,P
#
# COMPACT_ATOMS: atom_id res chain seq x y z
N PHE A 3 6.70 -8.19 -15.76
CA PHE A 3 6.77 -8.46 -17.20
C PHE A 3 6.77 -7.16 -18.04
N GLY A 4 5.58 -6.55 -18.19
CA GLY A 4 5.41 -5.30 -18.92
C GLY A 4 4.78 -4.20 -18.05
N ARG A 5 4.33 -3.13 -18.70
CA ARG A 5 3.74 -2.00 -17.98
C ARG A 5 2.24 -1.97 -18.16
N PHE A 6 1.53 -1.62 -17.10
CA PHE A 6 0.08 -1.51 -17.19
C PHE A 6 -0.45 -0.15 -16.81
N THR A 7 -1.45 0.31 -17.55
CA THR A 7 -2.10 1.55 -17.17
C THR A 7 -2.63 1.35 -15.77
N GLU A 8 -2.88 2.45 -15.07
CA GLU A 8 -3.35 2.32 -13.71
C GLU A 8 -4.59 1.42 -13.74
N ARG A 9 -5.49 1.72 -14.68
CA ARG A 9 -6.74 0.96 -14.81
C ARG A 9 -6.52 -0.50 -15.12
N ALA A 10 -5.53 -0.80 -15.96
CA ALA A 10 -5.23 -2.18 -16.27
C ALA A 10 -4.74 -2.83 -14.99
N GLN A 11 -3.93 -2.11 -14.25
CA GLN A 11 -3.40 -2.63 -13.01
C GLN A 11 -4.54 -2.97 -12.11
N LYS A 12 -5.57 -2.13 -12.15
CA LYS A 12 -6.74 -2.36 -11.31
C LYS A 12 -7.49 -3.56 -11.79
N VAL A 13 -7.63 -3.69 -13.11
CA VAL A 13 -8.24 -4.88 -13.68
C VAL A 13 -7.57 -6.13 -13.16
N LEU A 14 -6.24 -6.15 -13.17
CA LEU A 14 -5.51 -7.34 -12.73
C LEU A 14 -5.63 -7.52 -11.22
N ALA A 15 -5.69 -6.40 -10.50
CA ALA A 15 -5.86 -6.43 -9.05
C ALA A 15 -7.20 -7.03 -8.71
N LEU A 16 -8.23 -6.51 -9.37
CA LEU A 16 -9.59 -7.00 -9.22
C LEU A 16 -9.67 -8.48 -9.60
N ALA A 17 -8.91 -8.87 -10.61
CA ALA A 17 -8.87 -10.25 -11.05
C ALA A 17 -8.40 -11.10 -9.88
N GLN A 18 -7.38 -10.62 -9.19
CA GLN A 18 -6.87 -11.35 -8.06
C GLN A 18 -7.86 -11.39 -6.91
N GLU A 19 -8.47 -10.24 -6.63
CA GLU A 19 -9.52 -10.19 -5.62
C GLU A 19 -10.64 -11.15 -5.94
N GLU A 20 -11.08 -11.13 -7.20
CA GLU A 20 -12.17 -11.99 -7.64
C GLU A 20 -11.77 -13.44 -7.47
N ALA A 21 -10.54 -13.76 -7.82
CA ALA A 21 -10.04 -15.12 -7.67
C ALA A 21 -10.05 -15.52 -6.22
N LEU A 22 -9.42 -14.69 -5.40
CA LEU A 22 -9.37 -14.92 -3.97
C LEU A 22 -10.78 -15.04 -3.37
N ARG A 23 -11.61 -14.04 -3.66
CA ARG A 23 -12.94 -13.94 -3.07
C ARG A 23 -13.87 -15.04 -3.54
N LEU A 24 -13.71 -15.48 -4.80
CA LEU A 24 -14.48 -16.64 -5.28
C LEU A 24 -13.75 -17.89 -4.81
N GLY A 25 -12.64 -17.66 -4.11
CA GLY A 25 -11.87 -18.75 -3.53
C GLY A 25 -11.36 -19.75 -4.53
N HIS A 26 -10.77 -19.25 -5.59
CA HIS A 26 -10.19 -20.09 -6.62
C HIS A 26 -8.69 -20.05 -6.42
N ASN A 27 -8.05 -21.20 -6.62
CA ASN A 27 -6.61 -21.31 -6.36
C ASN A 27 -5.79 -20.50 -7.36
N ASN A 28 -6.39 -20.19 -8.50
CA ASN A 28 -5.68 -19.42 -9.51
C ASN A 28 -6.46 -18.27 -10.09
N ILE A 29 -5.73 -17.26 -10.55
CA ILE A 29 -6.33 -16.18 -11.31
C ILE A 29 -6.39 -16.61 -12.77
N GLY A 30 -7.56 -16.91 -13.27
CA GLY A 30 -7.66 -17.37 -14.64
C GLY A 30 -8.24 -16.31 -15.51
N THR A 31 -8.42 -16.62 -16.78
CA THR A 31 -8.88 -15.60 -17.71
C THR A 31 -10.23 -15.09 -17.25
N GLU A 32 -10.98 -15.94 -16.55
CA GLU A 32 -12.32 -15.56 -16.15
C GLU A 32 -12.22 -14.44 -15.13
N HIS A 33 -11.16 -14.47 -14.36
CA HIS A 33 -10.94 -13.47 -13.33
C HIS A 33 -10.49 -12.17 -13.92
N ILE A 34 -9.63 -12.27 -14.94
CA ILE A 34 -9.26 -11.12 -15.74
C ILE A 34 -10.51 -10.51 -16.35
N LEU A 35 -11.38 -11.35 -16.87
CA LEU A 35 -12.65 -10.88 -17.46
C LEU A 35 -13.46 -10.14 -16.42
N LEU A 36 -13.57 -10.71 -15.21
CA LEU A 36 -14.28 -10.05 -14.12
C LEU A 36 -13.64 -8.74 -13.77
N GLY A 37 -12.31 -8.73 -13.70
CA GLY A 37 -11.55 -7.54 -13.38
C GLY A 37 -11.81 -6.47 -14.42
N LEU A 38 -11.90 -6.88 -15.67
CA LEU A 38 -12.07 -5.91 -16.76
C LEU A 38 -13.38 -5.17 -16.61
N VAL A 39 -14.42 -5.90 -16.28
CA VAL A 39 -15.74 -5.32 -16.19
C VAL A 39 -15.94 -4.61 -14.87
N ARG A 40 -15.41 -5.19 -13.80
CA ARG A 40 -15.42 -4.54 -12.49
C ARG A 40 -14.66 -3.20 -12.46
N GLU A 41 -13.49 -3.15 -13.07
CA GLU A 41 -12.71 -1.92 -13.10
C GLU A 41 -13.61 -0.73 -13.46
N GLY A 42 -14.53 -0.99 -14.38
CA GLY A 42 -15.66 -0.11 -14.60
C GLY A 42 -15.53 1.06 -15.55
N GLU A 43 -14.33 1.59 -15.70
CA GLU A 43 -14.18 2.85 -16.44
C GLU A 43 -13.36 2.71 -17.71
N GLY A 44 -12.50 1.68 -17.74
CA GLY A 44 -11.64 1.45 -18.88
C GLY A 44 -12.46 1.05 -20.09
N ILE A 45 -11.85 1.18 -21.28
CA ILE A 45 -12.48 0.79 -22.51
C ILE A 45 -12.97 -0.66 -22.45
N ALA A 46 -12.22 -1.51 -21.75
CA ALA A 46 -12.61 -2.91 -21.63
C ALA A 46 -13.94 -2.98 -20.92
N ALA A 47 -14.05 -2.27 -19.81
CA ALA A 47 -15.30 -2.26 -19.07
C ALA A 47 -16.39 -1.70 -19.94
N LYS A 48 -16.11 -0.56 -20.58
CA LYS A 48 -17.11 0.06 -21.44
C LYS A 48 -17.53 -0.87 -22.58
N ALA A 49 -16.55 -1.56 -23.17
CA ALA A 49 -16.82 -2.50 -24.25
C ALA A 49 -17.68 -3.64 -23.77
N LEU A 50 -17.37 -4.15 -22.58
CA LEU A 50 -18.16 -5.21 -21.99
C LEU A 50 -19.60 -4.79 -21.67
N GLN A 51 -19.80 -3.62 -21.09
CA GLN A 51 -21.16 -3.22 -20.77
C GLN A 51 -21.92 -2.87 -22.05
N ALA A 52 -21.20 -2.43 -23.06
CA ALA A 52 -21.79 -2.24 -24.39
C ALA A 52 -22.18 -3.58 -25.01
N LEU A 53 -21.43 -4.64 -24.71
CA LEU A 53 -21.76 -5.97 -25.21
C LEU A 53 -22.89 -6.63 -24.41
N GLY A 54 -23.33 -5.94 -23.36
CA GLY A 54 -24.41 -6.41 -22.52
C GLY A 54 -23.92 -7.29 -21.39
N LEU A 55 -22.62 -7.20 -21.08
CA LEU A 55 -22.06 -8.04 -20.04
C LEU A 55 -21.69 -7.24 -18.80
N GLY A 56 -22.61 -7.19 -17.83
CA GLY A 56 -22.32 -6.56 -16.55
C GLY A 56 -21.53 -7.51 -15.67
N SER A 57 -21.01 -6.99 -14.56
CA SER A 57 -20.25 -7.81 -13.62
C SER A 57 -21.08 -9.02 -13.21
N GLU A 58 -22.38 -8.79 -13.08
CA GLU A 58 -23.27 -9.81 -12.56
C GLU A 58 -23.47 -10.94 -13.56
N LYS A 59 -23.75 -10.59 -14.81
CA LYS A 59 -23.92 -11.61 -15.85
C LYS A 59 -22.71 -12.49 -15.89
N ILE A 60 -21.55 -11.85 -15.95
CA ILE A 60 -20.28 -12.53 -15.99
C ILE A 60 -20.04 -13.31 -14.70
N GLN A 61 -20.20 -12.61 -13.57
CA GLN A 61 -20.04 -13.20 -12.27
C GLN A 61 -20.76 -14.53 -12.20
N LYS A 62 -22.04 -14.48 -12.55
CA LYS A 62 -22.92 -15.63 -12.42
C LYS A 62 -22.40 -16.76 -13.29
N GLU A 63 -22.03 -16.43 -14.54
CA GLU A 63 -21.57 -17.42 -15.51
C GLU A 63 -20.26 -18.04 -15.05
N VAL A 64 -19.34 -17.18 -14.64
CA VAL A 64 -18.07 -17.62 -14.07
C VAL A 64 -18.27 -18.61 -12.92
N GLU A 65 -19.11 -18.24 -11.97
CA GLU A 65 -19.40 -19.16 -10.87
C GLU A 65 -20.14 -20.40 -11.34
N SER A 66 -20.95 -20.25 -12.37
CA SER A 66 -21.63 -21.42 -12.95
C SER A 66 -20.63 -22.39 -13.58
N LEU A 67 -19.41 -21.94 -13.85
CA LEU A 67 -18.41 -22.79 -14.48
C LEU A 67 -17.41 -23.29 -13.47
N ILE A 68 -16.96 -22.38 -12.61
CA ILE A 68 -15.93 -22.72 -11.63
C ILE A 68 -16.50 -22.89 -10.23
N GLY A 69 -17.81 -22.72 -10.11
CA GLY A 69 -18.43 -22.72 -8.79
C GLY A 69 -17.70 -21.76 -7.88
N ARG A 70 -17.58 -22.16 -6.61
CA ARG A 70 -16.92 -21.36 -5.59
C ARG A 70 -15.66 -22.13 -5.12
N GLY A 71 -15.13 -21.95 -3.91
CA GLY A 71 -15.74 -21.31 -2.77
C GLY A 71 -14.86 -21.64 -1.60
N GLN A 72 -14.17 -22.78 -1.70
CA GLN A 72 -13.10 -23.12 -0.78
C GLN A 72 -12.02 -22.06 -0.93
N GLU A 73 -12.13 -21.00 -0.13
CA GLU A 73 -11.38 -19.78 -0.36
C GLU A 73 -9.86 -19.91 -0.14
N MET A 74 -9.46 -20.57 0.96
CA MET A 74 -8.04 -20.62 1.33
C MET A 74 -7.47 -19.20 1.32
N SER A 75 -6.26 -19.03 0.78
CA SER A 75 -5.68 -17.69 0.58
C SER A 75 -4.27 -17.69 0.00
N GLN A 76 -3.47 -18.68 0.36
CA GLN A 76 -2.06 -18.76 -0.06
C GLN A 76 -1.85 -18.13 -1.42
N THR A 77 -1.14 -17.00 -1.45
CA THR A 77 -0.97 -16.21 -2.67
C THR A 77 -1.12 -17.04 -3.95
N ILE A 78 -2.18 -16.73 -4.71
CA ILE A 78 -2.49 -17.45 -5.93
C ILE A 78 -1.75 -16.86 -7.13
N HIS A 79 -1.66 -17.65 -8.21
CA HIS A 79 -0.97 -17.23 -9.41
C HIS A 79 -1.88 -17.22 -10.64
N TYR A 80 -1.36 -16.70 -11.75
CA TYR A 80 -2.15 -16.67 -12.95
C TYR A 80 -2.17 -18.08 -13.53
N THR A 81 -3.31 -18.49 -14.05
CA THR A 81 -3.36 -19.71 -14.81
C THR A 81 -2.53 -19.43 -16.05
N PRO A 82 -1.92 -20.48 -16.59
CA PRO A 82 -1.19 -20.40 -17.85
C PRO A 82 -1.91 -19.55 -18.88
N ARG A 83 -3.22 -19.71 -19.00
CA ARG A 83 -3.98 -18.98 -20.01
C ARG A 83 -4.02 -17.53 -19.69
N ALA A 84 -4.21 -17.22 -18.43
CA ALA A 84 -4.22 -15.83 -18.02
C ALA A 84 -2.85 -15.21 -18.31
N LYS A 85 -1.77 -15.93 -17.98
CA LYS A 85 -0.43 -15.41 -18.29
C LYS A 85 -0.34 -15.08 -19.77
N LYS A 86 -0.93 -15.93 -20.60
CA LYS A 86 -0.84 -15.77 -22.05
C LYS A 86 -1.65 -14.59 -22.50
N VAL A 87 -2.82 -14.46 -21.88
CA VAL A 87 -3.69 -13.34 -22.13
C VAL A 87 -2.97 -12.06 -21.76
N ILE A 88 -2.27 -12.10 -20.65
CA ILE A 88 -1.53 -10.92 -20.26
C ILE A 88 -0.37 -10.66 -21.20
N GLU A 89 0.32 -11.71 -21.63
CA GLU A 89 1.36 -11.54 -22.66
C GLU A 89 0.73 -10.95 -23.90
N LEU A 90 -0.33 -11.58 -24.38
CA LEU A 90 -1.01 -11.10 -25.57
C LEU A 90 -1.42 -9.65 -25.41
N SER A 91 -1.84 -9.28 -24.21
CA SER A 91 -2.36 -7.94 -24.00
C SER A 91 -1.25 -6.94 -24.34
N MET A 92 -0.02 -7.29 -23.97
CA MET A 92 1.13 -6.46 -24.25
C MET A 92 1.28 -6.27 -25.74
N ASP A 93 0.99 -7.33 -26.46
CA ASP A 93 1.10 -7.29 -27.93
C ASP A 93 -0.02 -6.44 -28.49
N GLU A 94 -1.18 -6.56 -27.86
CA GLU A 94 -2.34 -5.79 -28.30
C GLU A 94 -2.10 -4.32 -28.10
N ALA A 95 -1.48 -3.99 -26.96
CA ALA A 95 -1.08 -2.63 -26.68
C ALA A 95 -0.08 -2.15 -27.75
N ARG A 96 0.97 -2.93 -27.94
CA ARG A 96 2.03 -2.60 -28.89
C ARG A 96 1.43 -2.32 -30.26
N LYS A 97 0.48 -3.16 -30.63
CA LYS A 97 -0.11 -3.09 -31.97
C LYS A 97 -1.00 -1.88 -32.08
N LEU A 98 -1.50 -1.43 -30.95
CA LEU A 98 -2.33 -0.25 -30.94
C LEU A 98 -1.52 0.99 -30.61
N GLY A 99 -0.19 0.85 -30.61
CA GLY A 99 0.70 1.99 -30.52
C GLY A 99 1.12 2.29 -29.10
N HIS A 100 0.74 1.43 -28.17
CA HIS A 100 1.01 1.68 -26.76
C HIS A 100 2.15 0.89 -26.17
N SER A 101 2.79 1.45 -25.15
CA SER A 101 3.91 0.83 -24.45
C SER A 101 3.36 0.36 -23.13
N TYR A 102 2.15 0.79 -22.83
CA TYR A 102 1.46 0.43 -21.61
C TYR A 102 0.26 -0.37 -22.01
N VAL A 103 0.06 -1.49 -21.33
CA VAL A 103 -1.12 -2.27 -21.51
C VAL A 103 -2.27 -1.62 -20.76
N GLY A 104 -3.33 -1.30 -21.47
CA GLY A 104 -4.51 -0.75 -20.83
C GLY A 104 -5.58 -1.81 -20.83
N THR A 105 -6.73 -1.52 -20.25
CA THR A 105 -7.81 -2.47 -20.19
C THR A 105 -8.21 -2.96 -21.57
N GLU A 106 -8.28 -2.07 -22.56
CA GLU A 106 -8.70 -2.48 -23.89
C GLU A 106 -7.79 -3.58 -24.40
N HIS A 107 -6.54 -3.53 -23.99
CA HIS A 107 -5.52 -4.45 -24.44
C HIS A 107 -5.57 -5.80 -23.71
N ILE A 108 -5.85 -5.77 -22.42
CA ILE A 108 -6.09 -7.01 -21.69
C ILE A 108 -7.33 -7.70 -22.26
N LEU A 109 -8.38 -6.93 -22.50
CA LEU A 109 -9.59 -7.51 -23.11
C LEU A 109 -9.29 -8.08 -24.48
N LEU A 110 -8.65 -7.30 -25.33
CA LEU A 110 -8.30 -7.74 -26.67
C LEU A 110 -7.44 -8.98 -26.63
N GLY A 111 -6.50 -9.02 -25.69
CA GLY A 111 -5.66 -10.18 -25.51
C GLY A 111 -6.47 -11.38 -25.05
N LEU A 112 -7.41 -11.13 -24.16
CA LEU A 112 -8.24 -12.18 -23.62
C LEU A 112 -9.10 -12.73 -24.74
N ILE A 113 -9.52 -11.83 -25.61
CA ILE A 113 -10.34 -12.16 -26.76
C ILE A 113 -9.53 -12.85 -27.85
N ARG A 114 -8.32 -12.37 -28.08
CA ARG A 114 -7.42 -13.01 -29.04
C ARG A 114 -7.12 -14.41 -28.55
N GLU A 115 -6.70 -14.52 -27.28
CA GLU A 115 -6.35 -15.82 -26.78
C GLU A 115 -7.56 -16.70 -26.84
N GLY A 116 -8.70 -16.11 -26.52
CA GLY A 116 -9.99 -16.69 -26.81
C GLY A 116 -10.14 -18.17 -26.55
N GLU A 117 -9.45 -18.66 -25.53
CA GLU A 117 -9.74 -20.01 -25.08
C GLU A 117 -9.69 -19.92 -23.59
N GLY A 118 -10.28 -20.88 -22.92
CA GLY A 118 -10.36 -20.79 -21.47
C GLY A 118 -11.64 -20.17 -21.00
N VAL A 119 -11.70 -19.93 -19.70
CA VAL A 119 -12.99 -19.71 -19.07
C VAL A 119 -13.62 -18.42 -19.51
N ALA A 120 -12.86 -17.34 -19.45
CA ALA A 120 -13.37 -16.04 -19.83
C ALA A 120 -13.99 -16.14 -21.21
N ALA A 121 -13.28 -16.76 -22.13
CA ALA A 121 -13.76 -16.91 -23.47
C ALA A 121 -15.06 -17.70 -23.50
N ARG A 122 -15.13 -18.79 -22.71
CA ARG A 122 -16.32 -19.63 -22.70
C ARG A 122 -17.47 -18.86 -22.09
N VAL A 123 -17.14 -18.00 -21.13
CA VAL A 123 -18.13 -17.16 -20.48
C VAL A 123 -18.74 -16.22 -21.49
N LEU A 124 -17.89 -15.58 -22.28
CA LEU A 124 -18.38 -14.68 -23.32
C LEU A 124 -19.27 -15.45 -24.28
N ASN A 125 -18.80 -16.62 -24.66
CA ASN A 125 -19.55 -17.47 -25.54
C ASN A 125 -20.87 -17.85 -24.88
N ASN A 126 -20.79 -18.38 -23.68
CA ASN A 126 -21.98 -18.77 -22.95
C ASN A 126 -22.99 -17.65 -22.79
N LEU A 127 -22.49 -16.42 -22.79
CA LEU A 127 -23.33 -15.24 -22.62
C LEU A 127 -23.65 -14.59 -23.97
N GLY A 128 -23.37 -15.32 -25.04
CA GLY A 128 -23.83 -14.94 -26.37
C GLY A 128 -23.01 -13.89 -27.05
N VAL A 129 -21.80 -13.71 -26.56
CA VAL A 129 -20.89 -12.76 -27.16
C VAL A 129 -19.77 -13.52 -27.84
N SER A 130 -19.70 -13.40 -29.15
CA SER A 130 -18.65 -14.04 -29.89
C SER A 130 -17.41 -13.22 -29.64
N LEU A 131 -16.26 -13.87 -29.70
CA LEU A 131 -15.01 -13.17 -29.45
C LEU A 131 -14.86 -12.04 -30.46
N ASN A 132 -15.35 -12.26 -31.66
CA ASN A 132 -15.22 -11.23 -32.67
C ASN A 132 -16.14 -10.05 -32.42
N LYS A 133 -17.34 -10.29 -31.90
CA LYS A 133 -18.24 -9.19 -31.58
C LYS A 133 -17.58 -8.36 -30.49
N ALA A 134 -16.93 -9.07 -29.56
CA ALA A 134 -16.28 -8.44 -28.43
C ALA A 134 -15.07 -7.63 -28.88
N ARG A 135 -14.27 -8.20 -29.76
CA ARG A 135 -13.15 -7.48 -30.33
C ARG A 135 -13.66 -6.26 -31.07
N GLN A 136 -14.73 -6.47 -31.82
CA GLN A 136 -15.36 -5.41 -32.62
C GLN A 136 -15.74 -4.24 -31.73
N GLN A 137 -16.32 -4.54 -30.58
CA GLN A 137 -16.83 -3.50 -29.69
C GLN A 137 -15.67 -2.71 -29.08
N VAL A 138 -14.61 -3.41 -28.69
CA VAL A 138 -13.43 -2.75 -28.13
C VAL A 138 -12.88 -1.79 -29.17
N LEU A 139 -12.65 -2.30 -30.38
CA LEU A 139 -12.14 -1.47 -31.46
C LEU A 139 -13.02 -0.25 -31.73
N GLN A 140 -14.33 -0.46 -31.79
CA GLN A 140 -15.26 0.65 -31.97
C GLN A 140 -14.97 1.71 -30.92
N LEU A 141 -14.91 1.29 -29.65
CA LEU A 141 -14.62 2.19 -28.53
C LEU A 141 -13.25 2.89 -28.58
N LEU A 142 -12.35 2.41 -29.43
CA LEU A 142 -11.02 3.02 -29.56
C LEU A 142 -10.91 4.12 -30.64
N GLY B 4 13.87 -14.65 -7.29
CA GLY B 4 13.88 -15.69 -6.29
C GLY B 4 13.00 -15.37 -5.09
N ARG B 5 13.14 -16.15 -4.02
CA ARG B 5 12.34 -15.95 -2.81
C ARG B 5 13.16 -15.35 -1.70
N PHE B 6 12.56 -14.44 -0.95
CA PHE B 6 13.26 -13.84 0.18
C PHE B 6 12.55 -14.07 1.50
N THR B 7 13.31 -14.28 2.56
CA THR B 7 12.71 -14.36 3.88
C THR B 7 12.03 -13.03 4.11
N GLU B 8 11.08 -13.00 5.03
CA GLU B 8 10.39 -11.76 5.29
C GLU B 8 11.44 -10.69 5.57
N ARG B 9 12.42 -11.05 6.39
CA ARG B 9 13.48 -10.11 6.80
C ARG B 9 14.37 -9.68 5.64
N ALA B 10 14.64 -10.61 4.73
CA ALA B 10 15.39 -10.25 3.55
C ALA B 10 14.56 -9.26 2.72
N GLN B 11 13.26 -9.52 2.62
CA GLN B 11 12.40 -8.61 1.89
C GLN B 11 12.45 -7.26 2.50
N LYS B 12 12.46 -7.21 3.83
CA LYS B 12 12.57 -5.94 4.52
C LYS B 12 13.89 -5.27 4.21
N VAL B 13 14.96 -6.06 4.19
CA VAL B 13 16.27 -5.52 3.87
C VAL B 13 16.19 -4.81 2.53
N LEU B 14 15.61 -5.47 1.54
CA LEU B 14 15.54 -4.91 0.20
C LEU B 14 14.61 -3.71 0.13
N ALA B 15 13.53 -3.78 0.91
CA ALA B 15 12.58 -2.68 1.01
C ALA B 15 13.29 -1.48 1.60
N LEU B 16 14.00 -1.72 2.70
CA LEU B 16 14.77 -0.68 3.37
C LEU B 16 15.83 -0.10 2.43
N ALA B 17 16.42 -0.96 1.62
CA ALA B 17 17.41 -0.55 0.65
C ALA B 17 16.79 0.46 -0.30
N GLN B 18 15.57 0.18 -0.73
CA GLN B 18 14.86 1.11 -1.60
C GLN B 18 14.54 2.42 -0.88
N GLU B 19 14.09 2.32 0.37
CA GLU B 19 13.77 3.50 1.15
C GLU B 19 15.01 4.35 1.33
N GLU B 20 16.11 3.70 1.70
CA GLU B 20 17.38 4.40 1.87
C GLU B 20 17.81 5.08 0.59
N ALA B 21 17.69 4.37 -0.53
CA ALA B 21 17.98 4.93 -1.84
C ALA B 21 17.11 6.14 -2.09
N LEU B 22 15.79 5.95 -1.99
CA LEU B 22 14.84 7.04 -2.20
C LEU B 22 15.17 8.21 -1.27
N ARG B 23 15.32 7.89 0.01
CA ARG B 23 15.44 8.90 1.04
C ARG B 23 16.78 9.63 1.01
N LEU B 24 17.83 8.94 0.61
CA LEU B 24 19.10 9.61 0.33
C LEU B 24 19.05 10.25 -1.05
N GLY B 25 17.93 10.07 -1.75
CA GLY B 25 17.71 10.66 -3.05
C GLY B 25 18.68 10.21 -4.10
N HIS B 26 18.90 8.90 -4.16
CA HIS B 26 19.77 8.34 -5.17
C HIS B 26 18.89 7.71 -6.25
N ASN B 27 19.28 7.88 -7.51
CA ASN B 27 18.48 7.39 -8.62
C ASN B 27 18.43 5.86 -8.64
N ASN B 28 19.40 5.23 -7.98
CA ASN B 28 19.40 3.77 -7.95
C ASN B 28 19.60 3.14 -6.57
N ILE B 29 19.04 1.96 -6.39
CA ILE B 29 19.35 1.16 -5.23
C ILE B 29 20.64 0.38 -5.48
N GLY B 30 21.72 0.78 -4.84
CA GLY B 30 23.00 0.12 -5.07
C GLY B 30 23.37 -0.77 -3.91
N THR B 31 24.53 -1.41 -4.01
CA THR B 31 24.91 -2.33 -2.98
C THR B 31 24.98 -1.61 -1.65
N GLU B 32 25.30 -0.31 -1.68
CA GLU B 32 25.42 0.47 -0.45
C GLU B 32 24.08 0.51 0.25
N HIS B 33 23.03 0.52 -0.55
CA HIS B 33 21.67 0.60 -0.03
C HIS B 33 21.21 -0.72 0.52
N ILE B 34 21.61 -1.79 -0.15
CA ILE B 34 21.40 -3.12 0.38
C ILE B 34 22.12 -3.24 1.71
N LEU B 35 23.35 -2.75 1.75
CA LEU B 35 24.13 -2.76 2.99
C LEU B 35 23.37 -2.00 4.09
N LEU B 36 22.87 -0.82 3.77
CA LEU B 36 22.08 -0.04 4.73
C LEU B 36 20.85 -0.82 5.17
N GLY B 37 20.17 -1.44 4.23
CA GLY B 37 18.95 -2.19 4.53
C GLY B 37 19.28 -3.36 5.41
N LEU B 38 20.43 -4.01 5.16
CA LEU B 38 20.84 -5.15 5.96
C LEU B 38 20.96 -4.79 7.42
N VAL B 39 21.63 -3.68 7.68
CA VAL B 39 21.88 -3.24 9.06
C VAL B 39 20.62 -2.62 9.67
N ARG B 40 19.85 -1.88 8.86
CA ARG B 40 18.63 -1.26 9.35
C ARG B 40 17.58 -2.30 9.69
N GLU B 41 17.44 -3.32 8.86
CA GLU B 41 16.49 -4.40 9.14
C GLU B 41 16.59 -4.82 10.62
N GLY B 42 17.82 -4.89 11.12
CA GLY B 42 18.07 -4.91 12.55
C GLY B 42 18.10 -6.23 13.27
N GLU B 43 17.36 -7.22 12.77
CA GLU B 43 17.20 -8.45 13.52
C GLU B 43 17.76 -9.66 12.82
N GLY B 44 17.89 -9.58 11.50
CA GLY B 44 18.47 -10.68 10.75
C GLY B 44 19.94 -10.91 11.07
N ILE B 45 20.42 -12.10 10.75
CA ILE B 45 21.84 -12.41 10.94
C ILE B 45 22.72 -11.35 10.30
N ALA B 46 22.30 -10.84 9.14
CA ALA B 46 23.08 -9.82 8.46
C ALA B 46 23.23 -8.63 9.39
N ALA B 47 22.12 -8.18 9.95
CA ALA B 47 22.16 -7.03 10.84
C ALA B 47 23.04 -7.35 12.02
N LYS B 48 22.83 -8.53 12.61
CA LYS B 48 23.61 -8.94 13.78
C LYS B 48 25.10 -9.02 13.44
N ALA B 49 25.39 -9.53 12.24
CA ALA B 49 26.76 -9.67 11.82
C ALA B 49 27.38 -8.28 11.73
N LEU B 50 26.65 -7.36 11.11
CA LEU B 50 27.15 -6.02 10.92
C LEU B 50 27.38 -5.29 12.24
N GLN B 51 26.45 -5.43 13.19
CA GLN B 51 26.65 -4.73 14.45
C GLN B 51 27.78 -5.39 15.23
N ALA B 52 27.95 -6.70 15.05
CA ALA B 52 29.10 -7.38 15.61
C ALA B 52 30.41 -6.88 14.99
N LEU B 53 30.36 -6.51 13.72
CA LEU B 53 31.55 -6.04 13.02
C LEU B 53 31.83 -4.58 13.38
N GLY B 54 30.91 -4.01 14.16
CA GLY B 54 31.05 -2.64 14.60
C GLY B 54 30.47 -1.65 13.63
N LEU B 55 29.56 -2.11 12.77
CA LEU B 55 28.98 -1.24 11.76
C LEU B 55 27.51 -1.00 12.01
N GLY B 56 27.21 0.07 12.73
CA GLY B 56 25.82 0.45 12.94
C GLY B 56 25.31 1.17 11.71
N SER B 57 24.00 1.39 11.66
CA SER B 57 23.38 2.11 10.55
C SER B 57 24.07 3.45 10.34
N GLU B 58 24.41 4.11 11.44
CA GLU B 58 25.01 5.44 11.39
C GLU B 58 26.42 5.44 10.78
N LYS B 59 27.29 4.53 11.23
CA LYS B 59 28.65 4.48 10.66
C LYS B 59 28.53 4.30 9.18
N ILE B 60 27.66 3.36 8.77
CA ILE B 60 27.48 3.02 7.37
C ILE B 60 26.83 4.17 6.64
N GLN B 61 25.74 4.66 7.21
CA GLN B 61 25.02 5.81 6.70
C GLN B 61 26.01 6.90 6.33
N LYS B 62 26.81 7.30 7.30
CA LYS B 62 27.73 8.41 7.14
C LYS B 62 28.68 8.14 6.00
N GLU B 63 29.27 6.93 5.99
CA GLU B 63 30.24 6.56 4.96
C GLU B 63 29.59 6.54 3.59
N VAL B 64 28.43 5.91 3.49
CA VAL B 64 27.69 5.87 2.25
C VAL B 64 27.46 7.29 1.72
N GLU B 65 27.00 8.18 2.58
CA GLU B 65 26.74 9.55 2.16
C GLU B 65 28.06 10.25 1.85
N SER B 66 29.11 9.86 2.54
CA SER B 66 30.43 10.40 2.24
C SER B 66 30.92 9.99 0.85
N LEU B 67 30.34 8.94 0.28
CA LEU B 67 30.74 8.49 -1.04
C LEU B 67 29.77 8.94 -2.13
N ILE B 68 28.47 8.81 -1.86
CA ILE B 68 27.46 9.15 -2.84
C ILE B 68 26.79 10.49 -2.54
N GLY B 69 27.23 11.14 -1.47
CA GLY B 69 26.57 12.34 -1.01
C GLY B 69 25.08 12.11 -0.87
N ARG B 70 24.32 13.11 -1.27
CA ARG B 70 22.87 13.03 -1.19
C ARG B 70 22.29 13.30 -2.56
N GLY B 71 20.97 13.40 -2.49
CA GLY B 71 20.29 14.63 -2.17
C GLY B 71 19.11 15.00 -2.99
N GLN B 72 19.41 15.18 -4.25
CA GLN B 72 18.41 15.43 -5.26
C GLN B 72 17.51 14.21 -5.30
N GLU B 73 16.48 14.26 -4.49
CA GLU B 73 15.72 13.05 -4.21
C GLU B 73 14.88 12.50 -5.38
N MET B 74 14.25 13.37 -6.18
CA MET B 74 13.29 12.96 -7.20
C MET B 74 12.27 11.94 -6.66
N SER B 75 12.03 10.85 -7.38
CA SER B 75 11.22 9.76 -6.85
C SER B 75 10.96 8.65 -7.88
N GLN B 76 10.85 9.03 -9.15
CA GLN B 76 10.53 8.09 -10.21
C GLN B 76 11.10 6.71 -9.92
N THR B 77 10.22 5.75 -9.66
CA THR B 77 10.62 4.41 -9.24
C THR B 77 12.03 4.04 -9.70
N ILE B 78 12.93 3.90 -8.72
CA ILE B 78 14.33 3.59 -8.98
C ILE B 78 14.51 2.09 -9.11
N HIS B 79 15.66 1.70 -9.68
CA HIS B 79 15.98 0.28 -9.88
C HIS B 79 17.30 -0.10 -9.19
N TYR B 80 17.59 -1.39 -9.16
CA TYR B 80 18.84 -1.82 -8.59
C TYR B 80 19.97 -1.49 -9.55
N THR B 81 21.10 -1.04 -9.02
CA THR B 81 22.29 -0.92 -9.83
C THR B 81 22.63 -2.33 -10.24
N PRO B 82 23.28 -2.46 -11.38
CA PRO B 82 23.74 -3.76 -11.87
C PRO B 82 24.44 -4.57 -10.77
N ARG B 83 25.27 -3.92 -9.94
CA ARG B 83 25.96 -4.62 -8.86
C ARG B 83 24.97 -5.14 -7.83
N ALA B 84 23.99 -4.32 -7.48
CA ALA B 84 23.02 -4.76 -6.51
C ALA B 84 22.28 -5.96 -7.07
N LYS B 85 21.87 -5.90 -8.34
CA LYS B 85 21.23 -7.05 -8.96
C LYS B 85 22.09 -8.28 -8.79
N LYS B 86 23.40 -8.13 -8.99
CA LYS B 86 24.33 -9.26 -8.91
C LYS B 86 24.44 -9.75 -7.49
N VAL B 87 24.45 -8.82 -6.56
CA VAL B 87 24.55 -9.15 -5.17
C VAL B 87 23.29 -9.90 -4.82
N ILE B 88 22.19 -9.49 -5.38
CA ILE B 88 20.95 -10.20 -5.11
C ILE B 88 20.93 -11.58 -5.78
N GLU B 89 21.42 -11.69 -6.99
CA GLU B 89 21.60 -13.01 -7.60
C GLU B 89 22.51 -13.84 -6.71
N LEU B 90 23.68 -13.30 -6.39
CA LEU B 90 24.64 -14.03 -5.57
C LEU B 90 23.98 -14.48 -4.28
N SER B 91 23.11 -13.66 -3.73
CA SER B 91 22.55 -13.96 -2.44
C SER B 91 21.74 -15.26 -2.57
N MET B 92 21.12 -15.46 -3.73
CA MET B 92 20.34 -16.64 -3.96
C MET B 92 21.24 -17.85 -3.91
N ASP B 93 22.42 -17.69 -4.47
CA ASP B 93 23.41 -18.74 -4.48
C ASP B 93 23.88 -18.99 -3.07
N GLU B 94 24.05 -17.92 -2.32
CA GLU B 94 24.56 -18.03 -0.95
C GLU B 94 23.56 -18.78 -0.13
N ALA B 95 22.30 -18.45 -0.33
CA ALA B 95 21.20 -19.19 0.29
C ALA B 95 21.25 -20.66 -0.09
N ARG B 96 21.30 -20.92 -1.38
CA ARG B 96 21.33 -22.28 -1.92
C ARG B 96 22.45 -23.10 -1.30
N LYS B 97 23.64 -22.48 -1.23
CA LYS B 97 24.83 -23.16 -0.73
C LYS B 97 24.74 -23.40 0.76
N LEU B 98 23.88 -22.62 1.43
CA LEU B 98 23.70 -22.79 2.86
C LEU B 98 22.46 -23.64 3.13
N GLY B 99 21.91 -24.22 2.07
CA GLY B 99 20.83 -25.18 2.20
C GLY B 99 19.44 -24.58 2.07
N HIS B 100 19.37 -23.31 1.70
CA HIS B 100 18.11 -22.60 1.76
C HIS B 100 17.53 -22.35 0.38
N SER B 101 16.20 -22.30 0.32
CA SER B 101 15.49 -22.00 -0.91
C SER B 101 15.02 -20.58 -0.86
N TYR B 102 15.18 -19.97 0.32
CA TYR B 102 14.82 -18.58 0.56
C TYR B 102 16.07 -17.81 0.90
N VAL B 103 16.25 -16.70 0.22
CA VAL B 103 17.32 -15.83 0.55
C VAL B 103 16.98 -15.10 1.83
N GLY B 104 17.90 -15.19 2.79
CA GLY B 104 17.73 -14.49 4.05
C GLY B 104 18.74 -13.39 4.09
N THR B 105 18.70 -12.58 5.14
CA THR B 105 19.61 -11.48 5.26
C THR B 105 21.04 -11.97 5.21
N GLU B 106 21.33 -13.08 5.89
CA GLU B 106 22.72 -13.55 5.92
C GLU B 106 23.22 -13.78 4.49
N HIS B 107 22.30 -14.16 3.62
CA HIS B 107 22.63 -14.50 2.24
C HIS B 107 22.78 -13.29 1.36
N ILE B 108 21.97 -12.25 1.61
CA ILE B 108 22.17 -10.98 0.93
C ILE B 108 23.52 -10.40 1.35
N LEU B 109 23.80 -10.44 2.64
CA LEU B 109 25.08 -9.93 3.14
C LEU B 109 26.24 -10.72 2.54
N LEU B 110 26.15 -12.03 2.62
CA LEU B 110 27.19 -12.90 2.07
C LEU B 110 27.37 -12.65 0.58
N GLY B 111 26.27 -12.48 -0.14
CA GLY B 111 26.35 -12.17 -1.55
C GLY B 111 26.98 -10.83 -1.81
N LEU B 112 26.62 -9.84 -0.99
CA LEU B 112 27.15 -8.51 -1.11
C LEU B 112 28.65 -8.57 -0.84
N ILE B 113 29.02 -9.43 0.09
CA ILE B 113 30.42 -9.63 0.46
C ILE B 113 31.18 -10.40 -0.62
N ARG B 114 30.56 -11.44 -1.14
CA ARG B 114 31.14 -12.22 -2.22
C ARG B 114 31.35 -11.29 -3.42
N GLU B 115 30.31 -10.60 -3.82
CA GLU B 115 30.43 -9.71 -4.96
C GLU B 115 31.47 -8.69 -4.67
N GLY B 116 31.46 -8.21 -3.43
CA GLY B 116 32.57 -7.45 -2.88
C GLY B 116 33.20 -6.40 -3.77
N GLU B 117 32.39 -5.80 -4.64
CA GLU B 117 32.88 -4.64 -5.36
C GLU B 117 31.73 -3.68 -5.35
N GLY B 118 32.00 -2.42 -5.60
CA GLY B 118 30.93 -1.46 -5.45
C GLY B 118 30.92 -0.78 -4.12
N VAL B 119 29.94 0.09 -3.94
CA VAL B 119 29.94 1.01 -2.82
C VAL B 119 29.87 0.33 -1.45
N ALA B 120 28.92 -0.56 -1.28
CA ALA B 120 28.78 -1.30 -0.03
C ALA B 120 30.13 -1.89 0.37
N ALA B 121 30.78 -2.54 -0.58
CA ALA B 121 32.07 -3.15 -0.31
C ALA B 121 33.10 -2.08 0.07
N ARG B 122 33.08 -0.94 -0.61
CA ARG B 122 34.06 0.11 -0.33
C ARG B 122 33.75 0.73 1.01
N VAL B 123 32.47 0.81 1.35
CA VAL B 123 32.08 1.28 2.67
C VAL B 123 32.64 0.37 3.77
N LEU B 124 32.45 -0.95 3.64
CA LEU B 124 32.98 -1.89 4.61
C LEU B 124 34.47 -1.66 4.73
N ASN B 125 35.11 -1.54 3.56
CA ASN B 125 36.53 -1.32 3.52
C ASN B 125 36.88 -0.02 4.22
N ASN B 126 36.27 1.07 3.79
CA ASN B 126 36.49 2.36 4.41
C ASN B 126 36.27 2.36 5.92
N LEU B 127 35.42 1.47 6.39
CA LEU B 127 35.10 1.41 7.80
C LEU B 127 35.90 0.34 8.51
N GLY B 128 36.92 -0.17 7.83
CA GLY B 128 37.87 -1.08 8.44
C GLY B 128 37.41 -2.52 8.55
N VAL B 129 36.39 -2.87 7.78
CA VAL B 129 35.94 -4.24 7.75
C VAL B 129 36.31 -4.90 6.42
N SER B 130 37.20 -5.88 6.46
CA SER B 130 37.54 -6.59 5.26
C SER B 130 36.35 -7.45 4.91
N LEU B 131 36.22 -7.77 3.63
CA LEU B 131 35.11 -8.59 3.20
C LEU B 131 35.19 -9.94 3.87
N ASN B 132 36.40 -10.41 4.08
CA ASN B 132 36.58 -11.68 4.75
C ASN B 132 36.19 -11.67 6.22
N LYS B 133 36.49 -10.58 6.91
CA LYS B 133 36.12 -10.47 8.32
C LYS B 133 34.61 -10.47 8.40
N ALA B 134 33.99 -9.76 7.47
CA ALA B 134 32.54 -9.70 7.39
C ALA B 134 31.93 -11.06 7.07
N ARG B 135 32.52 -11.77 6.12
CA ARG B 135 32.02 -13.09 5.77
C ARG B 135 32.16 -13.98 6.99
N GLN B 136 33.29 -13.83 7.66
CA GLN B 136 33.63 -14.63 8.82
C GLN B 136 32.57 -14.46 9.91
N GLN B 137 32.16 -13.22 10.09
CA GLN B 137 31.19 -12.87 11.14
C GLN B 137 29.84 -13.45 10.86
N VAL B 138 29.42 -13.35 9.61
CA VAL B 138 28.16 -13.91 9.21
C VAL B 138 28.19 -15.41 9.50
N LEU B 139 29.25 -16.07 9.05
CA LEU B 139 29.37 -17.51 9.20
C LEU B 139 29.35 -17.93 10.65
N GLN B 140 30.11 -17.23 11.47
CA GLN B 140 30.09 -17.46 12.90
C GLN B 140 28.65 -17.43 13.42
N LEU B 141 27.94 -16.35 13.08
CA LEU B 141 26.54 -16.21 13.47
C LEU B 141 25.60 -17.32 12.95
N LEU B 142 26.03 -18.10 11.99
CA LEU B 142 25.18 -19.14 11.42
C LEU B 142 25.36 -20.50 12.10
N GLY C 4 24.87 -16.61 -21.84
CA GLY C 4 25.99 -15.69 -21.98
C GLY C 4 26.88 -16.02 -23.18
N ARG C 5 28.07 -15.43 -23.21
CA ARG C 5 28.98 -15.64 -24.32
C ARG C 5 30.12 -16.53 -23.92
N PHE C 6 30.52 -17.42 -24.82
CA PHE C 6 31.66 -18.29 -24.55
C PHE C 6 32.79 -18.13 -25.56
N THR C 7 34.01 -18.21 -25.07
CA THR C 7 35.15 -18.23 -25.98
C THR C 7 34.97 -19.42 -26.89
N GLU C 8 35.61 -19.39 -28.05
CA GLU C 8 35.47 -20.52 -28.94
C GLU C 8 35.79 -21.78 -28.16
N ARG C 9 36.89 -21.75 -27.41
CA ARG C 9 37.34 -22.92 -26.65
C ARG C 9 36.37 -23.35 -25.57
N ALA C 10 35.75 -22.38 -24.92
CA ALA C 10 34.74 -22.71 -23.91
C ALA C 10 33.58 -23.38 -24.63
N GLN C 11 33.24 -22.86 -25.78
CA GLN C 11 32.17 -23.44 -26.58
C GLN C 11 32.49 -24.88 -26.87
N LYS C 12 33.76 -25.14 -27.19
CA LYS C 12 34.21 -26.49 -27.49
C LYS C 12 34.10 -27.35 -26.25
N VAL C 13 34.53 -26.79 -25.13
CA VAL C 13 34.40 -27.50 -23.87
C VAL C 13 32.98 -27.97 -23.67
N LEU C 14 32.01 -27.08 -23.91
CA LEU C 14 30.61 -27.41 -23.68
C LEU C 14 30.09 -28.37 -24.73
N ALA C 15 30.59 -28.24 -25.94
CA ALA C 15 30.23 -29.15 -27.01
C ALA C 15 30.76 -30.54 -26.68
N LEU C 16 32.03 -30.58 -26.26
CA LEU C 16 32.68 -31.82 -25.86
C LEU C 16 31.96 -32.46 -24.69
N ALA C 17 31.47 -31.62 -23.79
CA ALA C 17 30.67 -32.06 -22.65
C ALA C 17 29.44 -32.81 -23.13
N GLN C 18 28.80 -32.26 -24.15
CA GLN C 18 27.64 -32.90 -24.73
C GLN C 18 28.01 -34.20 -25.45
N GLU C 19 29.13 -34.19 -26.18
CA GLU C 19 29.56 -35.39 -26.86
C GLU C 19 29.89 -36.47 -25.86
N GLU C 20 30.62 -36.10 -24.82
CA GLU C 20 30.94 -37.05 -23.77
C GLU C 20 29.68 -37.61 -23.09
N ALA C 21 28.72 -36.74 -22.81
CA ALA C 21 27.45 -37.16 -22.25
C ALA C 21 26.76 -38.14 -23.20
N LEU C 22 26.60 -37.72 -24.44
CA LEU C 22 25.97 -38.56 -25.44
C LEU C 22 26.71 -39.88 -25.58
N ARG C 23 28.01 -39.80 -25.78
CA ARG C 23 28.85 -40.97 -26.07
C ARG C 23 28.98 -41.94 -24.89
N LEU C 24 28.97 -41.41 -23.66
CA LEU C 24 28.94 -42.28 -22.49
C LEU C 24 27.49 -42.67 -22.25
N GLY C 25 26.61 -42.18 -23.11
CA GLY C 25 25.20 -42.50 -23.03
C GLY C 25 24.51 -42.13 -21.74
N HIS C 26 24.71 -40.89 -21.33
CA HIS C 26 24.07 -40.37 -20.15
C HIS C 26 22.97 -39.43 -20.60
N ASN C 27 21.84 -39.46 -19.90
CA ASN C 27 20.67 -38.71 -20.32
C ASN C 27 20.92 -37.21 -20.15
N ASN C 28 21.87 -36.88 -19.30
CA ASN C 28 22.15 -35.46 -19.07
C ASN C 28 23.62 -35.08 -19.15
N ILE C 29 23.87 -33.82 -19.51
CA ILE C 29 25.21 -33.26 -19.45
C ILE C 29 25.43 -32.72 -18.05
N GLY C 30 26.20 -33.44 -17.25
CA GLY C 30 26.41 -33.02 -15.87
C GLY C 30 27.78 -32.40 -15.71
N THR C 31 28.08 -31.97 -14.50
CA THR C 31 29.34 -31.27 -14.27
C THR C 31 30.49 -32.17 -14.68
N GLU C 32 30.31 -33.48 -14.56
CA GLU C 32 31.39 -34.42 -14.88
C GLU C 32 31.71 -34.33 -16.36
N HIS C 33 30.69 -34.01 -17.14
CA HIS C 33 30.86 -33.92 -18.57
C HIS C 33 31.53 -32.60 -18.96
N ILE C 34 31.15 -31.54 -18.26
CA ILE C 34 31.84 -30.28 -18.39
C ILE C 34 33.30 -30.51 -18.05
N LEU C 35 33.55 -31.21 -16.95
CA LEU C 35 34.93 -31.53 -16.56
C LEU C 35 35.66 -32.27 -17.67
N LEU C 36 35.01 -33.27 -18.25
CA LEU C 36 35.61 -34.00 -19.36
C LEU C 36 35.88 -33.09 -20.55
N GLY C 37 34.92 -32.20 -20.82
CA GLY C 37 35.06 -31.29 -21.93
C GLY C 37 36.23 -30.35 -21.70
N LEU C 38 36.36 -29.92 -20.46
CA LEU C 38 37.42 -28.99 -20.11
C LEU C 38 38.77 -29.56 -20.42
N VAL C 39 38.97 -30.83 -20.07
CA VAL C 39 40.27 -31.49 -20.25
C VAL C 39 40.43 -31.95 -21.68
N ARG C 40 39.33 -32.35 -22.30
CA ARG C 40 39.39 -32.82 -23.68
C ARG C 40 39.68 -31.67 -24.63
N GLU C 41 39.04 -30.52 -24.39
CA GLU C 41 39.28 -29.34 -25.22
C GLU C 41 40.77 -29.14 -25.48
N GLY C 42 41.56 -29.33 -24.43
CA GLY C 42 42.99 -29.60 -24.58
C GLY C 42 43.94 -28.43 -24.53
N GLU C 43 43.46 -27.28 -24.98
CA GLU C 43 44.34 -26.12 -25.14
C GLU C 43 44.04 -24.94 -24.21
N GLY C 44 42.82 -24.87 -23.74
CA GLY C 44 42.43 -23.82 -22.82
C GLY C 44 43.13 -23.92 -21.48
N ILE C 45 43.08 -22.83 -20.73
CA ILE C 45 43.69 -22.81 -19.42
C ILE C 45 43.10 -23.92 -18.58
N ALA C 46 41.83 -24.21 -18.79
CA ALA C 46 41.17 -25.22 -18.00
C ALA C 46 41.85 -26.57 -18.26
N ALA C 47 42.05 -26.89 -19.53
CA ALA C 47 42.75 -28.12 -19.86
C ALA C 47 44.14 -28.09 -19.29
N LYS C 48 44.85 -26.98 -19.50
CA LYS C 48 46.21 -26.88 -19.01
C LYS C 48 46.26 -27.06 -17.51
N ALA C 49 45.31 -26.43 -16.83
CA ALA C 49 45.25 -26.50 -15.38
C ALA C 49 45.04 -27.95 -14.96
N LEU C 50 44.14 -28.64 -15.64
CA LEU C 50 43.83 -30.01 -15.30
C LEU C 50 45.00 -30.93 -15.54
N GLN C 51 45.69 -30.78 -16.66
CA GLN C 51 46.83 -31.65 -16.90
C GLN C 51 47.97 -31.33 -15.94
N ALA C 52 48.07 -30.07 -15.54
CA ALA C 52 48.99 -29.68 -14.49
C ALA C 52 48.62 -30.32 -13.13
N LEU C 53 47.33 -30.50 -12.89
CA LEU C 53 46.87 -31.11 -11.66
C LEU C 53 47.01 -32.62 -11.72
N GLY C 54 47.45 -33.12 -12.87
CA GLY C 54 47.64 -34.54 -13.06
C GLY C 54 46.39 -35.28 -13.51
N LEU C 55 45.44 -34.53 -14.04
CA LEU C 55 44.19 -35.14 -14.48
C LEU C 55 44.06 -35.15 -16.01
N GLY C 56 44.47 -36.25 -16.63
CA GLY C 56 44.26 -36.39 -18.06
C GLY C 56 42.82 -36.79 -18.34
N SER C 57 42.42 -36.73 -19.61
CA SER C 57 41.07 -37.16 -20.01
C SER C 57 40.79 -38.57 -19.50
N GLU C 58 41.81 -39.41 -19.53
CA GLU C 58 41.66 -40.81 -19.16
C GLU C 58 41.40 -40.96 -17.65
N LYS C 59 42.20 -40.32 -16.80
CA LYS C 59 42.02 -40.44 -15.35
C LYS C 59 40.60 -40.04 -15.01
N ILE C 60 40.19 -38.92 -15.58
CA ILE C 60 38.88 -38.36 -15.34
C ILE C 60 37.82 -39.25 -15.96
N GLN C 61 38.03 -39.59 -17.23
CA GLN C 61 37.16 -40.50 -17.95
C GLN C 61 36.82 -41.70 -17.09
N LYS C 62 37.88 -42.40 -16.66
CA LYS C 62 37.73 -43.63 -15.89
C LYS C 62 36.91 -43.39 -14.62
N GLU C 63 37.24 -42.31 -13.91
CA GLU C 63 36.57 -42.01 -12.64
C GLU C 63 35.12 -41.67 -12.86
N VAL C 64 34.88 -40.84 -13.87
CA VAL C 64 33.51 -40.48 -14.23
C VAL C 64 32.69 -41.72 -14.51
N GLU C 65 33.22 -42.62 -15.33
CA GLU C 65 32.52 -43.86 -15.66
C GLU C 65 32.41 -44.77 -14.44
N SER C 66 33.37 -44.65 -13.53
CA SER C 66 33.32 -45.41 -12.29
C SER C 66 32.18 -44.90 -11.40
N LEU C 67 31.67 -43.70 -11.67
CA LEU C 67 30.61 -43.13 -10.85
C LEU C 67 29.25 -43.21 -11.53
N ILE C 68 29.23 -42.89 -12.82
CA ILE C 68 27.99 -42.90 -13.60
C ILE C 68 27.89 -44.12 -14.53
N GLY C 69 28.91 -44.98 -14.50
CA GLY C 69 28.96 -46.10 -15.41
C GLY C 69 28.76 -45.61 -16.83
N ARG C 70 28.06 -46.42 -17.62
CA ARG C 70 27.76 -46.11 -19.02
C ARG C 70 26.23 -45.93 -19.17
N GLY C 71 25.60 -46.14 -20.32
CA GLY C 71 26.11 -46.79 -21.52
C GLY C 71 24.90 -46.97 -22.41
N GLN C 72 23.73 -47.05 -21.77
CA GLN C 72 22.47 -46.98 -22.49
C GLN C 72 22.42 -45.64 -23.20
N GLU C 73 22.93 -45.60 -24.42
CA GLU C 73 23.21 -44.35 -25.12
C GLU C 73 21.98 -43.51 -25.47
N MET C 74 20.94 -44.14 -26.04
CA MET C 74 19.79 -43.40 -26.55
C MET C 74 20.27 -42.28 -27.48
N SER C 75 19.70 -41.09 -27.36
CA SER C 75 20.19 -39.92 -28.10
C SER C 75 19.36 -38.65 -27.89
N GLN C 76 18.05 -38.81 -27.73
CA GLN C 76 17.13 -37.68 -27.60
C GLN C 76 17.79 -36.49 -26.93
N THR C 77 18.00 -35.42 -27.69
CA THR C 77 18.74 -34.25 -27.22
C THR C 77 18.71 -34.09 -25.70
N ILE C 78 19.87 -34.27 -25.09
CA ILE C 78 20.03 -34.20 -23.64
C ILE C 78 20.24 -32.76 -23.18
N HIS C 79 20.02 -32.51 -21.89
CA HIS C 79 20.17 -31.19 -21.33
C HIS C 79 21.20 -31.12 -20.21
N TYR C 80 21.52 -29.93 -19.75
CA TYR C 80 22.45 -29.80 -18.64
C TYR C 80 21.74 -30.22 -17.38
N THR C 81 22.44 -30.93 -16.51
CA THR C 81 21.92 -31.17 -15.18
C THR C 81 21.85 -29.81 -14.52
N PRO C 82 20.94 -29.64 -13.57
CA PRO C 82 20.85 -28.41 -12.78
C PRO C 82 22.20 -27.95 -12.28
N ARG C 83 23.06 -28.86 -11.84
CA ARG C 83 24.39 -28.46 -11.36
C ARG C 83 25.22 -27.88 -12.49
N ALA C 84 25.21 -28.56 -13.63
CA ALA C 84 25.94 -28.08 -14.78
C ALA C 84 25.43 -26.69 -15.14
N LYS C 85 24.11 -26.49 -15.18
CA LYS C 85 23.58 -25.17 -15.47
C LYS C 85 24.18 -24.13 -14.53
N LYS C 86 24.26 -24.47 -13.24
CA LYS C 86 24.80 -23.58 -12.21
C LYS C 86 26.27 -23.33 -12.40
N VAL C 87 27.01 -24.38 -12.69
CA VAL C 87 28.43 -24.27 -13.01
C VAL C 87 28.59 -23.33 -14.18
N ILE C 88 27.72 -23.44 -15.17
CA ILE C 88 27.82 -22.56 -16.31
C ILE C 88 27.43 -21.14 -15.96
N GLU C 89 26.41 -20.98 -15.11
CA GLU C 89 26.08 -19.65 -14.63
C GLU C 89 27.27 -19.10 -13.89
N LEU C 90 27.79 -19.88 -12.94
CA LEU C 90 28.93 -19.48 -12.13
C LEU C 90 30.10 -19.09 -13.02
N SER C 91 30.28 -19.82 -14.10
CA SER C 91 31.40 -19.59 -14.97
C SER C 91 31.34 -18.17 -15.49
N MET C 92 30.13 -17.69 -15.76
CA MET C 92 29.93 -16.35 -16.28
C MET C 92 30.38 -15.33 -15.25
N ASP C 93 30.12 -15.65 -14.00
CA ASP C 93 30.52 -14.82 -12.89
C ASP C 93 32.04 -14.88 -12.76
N GLU C 94 32.61 -16.06 -12.92
CA GLU C 94 34.06 -16.21 -12.85
C GLU C 94 34.74 -15.40 -13.91
N ALA C 95 34.19 -15.43 -15.11
CA ALA C 95 34.68 -14.60 -16.20
C ALA C 95 34.57 -13.11 -15.81
N ARG C 96 33.37 -12.71 -15.44
CA ARG C 96 33.11 -11.34 -15.05
C ARG C 96 34.16 -10.86 -14.05
N LYS C 97 34.46 -11.72 -13.09
CA LYS C 97 35.26 -11.34 -11.94
C LYS C 97 36.69 -11.24 -12.40
N LEU C 98 37.00 -11.96 -13.46
CA LEU C 98 38.34 -11.94 -13.98
C LEU C 98 38.44 -10.92 -15.10
N GLY C 99 37.40 -10.09 -15.24
CA GLY C 99 37.39 -8.97 -16.17
C GLY C 99 36.92 -9.30 -17.58
N HIS C 100 36.35 -10.48 -17.74
CA HIS C 100 35.92 -10.92 -19.05
C HIS C 100 34.41 -10.89 -19.28
N SER C 101 34.04 -10.72 -20.54
CA SER C 101 32.65 -10.66 -20.95
C SER C 101 32.32 -11.98 -21.64
N TYR C 102 33.37 -12.73 -21.91
CA TYR C 102 33.28 -14.06 -22.51
C TYR C 102 33.74 -15.07 -21.49
N VAL C 103 32.95 -16.11 -21.33
CA VAL C 103 33.35 -17.22 -20.50
C VAL C 103 34.36 -18.02 -21.28
N GLY C 104 35.54 -18.20 -20.68
CA GLY C 104 36.54 -19.07 -21.25
C GLY C 104 36.64 -20.33 -20.41
N THR C 105 37.43 -21.28 -20.90
CA THR C 105 37.61 -22.53 -20.19
C THR C 105 37.97 -22.30 -18.73
N GLU C 106 38.88 -21.38 -18.47
CA GLU C 106 39.35 -21.19 -17.10
C GLU C 106 38.16 -20.90 -16.22
N HIS C 107 37.16 -20.24 -16.82
CA HIS C 107 36.01 -19.73 -16.09
C HIS C 107 34.94 -20.83 -15.88
N ILE C 108 34.78 -21.70 -16.86
CA ILE C 108 33.97 -22.87 -16.66
C ILE C 108 34.59 -23.73 -15.55
N LEU C 109 35.90 -23.90 -15.60
CA LEU C 109 36.56 -24.75 -14.63
C LEU C 109 36.42 -24.14 -13.25
N LEU C 110 36.72 -22.84 -13.16
CA LEU C 110 36.59 -22.10 -11.92
C LEU C 110 35.16 -22.14 -11.38
N GLY C 111 34.18 -22.00 -12.27
CA GLY C 111 32.80 -22.14 -11.86
C GLY C 111 32.47 -23.55 -11.38
N LEU C 112 32.99 -24.53 -12.09
CA LEU C 112 32.79 -25.93 -11.73
C LEU C 112 33.40 -26.19 -10.35
N ILE C 113 34.55 -25.57 -10.12
CA ILE C 113 35.27 -25.71 -8.87
C ILE C 113 34.56 -24.94 -7.76
N ARG C 114 34.07 -23.75 -8.09
CA ARG C 114 33.34 -22.93 -7.13
C ARG C 114 32.10 -23.68 -6.73
N GLU C 115 31.33 -24.13 -7.73
CA GLU C 115 30.12 -24.85 -7.43
C GLU C 115 30.47 -26.09 -6.65
N GLY C 116 31.57 -26.72 -7.04
CA GLY C 116 32.20 -27.73 -6.22
C GLY C 116 31.31 -28.73 -5.54
N GLU C 117 30.18 -29.05 -6.17
CA GLU C 117 29.39 -30.16 -5.71
C GLU C 117 28.96 -30.87 -6.95
N GLY C 118 28.57 -32.13 -6.80
CA GLY C 118 28.27 -32.89 -7.98
C GLY C 118 29.41 -33.76 -8.46
N VAL C 119 29.20 -34.42 -9.59
CA VAL C 119 30.09 -35.47 -10.00
C VAL C 119 31.50 -34.99 -10.36
N ALA C 120 31.59 -33.95 -11.18
CA ALA C 120 32.89 -33.40 -11.53
C ALA C 120 33.68 -33.13 -10.26
N ALA C 121 33.02 -32.50 -9.29
CA ALA C 121 33.69 -32.20 -8.04
C ALA C 121 34.12 -33.47 -7.30
N ARG C 122 33.25 -34.47 -7.28
CA ARG C 122 33.58 -35.73 -6.61
C ARG C 122 34.70 -36.43 -7.35
N VAL C 123 34.69 -36.33 -8.69
CA VAL C 123 35.77 -36.87 -9.50
C VAL C 123 37.13 -36.26 -9.14
N LEU C 124 37.20 -34.94 -9.10
CA LEU C 124 38.43 -34.26 -8.70
C LEU C 124 38.85 -34.74 -7.32
N ASN C 125 37.87 -34.79 -6.41
CA ASN C 125 38.13 -35.27 -5.07
C ASN C 125 38.64 -36.71 -5.11
N ASN C 126 37.87 -37.59 -5.73
CA ASN C 126 38.29 -38.98 -5.88
C ASN C 126 39.67 -39.17 -6.51
N LEU C 127 40.10 -38.19 -7.30
CA LEU C 127 41.38 -38.28 -8.00
C LEU C 127 42.46 -37.47 -7.26
N GLY C 128 42.13 -37.06 -6.05
CA GLY C 128 43.12 -36.46 -5.19
C GLY C 128 43.36 -34.98 -5.39
N VAL C 129 42.44 -34.34 -6.08
CA VAL C 129 42.57 -32.93 -6.33
C VAL C 129 41.52 -32.20 -5.53
N SER C 130 41.95 -31.41 -4.56
CA SER C 130 40.99 -30.60 -3.81
C SER C 130 40.51 -29.51 -4.75
N LEU C 131 39.31 -29.05 -4.54
CA LEU C 131 38.80 -27.96 -5.34
C LEU C 131 39.73 -26.76 -5.24
N ASN C 132 40.30 -26.53 -4.07
CA ASN C 132 41.16 -25.36 -3.92
C ASN C 132 42.48 -25.53 -4.67
N LYS C 133 43.01 -26.77 -4.73
CA LYS C 133 44.26 -26.99 -5.42
C LYS C 133 43.98 -26.72 -6.86
N ALA C 134 42.80 -27.11 -7.30
CA ALA C 134 42.40 -26.93 -8.68
C ALA C 134 42.21 -25.46 -9.00
N ARG C 135 41.52 -24.76 -8.13
CA ARG C 135 41.33 -23.32 -8.32
C ARG C 135 42.70 -22.65 -8.35
N GLN C 136 43.58 -23.09 -7.45
CA GLN C 136 44.91 -22.54 -7.30
C GLN C 136 45.66 -22.66 -8.62
N GLN C 137 45.56 -23.83 -9.25
CA GLN C 137 46.27 -24.13 -10.49
C GLN C 137 45.75 -23.27 -11.64
N VAL C 138 44.44 -23.14 -11.73
CA VAL C 138 43.85 -22.28 -12.74
C VAL C 138 44.41 -20.87 -12.58
N LEU C 139 44.32 -20.34 -11.36
CA LEU C 139 44.76 -18.97 -11.11
C LEU C 139 46.23 -18.80 -11.43
N GLN C 140 47.06 -19.77 -11.03
CA GLN C 140 48.46 -19.74 -11.37
C GLN C 140 48.60 -19.55 -12.88
N LEU C 141 47.92 -20.40 -13.64
CA LEU C 141 47.98 -20.33 -15.10
C LEU C 141 47.44 -19.03 -15.72
N LEU C 142 46.76 -18.21 -14.93
CA LEU C 142 46.20 -16.97 -15.46
C LEU C 142 47.15 -15.79 -15.27
N PHE D 3 14.58 -20.04 -27.23
CA PHE D 3 13.25 -19.60 -26.84
C PHE D 3 12.22 -20.75 -26.83
N GLY D 4 11.81 -21.19 -28.01
CA GLY D 4 10.87 -22.29 -28.17
C GLY D 4 11.42 -23.39 -29.07
N ARG D 5 10.56 -24.30 -29.51
CA ARG D 5 10.99 -25.41 -30.35
C ARG D 5 10.56 -25.22 -31.79
N PHE D 6 11.40 -25.64 -32.71
CA PHE D 6 11.05 -25.52 -34.11
C PHE D 6 11.11 -26.85 -34.84
N THR D 7 10.24 -27.02 -35.82
CA THR D 7 10.29 -28.22 -36.63
C THR D 7 11.59 -28.13 -37.39
N GLU D 8 12.08 -29.25 -37.86
CA GLU D 8 13.32 -29.21 -38.58
C GLU D 8 13.18 -28.14 -39.65
N ARG D 9 12.05 -28.17 -40.36
CA ARG D 9 11.82 -27.27 -41.50
C ARG D 9 11.77 -25.83 -41.07
N ALA D 10 11.19 -25.58 -39.89
CA ALA D 10 11.10 -24.24 -39.37
C ALA D 10 12.51 -23.78 -39.03
N GLN D 11 13.28 -24.69 -38.46
CA GLN D 11 14.68 -24.40 -38.18
C GLN D 11 15.40 -24.04 -39.46
N LYS D 12 15.09 -24.75 -40.54
CA LYS D 12 15.73 -24.47 -41.81
C LYS D 12 15.30 -23.10 -42.26
N VAL D 13 14.01 -22.80 -42.09
CA VAL D 13 13.52 -21.48 -42.47
C VAL D 13 14.36 -20.39 -41.81
N LEU D 14 14.60 -20.54 -40.52
CA LEU D 14 15.31 -19.54 -39.74
C LEU D 14 16.78 -19.51 -40.09
N ALA D 15 17.35 -20.67 -40.41
CA ALA D 15 18.73 -20.76 -40.85
C ALA D 15 18.86 -20.07 -42.19
N LEU D 16 17.92 -20.35 -43.08
CA LEU D 16 17.88 -19.76 -44.41
C LEU D 16 17.75 -18.25 -44.27
N ALA D 17 16.98 -17.83 -43.28
CA ALA D 17 16.76 -16.41 -43.01
C ALA D 17 18.08 -15.77 -42.69
N GLN D 18 18.86 -16.44 -41.87
CA GLN D 18 20.18 -15.92 -41.53
C GLN D 18 21.13 -15.94 -42.73
N GLU D 19 21.10 -17.00 -43.53
CA GLU D 19 21.92 -17.05 -44.75
C GLU D 19 21.55 -15.92 -45.69
N GLU D 20 20.25 -15.73 -45.88
CA GLU D 20 19.77 -14.67 -46.75
C GLU D 20 20.22 -13.31 -46.23
N ALA D 21 20.13 -13.12 -44.93
CA ALA D 21 20.57 -11.88 -44.31
C ALA D 21 22.05 -11.69 -44.56
N LEU D 22 22.83 -12.70 -44.20
CA LEU D 22 24.27 -12.65 -44.37
C LEU D 22 24.63 -12.43 -45.84
N ARG D 23 24.07 -13.26 -46.72
CA ARG D 23 24.37 -13.23 -48.14
C ARG D 23 23.91 -11.97 -48.85
N LEU D 24 22.78 -11.39 -48.45
CA LEU D 24 22.38 -10.09 -48.96
C LEU D 24 23.17 -8.98 -48.23
N GLY D 25 24.01 -9.41 -47.30
CA GLY D 25 24.83 -8.49 -46.53
C GLY D 25 24.06 -7.49 -45.69
N HIS D 26 23.07 -7.96 -44.96
CA HIS D 26 22.30 -7.11 -44.09
C HIS D 26 22.75 -7.37 -42.65
N ASN D 27 22.81 -6.31 -41.84
CA ASN D 27 23.35 -6.44 -40.50
C ASN D 27 22.39 -7.21 -39.62
N ASN D 28 21.14 -7.28 -40.03
CA ASN D 28 20.16 -8.02 -39.23
C ASN D 28 19.30 -8.98 -40.01
N ILE D 29 18.85 -10.02 -39.32
CA ILE D 29 17.85 -10.91 -39.88
C ILE D 29 16.48 -10.31 -39.59
N GLY D 30 15.87 -9.71 -40.60
CA GLY D 30 14.56 -9.12 -40.40
C GLY D 30 13.45 -10.00 -40.92
N THR D 31 12.22 -9.53 -40.77
CA THR D 31 11.09 -10.34 -41.14
C THR D 31 11.19 -10.68 -42.63
N GLU D 32 11.84 -9.83 -43.41
CA GLU D 32 11.98 -10.08 -44.86
C GLU D 32 12.81 -11.33 -45.10
N HIS D 33 13.76 -11.55 -44.21
CA HIS D 33 14.64 -12.69 -44.30
C HIS D 33 13.98 -13.96 -43.83
N ILE D 34 13.16 -13.85 -42.80
CA ILE D 34 12.28 -14.94 -42.43
C ILE D 34 11.38 -15.28 -43.62
N LEU D 35 10.80 -14.26 -44.23
CA LEU D 35 9.95 -14.50 -45.39
C LEU D 35 10.74 -15.24 -46.48
N LEU D 36 11.96 -14.80 -46.74
CA LEU D 36 12.81 -15.46 -47.74
C LEU D 36 13.06 -16.90 -47.35
N GLY D 37 13.33 -17.12 -46.06
CA GLY D 37 13.62 -18.44 -45.56
C GLY D 37 12.42 -19.32 -45.73
N LEU D 38 11.25 -18.75 -45.48
CA LEU D 38 10.03 -19.53 -45.56
C LEU D 38 9.84 -20.11 -46.93
N VAL D 39 10.04 -19.27 -47.95
CA VAL D 39 9.82 -19.68 -49.33
C VAL D 39 10.99 -20.52 -49.84
N ARG D 40 12.19 -20.20 -49.37
CA ARG D 40 13.37 -20.95 -49.79
C ARG D 40 13.35 -22.36 -49.23
N GLU D 41 12.94 -22.49 -47.97
CA GLU D 41 12.88 -23.80 -47.35
C GLU D 41 12.18 -24.78 -48.28
N GLY D 42 11.15 -24.29 -48.97
CA GLY D 42 10.62 -24.95 -50.15
C GLY D 42 9.55 -26.02 -49.98
N GLU D 43 9.55 -26.71 -48.85
CA GLU D 43 8.68 -27.87 -48.68
C GLU D 43 7.62 -27.70 -47.62
N GLY D 44 7.87 -26.81 -46.67
CA GLY D 44 6.93 -26.56 -45.58
C GLY D 44 5.67 -25.90 -46.09
N ILE D 45 4.61 -26.01 -45.30
CA ILE D 45 3.37 -25.34 -45.63
C ILE D 45 3.61 -23.87 -45.96
N ALA D 46 4.52 -23.23 -45.24
CA ALA D 46 4.79 -21.83 -45.48
C ALA D 46 5.24 -21.65 -46.92
N ALA D 47 6.22 -22.45 -47.32
CA ALA D 47 6.72 -22.37 -48.69
C ALA D 47 5.55 -22.63 -49.64
N LYS D 48 4.78 -23.67 -49.35
CA LYS D 48 3.72 -24.08 -50.26
C LYS D 48 2.73 -22.95 -50.37
N ALA D 49 2.45 -22.33 -49.23
CA ALA D 49 1.44 -21.29 -49.17
C ALA D 49 1.93 -20.12 -50.01
N LEU D 50 3.21 -19.81 -49.87
CA LEU D 50 3.79 -18.70 -50.61
C LEU D 50 3.78 -18.95 -52.09
N GLN D 51 4.18 -20.14 -52.52
CA GLN D 51 4.17 -20.40 -53.97
C GLN D 51 2.74 -20.45 -54.50
N ALA D 52 1.79 -20.83 -53.64
CA ALA D 52 0.39 -20.80 -54.02
C ALA D 52 -0.10 -19.36 -54.15
N LEU D 53 0.49 -18.46 -53.34
CA LEU D 53 0.15 -17.03 -53.39
C LEU D 53 0.83 -16.32 -54.55
N GLY D 54 1.68 -17.06 -55.26
CA GLY D 54 2.37 -16.55 -56.42
C GLY D 54 3.69 -15.89 -56.07
N LEU D 55 4.20 -16.21 -54.89
CA LEU D 55 5.45 -15.60 -54.42
C LEU D 55 6.60 -16.60 -54.39
N GLY D 56 7.35 -16.69 -55.49
CA GLY D 56 8.56 -17.49 -55.50
C GLY D 56 9.67 -16.77 -54.76
N SER D 57 10.76 -17.50 -54.51
CA SER D 57 11.92 -16.90 -53.89
C SER D 57 12.35 -15.65 -54.66
N GLU D 58 12.25 -15.70 -55.97
CA GLU D 58 12.75 -14.63 -56.84
C GLU D 58 11.91 -13.37 -56.73
N LYS D 59 10.58 -13.50 -56.82
CA LYS D 59 9.70 -12.35 -56.69
C LYS D 59 9.99 -11.64 -55.37
N ILE D 60 10.06 -12.44 -54.31
CA ILE D 60 10.33 -11.93 -52.97
C ILE D 60 11.73 -11.37 -52.86
N GLN D 61 12.70 -12.18 -53.30
CA GLN D 61 14.09 -11.77 -53.37
C GLN D 61 14.22 -10.37 -53.95
N LYS D 62 13.68 -10.21 -55.16
CA LYS D 62 13.80 -8.97 -55.89
C LYS D 62 13.22 -7.83 -55.10
N GLU D 63 12.03 -8.03 -54.55
CA GLU D 63 11.32 -6.99 -53.81
C GLU D 63 12.09 -6.63 -52.56
N VAL D 64 12.51 -7.66 -51.83
CA VAL D 64 13.29 -7.46 -50.62
C VAL D 64 14.51 -6.60 -50.92
N GLU D 65 15.22 -6.95 -51.98
CA GLU D 65 16.40 -6.19 -52.36
C GLU D 65 16.00 -4.80 -52.85
N SER D 66 14.85 -4.71 -53.46
CA SER D 66 14.34 -3.42 -53.86
C SER D 66 14.03 -2.51 -52.67
N LEU D 67 13.92 -3.08 -51.46
CA LEU D 67 13.62 -2.27 -50.27
C LEU D 67 14.86 -2.05 -49.42
N ILE D 68 15.65 -3.10 -49.24
CA ILE D 68 16.84 -3.07 -48.38
C ILE D 68 18.13 -3.02 -49.20
N GLY D 69 18.00 -3.04 -50.51
CA GLY D 69 19.17 -3.11 -51.37
C GLY D 69 20.04 -4.26 -50.96
N ARG D 70 21.35 -4.07 -51.07
CA ARG D 70 22.34 -5.06 -50.70
C ARG D 70 23.13 -4.54 -49.49
N GLY D 71 24.38 -4.95 -49.23
CA GLY D 71 25.30 -5.64 -50.10
C GLY D 71 26.65 -5.58 -49.40
N GLN D 72 26.83 -4.54 -48.59
CA GLN D 72 27.95 -4.46 -47.68
C GLN D 72 27.85 -5.63 -46.73
N GLU D 73 28.44 -6.77 -47.13
CA GLU D 73 28.18 -8.05 -46.47
C GLU D 73 28.69 -8.16 -45.02
N MET D 74 29.91 -7.71 -44.75
CA MET D 74 30.52 -7.91 -43.43
C MET D 74 30.39 -9.38 -43.04
N SER D 75 30.05 -9.65 -41.78
CA SER D 75 29.75 -11.02 -41.33
C SER D 75 29.44 -11.15 -39.84
N GLN D 76 30.08 -10.31 -39.03
CA GLN D 76 29.92 -10.38 -37.57
C GLN D 76 28.52 -10.87 -37.17
N THR D 77 28.46 -12.07 -36.60
CA THR D 77 27.19 -12.71 -36.29
C THR D 77 26.06 -11.72 -36.11
N ILE D 78 25.10 -11.75 -37.03
CA ILE D 78 23.94 -10.86 -37.02
C ILE D 78 22.80 -11.39 -36.15
N HIS D 79 21.88 -10.50 -35.77
CA HIS D 79 20.78 -10.90 -34.90
C HIS D 79 19.43 -10.65 -35.55
N TYR D 80 18.38 -11.12 -34.91
CA TYR D 80 17.06 -10.83 -35.41
C TYR D 80 16.71 -9.38 -35.16
N THR D 81 16.08 -8.73 -36.12
CA THR D 81 15.50 -7.42 -35.87
C THR D 81 14.39 -7.66 -34.87
N PRO D 82 14.11 -6.65 -34.05
CA PRO D 82 13.01 -6.71 -33.08
C PRO D 82 11.75 -7.30 -33.70
N ARG D 83 11.39 -6.90 -34.92
CA ARG D 83 10.18 -7.41 -35.57
C ARG D 83 10.28 -8.89 -35.83
N ALA D 84 11.43 -9.33 -36.34
CA ALA D 84 11.64 -10.74 -36.56
C ALA D 84 11.50 -11.50 -35.25
N LYS D 85 12.14 -11.01 -34.19
CA LYS D 85 12.00 -11.65 -32.87
C LYS D 85 10.51 -11.82 -32.54
N LYS D 86 9.72 -10.78 -32.83
CA LYS D 86 8.30 -10.77 -32.46
C LYS D 86 7.55 -11.77 -33.32
N VAL D 87 7.91 -11.81 -34.59
CA VAL D 87 7.33 -12.73 -35.54
C VAL D 87 7.63 -14.14 -35.06
N ILE D 88 8.85 -14.34 -34.59
CA ILE D 88 9.19 -15.64 -34.07
C ILE D 88 8.43 -15.94 -32.78
N GLU D 89 8.27 -14.93 -31.93
CA GLU D 89 7.47 -15.13 -30.73
C GLU D 89 6.08 -15.49 -31.17
N LEU D 90 5.51 -14.66 -32.02
CA LEU D 90 4.15 -14.88 -32.52
C LEU D 90 4.00 -16.27 -33.12
N SER D 91 5.04 -16.70 -33.80
CA SER D 91 4.98 -17.99 -34.47
C SER D 91 4.71 -19.09 -33.45
N MET D 92 5.31 -18.95 -32.27
CA MET D 92 5.11 -19.93 -31.20
C MET D 92 3.66 -19.96 -30.79
N ASP D 93 3.06 -18.77 -30.79
CA ASP D 93 1.67 -18.65 -30.42
C ASP D 93 0.82 -19.27 -31.52
N GLU D 94 1.24 -19.05 -32.76
CA GLU D 94 0.47 -19.57 -33.87
C GLU D 94 0.48 -21.09 -33.83
N ALA D 95 1.64 -21.65 -33.51
CA ALA D 95 1.77 -23.08 -33.35
C ALA D 95 0.86 -23.55 -32.22
N ARG D 96 0.97 -22.89 -31.07
CA ARG D 96 0.20 -23.26 -29.89
C ARG D 96 -1.30 -23.31 -30.24
N LYS D 97 -1.72 -22.28 -30.95
CA LYS D 97 -3.12 -22.08 -31.30
C LYS D 97 -3.59 -23.11 -32.28
N LEU D 98 -2.65 -23.65 -33.04
CA LEU D 98 -2.95 -24.70 -34.00
C LEU D 98 -2.70 -26.09 -33.41
N GLY D 99 -2.48 -26.18 -32.10
CA GLY D 99 -2.35 -27.46 -31.43
C GLY D 99 -0.92 -27.97 -31.31
N HIS D 100 0.04 -27.15 -31.72
CA HIS D 100 1.41 -27.62 -31.77
C HIS D 100 2.30 -27.08 -30.67
N SER D 101 3.34 -27.86 -30.33
CA SER D 101 4.30 -27.47 -29.30
C SER D 101 5.59 -27.09 -29.99
N TYR D 102 5.62 -27.37 -31.30
CA TYR D 102 6.73 -27.05 -32.17
C TYR D 102 6.24 -26.02 -33.17
N VAL D 103 7.02 -24.98 -33.34
CA VAL D 103 6.76 -24.05 -34.41
C VAL D 103 7.18 -24.65 -35.73
N GLY D 104 6.25 -24.71 -36.66
CA GLY D 104 6.56 -25.16 -38.01
C GLY D 104 6.50 -23.96 -38.94
N THR D 105 6.85 -24.18 -40.20
CA THR D 105 6.90 -23.09 -41.14
C THR D 105 5.57 -22.36 -41.19
N GLU D 106 4.48 -23.12 -41.16
CA GLU D 106 3.17 -22.49 -41.29
C GLU D 106 3.00 -21.47 -40.20
N HIS D 107 3.62 -21.75 -39.06
CA HIS D 107 3.49 -20.93 -37.87
C HIS D 107 4.37 -19.66 -37.90
N ILE D 108 5.59 -19.80 -38.39
CA ILE D 108 6.41 -18.64 -38.63
C ILE D 108 5.72 -17.73 -39.66
N LEU D 109 5.16 -18.34 -40.71
CA LEU D 109 4.51 -17.55 -41.75
C LEU D 109 3.32 -16.84 -41.18
N LEU D 110 2.51 -17.59 -40.44
CA LEU D 110 1.33 -17.06 -39.80
C LEU D 110 1.71 -15.97 -38.81
N GLY D 111 2.80 -16.17 -38.11
CA GLY D 111 3.22 -15.16 -37.15
C GLY D 111 3.71 -13.92 -37.88
N LEU D 112 4.42 -14.15 -38.97
CA LEU D 112 4.94 -13.05 -39.78
C LEU D 112 3.79 -12.24 -40.38
N ILE D 113 2.74 -12.93 -40.76
CA ILE D 113 1.53 -12.33 -41.29
C ILE D 113 0.72 -11.64 -40.19
N ARG D 114 0.65 -12.27 -39.01
CA ARG D 114 -0.06 -11.68 -37.89
C ARG D 114 0.67 -10.40 -37.51
N GLU D 115 1.98 -10.50 -37.31
CA GLU D 115 2.72 -9.31 -36.94
C GLU D 115 2.57 -8.27 -38.03
N GLY D 116 2.60 -8.76 -39.26
CA GLY D 116 2.19 -7.98 -40.40
C GLY D 116 2.63 -6.53 -40.43
N GLU D 117 3.81 -6.28 -39.88
CA GLU D 117 4.41 -4.97 -40.10
C GLU D 117 5.87 -5.22 -40.35
N GLY D 118 6.54 -4.25 -40.92
CA GLY D 118 7.92 -4.50 -41.32
C GLY D 118 8.07 -4.99 -42.74
N VAL D 119 9.31 -5.30 -43.10
CA VAL D 119 9.63 -5.48 -44.50
C VAL D 119 8.92 -6.65 -45.15
N ALA D 120 8.97 -7.82 -44.53
CA ALA D 120 8.30 -8.99 -45.07
C ALA D 120 6.88 -8.61 -45.40
N ALA D 121 6.23 -7.93 -44.47
CA ALA D 121 4.84 -7.56 -44.65
C ALA D 121 4.68 -6.60 -45.81
N ARG D 122 5.60 -5.64 -45.92
CA ARG D 122 5.57 -4.68 -47.01
C ARG D 122 5.89 -5.36 -48.34
N VAL D 123 6.75 -6.35 -48.29
CA VAL D 123 7.03 -7.14 -49.49
C VAL D 123 5.76 -7.85 -49.99
N LEU D 124 5.07 -8.55 -49.10
CA LEU D 124 3.84 -9.23 -49.49
C LEU D 124 2.88 -8.22 -50.09
N ASN D 125 2.78 -7.06 -49.42
CA ASN D 125 1.89 -6.00 -49.87
C ASN D 125 2.33 -5.51 -51.24
N ASN D 126 3.61 -5.13 -51.35
CA ASN D 126 4.15 -4.71 -52.63
C ASN D 126 3.95 -5.74 -53.74
N LEU D 127 3.85 -7.00 -53.38
CA LEU D 127 3.75 -8.06 -54.38
C LEU D 127 2.29 -8.45 -54.53
N GLY D 128 1.41 -7.67 -53.93
CA GLY D 128 -0.02 -7.82 -54.17
C GLY D 128 -0.69 -8.90 -53.36
N VAL D 129 -0.04 -9.28 -52.28
CA VAL D 129 -0.58 -10.27 -51.39
C VAL D 129 -1.00 -9.63 -50.07
N SER D 130 -2.28 -9.57 -49.81
CA SER D 130 -2.72 -9.00 -48.57
C SER D 130 -2.37 -9.99 -47.49
N LEU D 131 -2.13 -9.49 -46.28
CA LEU D 131 -1.77 -10.37 -45.19
C LEU D 131 -2.87 -11.39 -45.00
N ASN D 132 -4.10 -10.97 -45.25
CA ASN D 132 -5.22 -11.87 -45.05
C ASN D 132 -5.29 -12.96 -46.11
N LYS D 133 -4.99 -12.61 -47.36
CA LYS D 133 -5.00 -13.62 -48.41
C LYS D 133 -3.93 -14.64 -48.06
N ALA D 134 -2.80 -14.15 -47.56
CA ALA D 134 -1.70 -15.01 -47.18
C ALA D 134 -2.08 -15.92 -46.04
N ARG D 135 -2.75 -15.37 -45.04
CA ARG D 135 -3.15 -16.16 -43.88
C ARG D 135 -4.13 -17.20 -44.37
N GLN D 136 -5.01 -16.76 -45.26
CA GLN D 136 -6.05 -17.60 -45.81
C GLN D 136 -5.41 -18.80 -46.48
N GLN D 137 -4.35 -18.56 -47.24
CA GLN D 137 -3.70 -19.61 -48.01
C GLN D 137 -3.01 -20.62 -47.11
N VAL D 138 -2.33 -20.12 -46.10
CA VAL D 138 -1.73 -21.01 -45.11
C VAL D 138 -2.81 -21.91 -44.49
N LEU D 139 -3.87 -21.30 -43.98
CA LEU D 139 -4.96 -22.05 -43.35
C LEU D 139 -5.56 -23.10 -44.31
N GLN D 140 -5.82 -22.68 -45.54
CA GLN D 140 -6.30 -23.62 -46.55
C GLN D 140 -5.37 -24.83 -46.55
N LEU D 141 -4.07 -24.59 -46.68
CA LEU D 141 -3.10 -25.69 -46.75
C LEU D 141 -3.01 -26.54 -45.48
N LEU D 142 -3.57 -26.07 -44.38
CA LEU D 142 -3.55 -26.84 -43.13
C LEU D 142 -4.76 -27.79 -43.10
N GLY D 143 -4.50 -29.09 -43.15
CA GLY D 143 -5.56 -30.08 -43.27
C GLY D 143 -5.45 -30.97 -44.50
N GLY E 4 -8.06 5.65 14.58
CA GLY E 4 -7.09 4.94 15.41
C GLY E 4 -6.12 4.14 14.56
N ARG E 5 -5.37 3.25 15.20
CA ARG E 5 -4.38 2.43 14.50
C ARG E 5 -4.86 0.99 14.36
N PHE E 6 -4.59 0.40 13.20
CA PHE E 6 -4.95 -1.00 13.00
C PHE E 6 -3.76 -1.87 12.67
N THR E 7 -3.76 -3.09 13.21
CA THR E 7 -2.76 -4.06 12.81
C THR E 7 -2.86 -4.24 11.31
N GLU E 8 -1.80 -4.72 10.71
CA GLU E 8 -1.82 -4.90 9.28
C GLU E 8 -3.03 -5.72 8.94
N ARG E 9 -3.22 -6.81 9.71
CA ARG E 9 -4.34 -7.74 9.45
C ARG E 9 -5.71 -7.08 9.66
N ALA E 10 -5.80 -6.21 10.65
CA ALA E 10 -7.04 -5.51 10.86
C ALA E 10 -7.27 -4.62 9.66
N GLN E 11 -6.21 -3.97 9.20
CA GLN E 11 -6.34 -3.10 8.03
C GLN E 11 -6.87 -3.92 6.89
N LYS E 12 -6.37 -5.14 6.76
CA LYS E 12 -6.81 -6.00 5.67
C LYS E 12 -8.27 -6.36 5.85
N VAL E 13 -8.65 -6.65 7.08
CA VAL E 13 -10.05 -6.93 7.38
C VAL E 13 -10.93 -5.79 6.87
N LEU E 14 -10.53 -4.56 7.16
CA LEU E 14 -11.33 -3.41 6.77
C LEU E 14 -11.28 -3.17 5.27
N ALA E 15 -10.13 -3.46 4.68
CA ALA E 15 -9.96 -3.35 3.24
C ALA E 15 -10.88 -4.36 2.58
N LEU E 16 -10.83 -5.59 3.08
CA LEU E 16 -11.66 -6.67 2.57
C LEU E 16 -13.14 -6.33 2.72
N ALA E 17 -13.45 -5.67 3.81
CA ALA E 17 -14.82 -5.24 4.10
C ALA E 17 -15.27 -4.31 3.00
N GLN E 18 -14.39 -3.42 2.59
CA GLN E 18 -14.71 -2.50 1.52
C GLN E 18 -14.84 -3.21 0.17
N GLU E 19 -13.92 -4.11 -0.11
CA GLU E 19 -14.00 -4.92 -1.32
C GLU E 19 -15.31 -5.69 -1.35
N GLU E 20 -15.63 -6.35 -0.26
CA GLU E 20 -16.85 -7.12 -0.16
C GLU E 20 -18.04 -6.22 -0.40
N ALA E 21 -18.02 -5.03 0.20
CA ALA E 21 -19.12 -4.08 0.04
C ALA E 21 -19.23 -3.71 -1.42
N LEU E 22 -18.10 -3.30 -2.00
CA LEU E 22 -18.08 -2.91 -3.40
C LEU E 22 -18.50 -4.05 -4.31
N ARG E 23 -17.88 -5.21 -4.11
CA ARG E 23 -18.11 -6.36 -4.97
C ARG E 23 -19.52 -6.94 -4.82
N LEU E 24 -20.11 -6.86 -3.63
CA LEU E 24 -21.51 -7.24 -3.44
C LEU E 24 -22.37 -6.07 -3.85
N GLY E 25 -21.71 -4.99 -4.25
CA GLY E 25 -22.39 -3.83 -4.77
C GLY E 25 -23.34 -3.17 -3.80
N HIS E 26 -22.85 -2.99 -2.58
CA HIS E 26 -23.63 -2.33 -1.55
C HIS E 26 -23.10 -0.93 -1.44
N ASN E 27 -24.00 0.03 -1.23
CA ASN E 27 -23.60 1.44 -1.17
C ASN E 27 -22.78 1.74 0.07
N ASN E 28 -22.87 0.88 1.06
CA ASN E 28 -22.12 1.10 2.28
C ASN E 28 -21.39 -0.11 2.81
N ILE E 29 -20.33 0.14 3.54
CA ILE E 29 -19.61 -0.90 4.26
C ILE E 29 -20.25 -1.06 5.61
N GLY E 30 -21.07 -2.10 5.78
CA GLY E 30 -21.75 -2.32 7.03
C GLY E 30 -21.04 -3.36 7.89
N THR E 31 -21.62 -3.61 9.06
CA THR E 31 -21.00 -4.55 9.96
C THR E 31 -20.86 -5.90 9.29
N GLU E 32 -21.79 -6.21 8.37
CA GLU E 32 -21.76 -7.51 7.70
C GLU E 32 -20.50 -7.60 6.88
N HIS E 33 -20.04 -6.47 6.39
CA HIS E 33 -18.86 -6.45 5.51
C HIS E 33 -17.59 -6.56 6.32
N ILE E 34 -17.62 -5.96 7.50
CA ILE E 34 -16.54 -6.13 8.45
C ILE E 34 -16.46 -7.60 8.85
N LEU E 35 -17.61 -8.20 9.11
CA LEU E 35 -17.68 -9.62 9.44
C LEU E 35 -17.04 -10.44 8.30
N LEU E 36 -17.41 -10.13 7.06
CA LEU E 36 -16.86 -10.82 5.90
C LEU E 36 -15.37 -10.63 5.85
N GLY E 37 -14.95 -9.38 6.02
CA GLY E 37 -13.53 -9.09 5.99
C GLY E 37 -12.79 -9.83 7.10
N LEU E 38 -13.42 -9.94 8.26
CA LEU E 38 -12.79 -10.63 9.39
C LEU E 38 -12.46 -12.08 9.08
N VAL E 39 -13.43 -12.76 8.47
CA VAL E 39 -13.26 -14.17 8.14
C VAL E 39 -12.39 -14.34 6.86
N ARG E 40 -12.56 -13.44 5.91
CA ARG E 40 -11.78 -13.49 4.69
C ARG E 40 -10.31 -13.25 4.97
N GLU E 41 -9.99 -12.29 5.83
CA GLU E 41 -8.59 -11.99 6.14
C GLU E 41 -7.84 -13.28 6.44
N GLY E 42 -8.52 -14.20 7.12
CA GLY E 42 -8.10 -15.58 7.16
C GLY E 42 -7.14 -16.01 8.25
N GLU E 43 -6.27 -15.11 8.69
CA GLU E 43 -5.18 -15.53 9.57
C GLU E 43 -5.28 -14.94 10.96
N GLY E 44 -5.96 -13.80 11.07
CA GLY E 44 -6.11 -13.14 12.35
C GLY E 44 -6.93 -13.96 13.32
N ILE E 45 -6.83 -13.63 14.60
CA ILE E 45 -7.65 -14.28 15.62
C ILE E 45 -9.14 -14.22 15.27
N ALA E 46 -9.57 -13.10 14.72
CA ALA E 46 -10.97 -12.97 14.31
C ALA E 46 -11.32 -14.06 13.31
N ALA E 47 -10.50 -14.22 12.28
CA ALA E 47 -10.77 -15.25 11.30
C ALA E 47 -10.75 -16.61 11.99
N LYS E 48 -9.74 -16.84 12.81
CA LYS E 48 -9.60 -18.14 13.46
C LYS E 48 -10.79 -18.41 14.35
N ALA E 49 -11.23 -17.38 15.07
CA ALA E 49 -12.38 -17.47 15.96
C ALA E 49 -13.62 -17.82 15.17
N LEU E 50 -13.77 -17.18 14.01
CA LEU E 50 -14.92 -17.41 13.17
C LEU E 50 -14.95 -18.82 12.59
N GLN E 51 -13.82 -19.30 12.09
CA GLN E 51 -13.81 -20.64 11.54
C GLN E 51 -13.96 -21.68 12.66
N ALA E 52 -13.50 -21.33 13.87
CA ALA E 52 -13.74 -22.19 15.02
C ALA E 52 -15.22 -22.23 15.38
N LEU E 53 -15.91 -21.11 15.15
CA LEU E 53 -17.35 -21.02 15.42
C LEU E 53 -18.17 -21.67 14.32
N GLY E 54 -17.49 -22.17 13.29
CA GLY E 54 -18.14 -22.86 12.19
C GLY E 54 -18.61 -21.88 11.12
N LEU E 55 -18.05 -20.68 11.12
CA LEU E 55 -18.45 -19.70 10.13
C LEU E 55 -17.37 -19.41 9.08
N GLY E 56 -17.42 -20.12 7.97
CA GLY E 56 -16.52 -19.85 6.86
C GLY E 56 -17.02 -18.65 6.07
N SER E 57 -16.18 -18.14 5.17
CA SER E 57 -16.56 -16.99 4.35
C SER E 57 -17.86 -17.28 3.63
N GLU E 58 -18.02 -18.54 3.22
CA GLU E 58 -19.17 -18.94 2.41
C GLU E 58 -20.45 -18.91 3.23
N LYS E 59 -20.46 -19.52 4.41
CA LYS E 59 -21.64 -19.52 5.26
C LYS E 59 -22.10 -18.07 5.47
N ILE E 60 -21.13 -17.23 5.85
CA ILE E 60 -21.39 -15.83 6.10
C ILE E 60 -21.80 -15.09 4.84
N GLN E 61 -20.99 -15.26 3.79
CA GLN E 61 -21.28 -14.72 2.47
C GLN E 61 -22.75 -14.95 2.10
N LYS E 62 -23.15 -16.21 2.13
CA LYS E 62 -24.49 -16.61 1.72
C LYS E 62 -25.54 -15.91 2.57
N GLU E 63 -25.33 -15.91 3.89
CA GLU E 63 -26.30 -15.31 4.80
C GLU E 63 -26.39 -13.82 4.57
N VAL E 64 -25.23 -13.18 4.46
CA VAL E 64 -25.18 -11.74 4.22
C VAL E 64 -25.96 -11.40 2.96
N GLU E 65 -25.72 -12.15 1.89
CA GLU E 65 -26.41 -11.90 0.64
C GLU E 65 -27.88 -12.23 0.80
N SER E 66 -28.18 -13.21 1.64
CA SER E 66 -29.57 -13.54 1.94
C SER E 66 -30.31 -12.41 2.66
N LEU E 67 -29.55 -11.50 3.28
CA LEU E 67 -30.16 -10.38 3.97
C LEU E 67 -30.13 -9.09 3.13
N ILE E 68 -28.99 -8.82 2.51
CA ILE E 68 -28.80 -7.58 1.74
C ILE E 68 -28.87 -7.83 0.24
N GLY E 69 -29.06 -9.07 -0.15
CA GLY E 69 -29.03 -9.42 -1.56
C GLY E 69 -27.75 -8.92 -2.20
N ARG E 70 -27.86 -8.45 -3.44
CA ARG E 70 -26.74 -7.94 -4.19
C ARG E 70 -26.99 -6.45 -4.46
N GLY E 71 -26.46 -5.82 -5.51
CA GLY E 71 -25.82 -6.40 -6.68
C GLY E 71 -25.64 -5.25 -7.65
N GLN E 72 -26.51 -4.25 -7.51
CA GLN E 72 -26.33 -2.99 -8.20
C GLN E 72 -25.03 -2.38 -7.71
N GLU E 73 -23.94 -2.72 -8.39
CA GLU E 73 -22.60 -2.46 -7.87
C GLU E 73 -22.21 -0.98 -7.76
N MET E 74 -22.50 -0.19 -8.80
CA MET E 74 -22.05 1.20 -8.86
C MET E 74 -20.55 1.23 -8.56
N SER E 75 -20.12 2.20 -7.75
CA SER E 75 -18.71 2.24 -7.30
C SER E 75 -18.36 3.46 -6.43
N GLN E 76 -18.99 4.59 -6.71
CA GLN E 76 -18.70 5.85 -6.00
C GLN E 76 -18.28 5.60 -4.55
N THR E 77 -17.01 5.86 -4.25
CA THR E 77 -16.44 5.55 -2.94
C THR E 77 -17.48 5.47 -1.83
N ILE E 78 -17.66 4.26 -1.30
CA ILE E 78 -18.64 3.99 -0.25
C ILE E 78 -18.07 4.28 1.12
N HIS E 79 -18.95 4.43 2.11
CA HIS E 79 -18.54 4.72 3.48
C HIS E 79 -19.02 3.66 4.46
N TYR E 80 -18.57 3.74 5.71
CA TYR E 80 -19.04 2.81 6.71
C TYR E 80 -20.46 3.19 7.12
N THR E 81 -21.29 2.18 7.33
CA THR E 81 -22.60 2.44 7.92
C THR E 81 -22.31 2.89 9.33
N PRO E 82 -23.20 3.70 9.87
CA PRO E 82 -23.09 4.16 11.26
C PRO E 82 -22.70 3.04 12.21
N ARG E 83 -23.34 1.87 12.08
CA ARG E 83 -23.01 0.73 12.94
C ARG E 83 -21.59 0.25 12.74
N ALA E 84 -21.15 0.15 11.49
CA ALA E 84 -19.79 -0.24 11.22
C ALA E 84 -18.84 0.77 11.88
N LYS E 85 -19.14 2.06 11.76
CA LYS E 85 -18.28 3.07 12.41
C LYS E 85 -18.20 2.78 13.89
N LYS E 86 -19.33 2.40 14.47
CA LYS E 86 -19.41 2.18 15.92
C LYS E 86 -18.60 0.95 16.30
N VAL E 87 -18.76 -0.07 15.48
CA VAL E 87 -18.04 -1.32 15.65
C VAL E 87 -16.53 -1.03 15.58
N ILE E 88 -16.16 -0.19 14.63
CA ILE E 88 -14.77 0.19 14.55
C ILE E 88 -14.33 1.02 15.76
N GLU E 89 -15.17 1.95 16.21
CA GLU E 89 -14.84 2.67 17.45
C GLU E 89 -14.72 1.66 18.57
N LEU E 90 -15.72 0.81 18.71
CA LEU E 90 -15.71 -0.18 19.78
C LEU E 90 -14.46 -1.03 19.70
N SER E 91 -14.02 -1.32 18.49
CA SER E 91 -12.90 -2.22 18.33
C SER E 91 -11.65 -1.59 18.97
N MET E 92 -11.52 -0.28 18.84
CA MET E 92 -10.43 0.45 19.49
C MET E 92 -10.47 0.25 20.98
N ASP E 93 -11.68 0.27 21.53
CA ASP E 93 -11.88 0.09 22.96
C ASP E 93 -11.53 -1.33 23.33
N GLU E 94 -11.92 -2.26 22.48
CA GLU E 94 -11.64 -3.65 22.73
C GLU E 94 -10.14 -3.86 22.78
N ALA E 95 -9.44 -3.23 21.83
CA ALA E 95 -8.00 -3.31 21.80
C ALA E 95 -7.44 -2.72 23.08
N ARG E 96 -7.89 -1.51 23.40
CA ARG E 96 -7.41 -0.82 24.59
C ARG E 96 -7.55 -1.67 25.85
N LYS E 97 -8.72 -2.31 25.97
CA LYS E 97 -9.06 -3.13 27.12
C LYS E 97 -8.21 -4.38 27.16
N LEU E 98 -7.72 -4.79 26.00
CA LEU E 98 -6.93 -6.00 25.93
C LEU E 98 -5.45 -5.63 25.95
N GLY E 99 -5.18 -4.36 26.19
CA GLY E 99 -3.81 -3.90 26.43
C GLY E 99 -3.14 -3.36 25.19
N HIS E 100 -3.89 -3.27 24.09
CA HIS E 100 -3.30 -2.87 22.83
C HIS E 100 -3.58 -1.44 22.40
N SER E 101 -2.67 -0.87 21.62
CA SER E 101 -2.81 0.48 21.09
C SER E 101 -3.18 0.37 19.64
N TYR E 102 -3.08 -0.84 19.12
CA TYR E 102 -3.45 -1.15 17.76
C TYR E 102 -4.66 -2.08 17.76
N VAL E 103 -5.65 -1.72 16.97
CA VAL E 103 -6.78 -2.58 16.79
C VAL E 103 -6.37 -3.74 15.90
N GLY E 104 -6.54 -4.95 16.41
CA GLY E 104 -6.32 -6.15 15.63
C GLY E 104 -7.66 -6.77 15.27
N THR E 105 -7.62 -7.83 14.48
CA THR E 105 -8.83 -8.49 14.04
C THR E 105 -9.66 -8.90 15.24
N GLU E 106 -9.03 -9.44 16.27
CA GLU E 106 -9.78 -9.93 17.41
C GLU E 106 -10.62 -8.79 17.98
N HIS E 107 -10.10 -7.58 17.85
CA HIS E 107 -10.73 -6.43 18.47
C HIS E 107 -11.87 -5.90 17.59
N ILE E 108 -11.72 -6.00 16.28
CA ILE E 108 -12.80 -5.61 15.39
C ILE E 108 -13.94 -6.59 15.62
N LEU E 109 -13.59 -7.86 15.72
CA LEU E 109 -14.60 -8.90 15.93
C LEU E 109 -15.28 -8.69 17.26
N LEU E 110 -14.47 -8.50 18.29
CA LEU E 110 -15.00 -8.26 19.62
C LEU E 110 -15.92 -7.04 19.63
N GLY E 111 -15.52 -6.00 18.91
CA GLY E 111 -16.33 -4.78 18.85
C GLY E 111 -17.60 -5.04 18.07
N LEU E 112 -17.48 -5.82 17.00
CA LEU E 112 -18.64 -6.12 16.18
C LEU E 112 -19.62 -6.92 17.01
N ILE E 113 -19.08 -7.78 17.86
CA ILE E 113 -19.84 -8.62 18.78
C ILE E 113 -20.44 -7.79 19.94
N ARG E 114 -19.65 -6.87 20.48
CA ARG E 114 -20.12 -6.03 21.55
C ARG E 114 -21.26 -5.20 20.99
N GLU E 115 -21.02 -4.56 19.86
CA GLU E 115 -22.04 -3.70 19.29
C GLU E 115 -23.23 -4.54 18.96
N GLY E 116 -22.96 -5.74 18.46
CA GLY E 116 -23.96 -6.79 18.40
C GLY E 116 -25.34 -6.38 17.96
N GLU E 117 -25.40 -5.38 17.10
CA GLU E 117 -26.66 -5.11 16.44
C GLU E 117 -26.29 -4.86 15.01
N GLY E 118 -27.25 -5.00 14.11
CA GLY E 118 -26.95 -4.81 12.71
C GLY E 118 -26.72 -6.13 12.01
N VAL E 119 -26.37 -6.05 10.74
CA VAL E 119 -26.40 -7.21 9.88
C VAL E 119 -25.43 -8.31 10.30
N ALA E 120 -24.17 -7.93 10.55
CA ALA E 120 -23.17 -8.90 10.97
C ALA E 120 -23.71 -9.68 12.15
N ALA E 121 -24.31 -8.95 13.10
CA ALA E 121 -24.80 -9.58 14.31
C ALA E 121 -25.96 -10.53 13.99
N ARG E 122 -26.82 -10.10 13.09
CA ARG E 122 -27.96 -10.90 12.71
C ARG E 122 -27.49 -12.11 11.93
N VAL E 123 -26.42 -11.94 11.16
CA VAL E 123 -25.82 -13.05 10.41
C VAL E 123 -25.29 -14.12 11.36
N LEU E 124 -24.52 -13.70 12.35
CA LEU E 124 -24.06 -14.64 13.38
C LEU E 124 -25.25 -15.35 14.00
N ASN E 125 -26.27 -14.57 14.35
CA ASN E 125 -27.45 -15.11 14.96
C ASN E 125 -28.13 -16.10 14.02
N ASN E 126 -28.42 -15.65 12.83
CA ASN E 126 -28.99 -16.51 11.80
C ASN E 126 -28.19 -17.79 11.53
N LEU E 127 -26.89 -17.74 11.80
CA LEU E 127 -26.02 -18.87 11.56
C LEU E 127 -25.78 -19.65 12.83
N GLY E 128 -26.54 -19.32 13.88
CA GLY E 128 -26.54 -20.13 15.08
C GLY E 128 -25.41 -19.84 16.02
N VAL E 129 -24.81 -18.66 15.86
CA VAL E 129 -23.75 -18.25 16.76
C VAL E 129 -24.22 -17.09 17.61
N SER E 130 -24.39 -17.32 18.91
CA SER E 130 -24.74 -16.22 19.78
C SER E 130 -23.54 -15.30 19.88
N LEU E 131 -23.80 -14.03 20.12
CA LEU E 131 -22.72 -13.08 20.23
C LEU E 131 -21.79 -13.50 21.35
N ASN E 132 -22.36 -14.05 22.42
CA ASN E 132 -21.54 -14.48 23.52
C ASN E 132 -20.65 -15.68 23.20
N LYS E 133 -21.17 -16.62 22.40
CA LYS E 133 -20.37 -17.79 22.01
C LYS E 133 -19.21 -17.27 21.20
N ALA E 134 -19.52 -16.26 20.38
CA ALA E 134 -18.53 -15.66 19.49
C ALA E 134 -17.47 -14.94 20.30
N ARG E 135 -17.92 -14.20 21.30
CA ARG E 135 -16.99 -13.45 22.14
C ARG E 135 -16.14 -14.46 22.89
N GLN E 136 -16.78 -15.52 23.34
CA GLN E 136 -16.14 -16.58 24.09
C GLN E 136 -14.99 -17.16 23.29
N GLN E 137 -15.26 -17.40 22.00
CA GLN E 137 -14.28 -18.05 21.11
C GLN E 137 -13.06 -17.17 20.85
N VAL E 138 -13.33 -15.88 20.64
CA VAL E 138 -12.25 -14.93 20.46
C VAL E 138 -11.37 -14.93 21.70
N LEU E 139 -12.00 -14.79 22.86
CA LEU E 139 -11.26 -14.75 24.11
C LEU E 139 -10.43 -16.01 24.32
N GLN E 140 -11.04 -17.17 24.09
CA GLN E 140 -10.32 -18.44 24.17
C GLN E 140 -9.04 -18.35 23.32
N LEU E 141 -9.21 -17.95 22.06
CA LEU E 141 -8.08 -17.81 21.14
C LEU E 141 -7.01 -16.80 21.59
N LEU E 142 -7.32 -15.96 22.56
CA LEU E 142 -6.35 -14.95 23.00
C LEU E 142 -5.53 -15.44 24.18
N PHE F 3 -9.88 14.98 6.29
CA PHE F 3 -10.36 16.31 6.62
C PHE F 3 -11.38 16.85 5.60
N GLY F 4 -10.90 17.22 4.41
CA GLY F 4 -11.75 17.73 3.34
C GLY F 4 -11.54 16.96 2.04
N ARG F 5 -12.05 17.50 0.94
CA ARG F 5 -11.93 16.84 -0.36
C ARG F 5 -10.89 17.51 -1.22
N PHE F 6 -10.15 16.71 -1.95
CA PHE F 6 -9.17 17.28 -2.88
C PHE F 6 -9.42 16.86 -4.31
N THR F 7 -9.19 17.79 -5.25
CA THR F 7 -9.20 17.40 -6.65
C THR F 7 -8.13 16.33 -6.84
N GLU F 8 -8.24 15.57 -7.92
CA GLU F 8 -7.27 14.52 -8.13
C GLU F 8 -5.88 15.15 -8.11
N ARG F 9 -5.76 16.27 -8.81
CA ARG F 9 -4.48 16.98 -8.89
C ARG F 9 -3.98 17.50 -7.55
N ALA F 10 -4.90 17.97 -6.73
CA ALA F 10 -4.49 18.39 -5.39
C ALA F 10 -3.99 17.16 -4.63
N GLN F 11 -4.70 16.05 -4.79
CA GLN F 11 -4.31 14.85 -4.10
C GLN F 11 -2.91 14.47 -4.53
N LYS F 12 -2.64 14.66 -5.81
CA LYS F 12 -1.33 14.32 -6.30
C LYS F 12 -0.31 15.28 -5.69
N VAL F 13 -0.69 16.55 -5.59
CA VAL F 13 0.20 17.54 -5.01
C VAL F 13 0.62 17.03 -3.64
N LEU F 14 -0.38 16.60 -2.87
CA LEU F 14 -0.12 16.21 -1.49
C LEU F 14 0.67 14.91 -1.44
N ALA F 15 0.40 14.04 -2.39
CA ALA F 15 1.11 12.79 -2.49
C ALA F 15 2.58 13.07 -2.82
N LEU F 16 2.77 13.92 -3.80
CA LEU F 16 4.11 14.35 -4.21
C LEU F 16 4.82 15.01 -3.05
N ALA F 17 4.06 15.73 -2.24
CA ALA F 17 4.59 16.40 -1.09
C ALA F 17 5.18 15.35 -0.16
N GLN F 18 4.44 14.27 0.04
CA GLN F 18 4.94 13.20 0.88
C GLN F 18 6.16 12.52 0.26
N GLU F 19 6.12 12.28 -1.04
CA GLU F 19 7.27 11.66 -1.72
C GLU F 19 8.49 12.54 -1.60
N GLU F 20 8.31 13.84 -1.82
CA GLU F 20 9.44 14.77 -1.71
C GLU F 20 9.99 14.80 -0.29
N ALA F 21 9.11 14.75 0.71
CA ALA F 21 9.52 14.68 2.11
C ALA F 21 10.29 13.39 2.35
N LEU F 22 9.66 12.25 2.03
CA LEU F 22 10.33 10.96 2.17
C LEU F 22 11.66 10.95 1.45
N ARG F 23 11.60 11.29 0.18
CA ARG F 23 12.75 11.19 -0.71
C ARG F 23 13.87 12.18 -0.35
N LEU F 24 13.53 13.36 0.14
CA LEU F 24 14.54 14.25 0.73
C LEU F 24 14.91 13.80 2.14
N GLY F 25 14.26 12.71 2.57
CA GLY F 25 14.49 12.13 3.89
C GLY F 25 14.24 13.11 5.03
N HIS F 26 13.10 13.79 4.98
CA HIS F 26 12.68 14.67 6.05
C HIS F 26 11.61 13.96 6.87
N ASN F 27 11.67 14.14 8.19
CA ASN F 27 10.76 13.43 9.08
C ASN F 27 9.34 13.92 8.91
N ASN F 28 9.19 15.12 8.36
CA ASN F 28 7.84 15.65 8.19
C ASN F 28 7.58 16.23 6.81
N ILE F 29 6.31 16.21 6.43
CA ILE F 29 5.87 16.90 5.22
C ILE F 29 5.54 18.34 5.58
N GLY F 30 6.44 19.26 5.23
CA GLY F 30 6.28 20.66 5.56
C GLY F 30 5.73 21.46 4.40
N THR F 31 5.47 22.75 4.63
CA THR F 31 4.91 23.54 3.58
C THR F 31 5.82 23.49 2.36
N GLU F 32 7.12 23.33 2.59
CA GLU F 32 8.09 23.32 1.50
C GLU F 32 7.80 22.13 0.60
N HIS F 33 7.30 21.07 1.21
CA HIS F 33 7.04 19.85 0.46
C HIS F 33 5.74 19.97 -0.30
N ILE F 34 4.78 20.65 0.29
CA ILE F 34 3.56 21.00 -0.42
C ILE F 34 3.92 21.88 -1.61
N LEU F 35 4.81 22.84 -1.38
CA LEU F 35 5.27 23.70 -2.47
C LEU F 35 5.87 22.87 -3.58
N LEU F 36 6.73 21.93 -3.20
CA LEU F 36 7.37 21.04 -4.18
C LEU F 36 6.33 20.24 -4.93
N GLY F 37 5.37 19.69 -4.19
CA GLY F 37 4.33 18.89 -4.81
C GLY F 37 3.48 19.73 -5.75
N LEU F 38 3.22 20.98 -5.36
CA LEU F 38 2.45 21.89 -6.20
C LEU F 38 3.08 22.05 -7.57
N VAL F 39 4.39 22.27 -7.59
CA VAL F 39 5.09 22.53 -8.84
C VAL F 39 5.36 21.23 -9.58
N ARG F 40 5.60 20.15 -8.82
CA ARG F 40 5.89 18.86 -9.45
C ARG F 40 4.61 18.31 -10.10
N GLU F 41 3.48 18.51 -9.44
CA GLU F 41 2.23 17.99 -9.98
C GLU F 41 2.14 18.38 -11.46
N GLY F 42 2.58 19.61 -11.76
CA GLY F 42 2.86 20.01 -13.13
C GLY F 42 1.77 20.63 -13.98
N GLU F 43 0.52 20.28 -13.69
CA GLU F 43 -0.55 20.65 -14.60
C GLU F 43 -1.61 21.53 -13.95
N GLY F 44 -1.71 21.44 -12.63
CA GLY F 44 -2.66 22.27 -11.93
C GLY F 44 -2.32 23.73 -12.04
N ILE F 45 -3.32 24.59 -11.81
CA ILE F 45 -3.09 26.02 -11.75
C ILE F 45 -1.92 26.40 -10.82
N ALA F 46 -1.79 25.70 -9.70
CA ALA F 46 -0.69 25.94 -8.79
C ALA F 46 0.64 25.76 -9.51
N ALA F 47 0.78 24.63 -10.18
CA ALA F 47 1.98 24.39 -10.94
C ALA F 47 2.17 25.48 -11.98
N LYS F 48 1.11 25.77 -12.73
CA LYS F 48 1.18 26.77 -13.81
C LYS F 48 1.58 28.13 -13.22
N ALA F 49 0.99 28.45 -12.07
CA ALA F 49 1.26 29.72 -11.43
C ALA F 49 2.73 29.78 -11.04
N LEU F 50 3.23 28.67 -10.51
CA LEU F 50 4.61 28.61 -10.07
C LEU F 50 5.60 28.73 -11.22
N GLN F 51 5.34 28.03 -12.32
CA GLN F 51 6.26 28.15 -13.45
C GLN F 51 6.15 29.54 -14.07
N ALA F 52 4.97 30.14 -13.98
CA ALA F 52 4.79 31.52 -14.45
C ALA F 52 5.57 32.49 -13.57
N LEU F 53 5.68 32.17 -12.28
CA LEU F 53 6.44 32.98 -11.33
C LEU F 53 7.93 32.74 -11.46
N GLY F 54 8.29 31.79 -12.32
CA GLY F 54 9.69 31.50 -12.59
C GLY F 54 10.25 30.47 -11.63
N LEU F 55 9.37 29.70 -11.00
CA LEU F 55 9.80 28.73 -10.00
C LEU F 55 9.58 27.31 -10.49
N GLY F 56 10.61 26.72 -11.11
CA GLY F 56 10.53 25.34 -11.54
C GLY F 56 10.77 24.45 -10.34
N SER F 57 10.49 23.16 -10.48
CA SER F 57 10.78 22.20 -9.41
C SER F 57 12.24 22.34 -8.94
N GLU F 58 13.15 22.56 -9.88
CA GLU F 58 14.58 22.60 -9.58
C GLU F 58 14.94 23.81 -8.72
N LYS F 59 14.44 25.00 -9.09
CA LYS F 59 14.77 26.21 -8.34
C LYS F 59 14.30 25.99 -6.91
N ILE F 60 13.10 25.47 -6.80
CA ILE F 60 12.48 25.26 -5.50
C ILE F 60 13.21 24.15 -4.77
N GLN F 61 13.39 23.05 -5.48
CA GLN F 61 14.11 21.90 -4.96
C GLN F 61 15.37 22.37 -4.28
N LYS F 62 16.20 23.08 -5.05
CA LYS F 62 17.51 23.52 -4.61
C LYS F 62 17.39 24.36 -3.36
N GLU F 63 16.47 25.33 -3.38
CA GLU F 63 16.29 26.25 -2.26
C GLU F 63 15.84 25.49 -1.03
N VAL F 64 14.85 24.62 -1.21
CA VAL F 64 14.33 23.81 -0.12
C VAL F 64 15.46 23.04 0.53
N GLU F 65 16.29 22.38 -0.29
CA GLU F 65 17.40 21.59 0.25
C GLU F 65 18.44 22.50 0.86
N SER F 66 18.58 23.70 0.32
CA SER F 66 19.47 24.69 0.90
C SER F 66 19.00 25.16 2.29
N LEU F 67 17.75 24.91 2.62
CA LEU F 67 17.22 25.29 3.91
C LEU F 67 17.15 24.09 4.86
N ILE F 68 16.63 22.97 4.36
CA ILE F 68 16.44 21.78 5.18
C ILE F 68 17.55 20.73 4.91
N GLN F 76 9.65 5.69 8.49
CA GLN F 76 8.49 5.59 9.36
C GLN F 76 7.45 6.66 9.00
N THR F 77 6.31 6.22 8.48
CA THR F 77 5.27 7.13 7.98
C THR F 77 5.34 8.51 8.63
N ILE F 78 5.68 9.51 7.82
CA ILE F 78 5.82 10.89 8.27
C ILE F 78 4.47 11.63 8.25
N HIS F 79 4.41 12.74 8.99
CA HIS F 79 3.18 13.52 9.08
C HIS F 79 3.36 14.97 8.61
N TYR F 80 2.26 15.70 8.52
CA TYR F 80 2.38 17.08 8.08
C TYR F 80 2.89 17.87 9.25
N THR F 81 3.79 18.81 8.97
CA THR F 81 4.16 19.78 9.97
C THR F 81 2.90 20.56 10.27
N PRO F 82 2.78 21.06 11.49
CA PRO F 82 1.67 21.93 11.89
C PRO F 82 1.35 23.00 10.85
N ARG F 83 2.37 23.66 10.29
CA ARG F 83 2.15 24.66 9.24
C ARG F 83 1.50 24.04 8.00
N ALA F 84 1.99 22.88 7.60
CA ALA F 84 1.45 22.23 6.42
C ALA F 84 0.01 21.91 6.70
N LYS F 85 -0.30 21.39 7.89
CA LYS F 85 -1.69 21.11 8.25
C LYS F 85 -2.53 22.37 8.07
N LYS F 86 -1.99 23.49 8.53
CA LYS F 86 -2.70 24.76 8.50
C LYS F 86 -2.88 25.20 7.07
N VAL F 87 -1.85 24.99 6.28
CA VAL F 87 -1.88 25.38 4.88
C VAL F 87 -2.96 24.54 4.22
N ILE F 88 -3.05 23.29 4.62
CA ILE F 88 -4.06 22.44 4.06
C ILE F 88 -5.44 22.85 4.54
N GLU F 89 -5.56 23.24 5.80
CA GLU F 89 -6.86 23.77 6.27
C GLU F 89 -7.19 25.01 5.47
N LEU F 90 -6.23 25.94 5.41
CA LEU F 90 -6.47 27.19 4.70
C LEU F 90 -6.89 26.92 3.26
N SER F 91 -6.30 25.90 2.66
CA SER F 91 -6.56 25.61 1.27
C SER F 91 -8.04 25.32 1.11
N MET F 92 -8.61 24.68 2.12
CA MET F 92 -10.03 24.32 2.07
C MET F 92 -10.85 25.59 2.04
N ASP F 93 -10.38 26.57 2.82
CA ASP F 93 -11.02 27.87 2.90
C ASP F 93 -10.87 28.56 1.56
N GLU F 94 -9.68 28.45 0.99
CA GLU F 94 -9.40 29.12 -0.26
C GLU F 94 -10.34 28.57 -1.32
N ALA F 95 -10.52 27.26 -1.30
CA ALA F 95 -11.40 26.61 -2.24
C ALA F 95 -12.83 27.10 -2.04
N ARG F 96 -13.28 27.04 -0.79
CA ARG F 96 -14.61 27.52 -0.40
C ARG F 96 -14.88 28.92 -0.93
N LYS F 97 -13.93 29.83 -0.67
CA LYS F 97 -14.03 31.23 -1.04
C LYS F 97 -14.05 31.41 -2.54
N LEU F 98 -13.48 30.46 -3.27
CA LEU F 98 -13.45 30.52 -4.71
C LEU F 98 -14.62 29.73 -5.28
N GLY F 99 -15.53 29.30 -4.40
CA GLY F 99 -16.75 28.63 -4.81
C GLY F 99 -16.69 27.10 -4.90
N HIS F 100 -15.58 26.54 -4.45
CA HIS F 100 -15.37 25.11 -4.61
C HIS F 100 -15.55 24.31 -3.32
N SER F 101 -15.94 23.05 -3.49
CA SER F 101 -16.13 22.14 -2.37
C SER F 101 -14.95 21.19 -2.34
N TYR F 102 -14.14 21.25 -3.39
CA TYR F 102 -12.94 20.47 -3.53
C TYR F 102 -11.77 21.40 -3.53
N VAL F 103 -10.78 21.08 -2.72
CA VAL F 103 -9.54 21.81 -2.77
C VAL F 103 -8.76 21.39 -4.01
N GLY F 104 -8.40 22.38 -4.82
CA GLY F 104 -7.57 22.12 -5.97
C GLY F 104 -6.20 22.71 -5.72
N THR F 105 -5.30 22.47 -6.65
CA THR F 105 -3.94 22.93 -6.49
C THR F 105 -3.94 24.42 -6.22
N GLU F 106 -4.78 25.17 -6.93
CA GLU F 106 -4.73 26.62 -6.80
C GLU F 106 -5.00 26.99 -5.34
N HIS F 107 -5.80 26.16 -4.70
CA HIS F 107 -6.24 26.44 -3.34
C HIS F 107 -5.21 26.03 -2.30
N ILE F 108 -4.49 24.95 -2.56
CA ILE F 108 -3.35 24.58 -1.73
C ILE F 108 -2.29 25.68 -1.83
N LEU F 109 -2.01 26.12 -3.04
CA LEU F 109 -1.02 27.18 -3.24
C LEU F 109 -1.46 28.46 -2.56
N LEU F 110 -2.72 28.85 -2.80
CA LEU F 110 -3.25 30.06 -2.19
C LEU F 110 -3.22 29.98 -0.66
N GLY F 111 -3.56 28.81 -0.12
CA GLY F 111 -3.47 28.62 1.31
C GLY F 111 -2.03 28.67 1.81
N LEU F 112 -1.12 28.04 1.06
CA LEU F 112 0.27 28.06 1.43
C LEU F 112 0.75 29.50 1.44
N ILE F 113 0.26 30.28 0.47
CA ILE F 113 0.60 31.69 0.32
C ILE F 113 -0.05 32.54 1.41
N ARG F 114 -1.31 32.25 1.69
CA ARG F 114 -2.01 32.94 2.76
C ARG F 114 -1.29 32.68 4.08
N GLU F 115 -1.03 31.41 4.36
CA GLU F 115 -0.39 31.08 5.60
C GLU F 115 0.95 31.72 5.62
N GLY F 116 1.62 31.65 4.48
CA GLY F 116 2.78 32.47 4.21
C GLY F 116 3.80 32.57 5.32
N GLU F 117 3.95 31.50 6.08
CA GLU F 117 5.06 31.46 7.02
C GLU F 117 5.56 30.05 6.92
N GLY F 118 6.79 29.84 7.34
CA GLY F 118 7.36 28.53 7.16
C GLY F 118 8.23 28.43 5.93
N VAL F 119 8.69 27.22 5.65
CA VAL F 119 9.74 27.04 4.67
C VAL F 119 9.31 27.38 3.24
N ALA F 120 8.18 26.84 2.81
CA ALA F 120 7.66 27.14 1.47
C ALA F 120 7.64 28.63 1.26
N ALA F 121 7.10 29.35 2.22
CA ALA F 121 7.01 30.78 2.10
C ALA F 121 8.40 31.42 2.03
N ARG F 122 9.35 30.92 2.83
CA ARG F 122 10.70 31.46 2.85
C ARG F 122 11.39 31.11 1.56
N VAL F 123 11.08 29.95 1.02
CA VAL F 123 11.59 29.57 -0.28
C VAL F 123 11.15 30.54 -1.37
N LEU F 124 9.85 30.82 -1.44
CA LEU F 124 9.33 31.78 -2.42
C LEU F 124 10.06 33.10 -2.23
N ASN F 125 10.19 33.50 -0.98
CA ASN F 125 10.85 34.74 -0.64
C ASN F 125 12.30 34.68 -1.12
N ASN F 126 13.03 33.66 -0.68
CA ASN F 126 14.41 33.47 -1.09
C ASN F 126 14.59 33.43 -2.60
N LEU F 127 13.55 33.04 -3.31
CA LEU F 127 13.61 32.93 -4.75
C LEU F 127 13.00 34.16 -5.43
N GLY F 128 12.78 35.21 -4.66
CA GLY F 128 12.37 36.50 -5.19
C GLY F 128 10.90 36.60 -5.55
N VAL F 129 10.09 35.72 -4.99
CA VAL F 129 8.66 35.78 -5.22
C VAL F 129 7.95 36.18 -3.94
N SER F 130 7.36 37.37 -3.93
CA SER F 130 6.61 37.77 -2.77
C SER F 130 5.38 36.93 -2.75
N LEU F 131 4.81 36.77 -1.55
CA LEU F 131 3.61 35.99 -1.41
C LEU F 131 2.52 36.61 -2.25
N ASN F 132 2.51 37.93 -2.30
CA ASN F 132 1.47 38.61 -3.04
C ASN F 132 1.61 38.41 -4.54
N LYS F 133 2.84 38.39 -5.03
CA LYS F 133 3.05 38.22 -6.46
C LYS F 133 2.56 36.84 -6.81
N ALA F 134 2.83 35.91 -5.91
CA ALA F 134 2.43 34.52 -6.10
C ALA F 134 0.92 34.39 -6.05
N ARG F 135 0.28 35.10 -5.13
CA ARG F 135 -1.17 35.04 -5.01
C ARG F 135 -1.75 35.66 -6.28
N GLN F 136 -1.12 36.74 -6.71
CA GLN F 136 -1.54 37.48 -7.88
C GLN F 136 -1.54 36.56 -9.10
N GLN F 137 -0.52 35.74 -9.21
CA GLN F 137 -0.34 34.88 -10.38
C GLN F 137 -1.36 33.77 -10.40
N VAL F 138 -1.61 33.18 -9.24
CA VAL F 138 -2.65 32.18 -9.13
C VAL F 138 -3.97 32.79 -9.56
N LEU F 139 -4.32 33.94 -8.98
CA LEU F 139 -5.58 34.60 -9.29
C LEU F 139 -5.73 34.90 -10.78
N GLN F 140 -4.68 35.47 -11.36
CA GLN F 140 -4.65 35.71 -12.80
C GLN F 140 -5.02 34.44 -13.56
N LEU F 141 -4.33 33.34 -13.27
CA LEU F 141 -4.62 32.03 -13.88
C LEU F 141 -6.05 31.47 -13.65
N LEU F 142 -6.78 32.02 -12.70
CA LEU F 142 -8.13 31.55 -12.42
C LEU F 142 -9.18 32.31 -13.24
N GLY G 4 -11.34 26.11 20.33
CA GLY G 4 -10.14 26.83 20.76
C GLY G 4 -10.38 27.59 22.05
N ARG G 5 -9.44 28.48 22.38
CA ARG G 5 -9.52 29.25 23.63
C ARG G 5 -9.93 30.68 23.36
N PHE G 6 -10.76 31.23 24.22
CA PHE G 6 -11.14 32.62 24.06
C PHE G 6 -10.77 33.44 25.26
N THR G 7 -10.44 34.71 25.03
CA THR G 7 -10.23 35.63 26.13
C THR G 7 -11.54 35.75 26.85
N GLU G 8 -11.50 36.20 28.09
CA GLU G 8 -12.72 36.32 28.84
C GLU G 8 -13.68 37.17 28.01
N ARG G 9 -13.16 38.25 27.44
CA ARG G 9 -13.98 39.19 26.67
C ARG G 9 -14.52 38.57 25.40
N ALA G 10 -13.72 37.74 24.75
CA ALA G 10 -14.18 37.08 23.56
C ALA G 10 -15.29 36.12 23.97
N GLN G 11 -15.10 35.46 25.11
CA GLN G 11 -16.13 34.57 25.60
C GLN G 11 -17.42 35.34 25.81
N LYS G 12 -17.28 36.56 26.33
CA LYS G 12 -18.45 37.38 26.57
C LYS G 12 -19.09 37.75 25.24
N VAL G 13 -18.26 38.12 24.28
CA VAL G 13 -18.78 38.41 22.96
C VAL G 13 -19.65 37.28 22.48
N LEU G 14 -19.17 36.05 22.62
CA LEU G 14 -19.88 34.88 22.08
C LEU G 14 -21.11 34.62 22.92
N ALA G 15 -21.00 34.86 24.21
CA ALA G 15 -22.11 34.70 25.12
C ALA G 15 -23.21 35.70 24.76
N LEU G 16 -22.80 36.95 24.60
CA LEU G 16 -23.69 38.02 24.15
C LEU G 16 -24.32 37.69 22.80
N ALA G 17 -23.54 37.06 21.92
CA ALA G 17 -24.00 36.62 20.61
C ALA G 17 -25.17 35.65 20.77
N GLN G 18 -25.02 34.74 21.71
CA GLN G 18 -26.09 33.81 22.00
C GLN G 18 -27.30 34.52 22.63
N GLU G 19 -27.05 35.43 23.57
CA GLU G 19 -28.16 36.16 24.18
C GLU G 19 -28.91 36.95 23.12
N GLU G 20 -28.16 37.59 22.24
CA GLU G 20 -28.77 38.41 21.22
C GLU G 20 -29.61 37.54 20.31
N ALA G 21 -29.07 36.37 19.96
CA ALA G 21 -29.76 35.44 19.10
C ALA G 21 -31.05 34.98 19.79
N LEU G 22 -30.93 34.52 21.03
CA LEU G 22 -32.08 34.10 21.80
C LEU G 22 -33.09 35.23 21.95
N ARG G 23 -32.61 36.38 22.39
CA ARG G 23 -33.46 37.52 22.68
C ARG G 23 -34.13 38.11 21.44
N LEU G 24 -33.45 38.08 20.31
CA LEU G 24 -34.06 38.51 19.07
C LEU G 24 -34.86 37.35 18.53
N GLY G 25 -34.83 36.24 19.26
CA GLY G 25 -35.59 35.05 18.91
C GLY G 25 -35.26 34.43 17.56
N HIS G 26 -33.97 34.28 17.32
CA HIS G 26 -33.51 33.68 16.10
C HIS G 26 -33.06 32.27 16.44
N ASN G 27 -33.32 31.33 15.54
CA ASN G 27 -33.05 29.92 15.81
C ASN G 27 -31.55 29.67 15.85
N ASN G 28 -30.78 30.55 15.24
CA ASN G 28 -29.34 30.35 15.22
C ASN G 28 -28.53 31.57 15.58
N ILE G 29 -27.34 31.33 16.10
CA ILE G 29 -26.39 32.40 16.36
C ILE G 29 -25.59 32.64 15.09
N GLY G 30 -25.90 33.70 14.37
CA GLY G 30 -25.22 33.96 13.12
C GLY G 30 -24.13 35.01 13.29
N THR G 31 -23.46 35.32 12.21
CA THR G 31 -22.39 36.28 12.28
C THR G 31 -22.93 37.60 12.78
N GLU G 32 -24.20 37.88 12.50
CA GLU G 32 -24.77 39.16 12.90
C GLU G 32 -24.80 39.23 14.40
N HIS G 33 -24.94 38.06 15.03
CA HIS G 33 -25.04 37.99 16.49
C HIS G 33 -23.68 38.08 17.13
N ILE G 34 -22.70 37.50 16.47
CA ILE G 34 -21.34 37.71 16.87
C ILE G 34 -21.03 39.21 16.77
N LEU G 35 -21.47 39.83 15.69
CA LEU G 35 -21.22 41.26 15.50
C LEU G 35 -21.85 42.05 16.63
N LEU G 36 -23.09 41.71 16.95
CA LEU G 36 -23.78 42.34 18.08
C LEU G 36 -23.02 42.10 19.39
N GLY G 37 -22.59 40.87 19.61
CA GLY G 37 -21.82 40.54 20.78
C GLY G 37 -20.54 41.36 20.87
N LEU G 38 -19.88 41.51 19.73
CA LEU G 38 -18.63 42.23 19.68
C LEU G 38 -18.78 43.65 20.19
N VAL G 39 -19.82 44.32 19.72
CA VAL G 39 -20.04 45.72 20.07
C VAL G 39 -20.66 45.85 21.46
N ARG G 40 -21.53 44.90 21.81
CA ARG G 40 -22.13 44.90 23.14
C ARG G 40 -21.12 44.62 24.24
N GLU G 41 -20.20 43.68 24.00
CA GLU G 41 -19.16 43.39 24.97
C GLU G 41 -18.52 44.69 25.49
N GLY G 42 -18.28 45.63 24.59
CA GLY G 42 -18.10 47.01 24.95
C GLY G 42 -16.69 47.50 25.23
N GLU G 43 -15.85 46.61 25.72
CA GLU G 43 -14.52 47.01 26.15
C GLU G 43 -13.38 46.47 25.30
N GLY G 44 -13.64 45.36 24.62
CA GLY G 44 -12.65 44.74 23.75
C GLY G 44 -12.30 45.60 22.55
N ILE G 45 -11.15 45.33 21.96
CA ILE G 45 -10.73 46.05 20.79
C ILE G 45 -11.81 46.00 19.72
N ALA G 46 -12.50 44.87 19.65
CA ALA G 46 -13.56 44.71 18.65
C ALA G 46 -14.65 45.75 18.90
N ALA G 47 -15.09 45.86 20.14
CA ALA G 47 -16.07 46.87 20.48
C ALA G 47 -15.51 48.26 20.18
N LYS G 48 -14.26 48.50 20.60
CA LYS G 48 -13.65 49.81 20.40
C LYS G 48 -13.57 50.13 18.92
N ALA G 49 -13.23 49.12 18.13
CA ALA G 49 -13.07 49.30 16.70
C ALA G 49 -14.41 49.65 16.10
N LEU G 50 -15.43 48.90 16.49
CA LEU G 50 -16.76 49.18 16.01
C LEU G 50 -17.27 50.58 16.39
N GLN G 51 -17.09 51.01 17.64
CA GLN G 51 -17.58 52.34 17.97
C GLN G 51 -16.76 53.42 17.27
N ALA G 52 -15.49 53.14 17.06
CA ALA G 52 -14.68 54.00 16.21
C ALA G 52 -15.18 54.06 14.76
N LEU G 53 -15.72 52.95 14.27
CA LEU G 53 -16.24 52.89 12.91
C LEU G 53 -17.61 53.54 12.82
N GLY G 54 -18.12 53.98 13.96
CA GLY G 54 -19.43 54.61 14.03
C GLY G 54 -20.58 53.64 14.19
N LEU G 55 -20.28 52.45 14.67
CA LEU G 55 -21.30 51.41 14.78
C LEU G 55 -21.58 51.07 16.23
N GLY G 56 -22.56 51.73 16.81
CA GLY G 56 -22.99 51.38 18.15
C GLY G 56 -23.85 50.14 18.12
N SER G 57 -24.15 49.58 19.30
CA SER G 57 -25.04 48.44 19.40
C SER G 57 -26.36 48.73 18.69
N GLU G 58 -26.84 49.97 18.82
CA GLU G 58 -28.14 50.34 18.30
C GLU G 58 -28.16 50.36 16.77
N LYS G 59 -27.18 51.01 16.14
CA LYS G 59 -27.09 51.06 14.67
C LYS G 59 -27.11 49.64 14.12
N ILE G 60 -26.27 48.80 14.72
CA ILE G 60 -26.15 47.41 14.31
C ILE G 60 -27.42 46.67 14.62
N GLN G 61 -27.88 46.80 15.86
CA GLN G 61 -29.13 46.20 16.31
C GLN G 61 -30.20 46.43 15.27
N LYS G 62 -30.43 47.70 14.96
CA LYS G 62 -31.50 48.09 14.07
C LYS G 62 -31.34 47.44 12.71
N GLU G 63 -30.12 47.48 12.18
CA GLU G 63 -29.84 46.92 10.86
C GLU G 63 -30.05 45.42 10.87
N VAL G 64 -29.51 44.75 11.89
CA VAL G 64 -29.66 43.31 12.04
C VAL G 64 -31.13 42.91 12.04
N GLU G 65 -31.94 43.63 12.81
CA GLU G 65 -33.36 43.36 12.87
C GLU G 65 -34.03 43.71 11.56
N SER G 66 -33.49 44.71 10.89
CA SER G 66 -34.01 45.07 9.58
C SER G 66 -33.77 43.97 8.55
N LEU G 67 -32.86 43.06 8.84
CA LEU G 67 -32.54 41.98 7.90
C LEU G 67 -33.13 40.65 8.33
N ILE G 68 -33.07 40.36 9.62
CA ILE G 68 -33.61 39.11 10.15
C ILE G 68 -34.91 39.30 10.91
N GLY G 69 -35.38 40.54 10.97
CA GLY G 69 -36.57 40.83 11.76
C GLY G 69 -36.40 40.28 13.16
N ARG G 70 -37.50 39.79 13.72
CA ARG G 70 -37.52 39.22 15.05
C ARG G 70 -37.85 37.72 14.94
N GLY G 71 -38.43 37.05 15.95
CA GLY G 71 -39.07 37.58 17.13
C GLY G 71 -39.76 36.39 17.76
N GLN G 72 -40.09 35.42 16.92
CA GLN G 72 -40.56 34.12 17.40
C GLN G 72 -39.43 33.51 18.22
N GLU G 73 -39.42 33.82 19.52
CA GLU G 73 -38.27 33.56 20.36
C GLU G 73 -37.94 32.08 20.60
N MET G 74 -38.95 31.25 20.88
CA MET G 74 -38.71 29.86 21.26
C MET G 74 -37.66 29.80 22.37
N SER G 75 -36.72 28.86 22.28
CA SER G 75 -35.59 28.83 23.21
C SER G 75 -34.64 27.65 23.01
N GLN G 76 -35.19 26.51 22.59
CA GLN G 76 -34.39 25.29 22.41
C GLN G 76 -32.95 25.59 21.99
N THR G 77 -32.01 25.32 22.88
CA THR G 77 -30.61 25.68 22.68
C THR G 77 -30.24 25.79 21.20
N ILE G 78 -29.93 27.02 20.80
CA ILE G 78 -29.57 27.33 19.42
C ILE G 78 -28.08 27.10 19.15
N HIS G 79 -27.73 27.00 17.88
CA HIS G 79 -26.35 26.75 17.49
C HIS G 79 -25.79 27.86 16.59
N TYR G 80 -24.48 27.81 16.34
CA TYR G 80 -23.90 28.77 15.42
C TYR G 80 -24.30 28.43 14.00
N THR G 81 -24.59 29.46 13.20
CA THR G 81 -24.80 29.23 11.79
C THR G 81 -23.46 28.83 11.27
N PRO G 82 -23.45 28.05 10.19
CA PRO G 82 -22.21 27.65 9.53
C PRO G 82 -21.23 28.79 9.35
N ARG G 83 -21.72 29.96 8.95
CA ARG G 83 -20.84 31.13 8.79
C ARG G 83 -20.23 31.55 10.11
N ALA G 84 -21.06 31.61 11.14
CA ALA G 84 -20.57 31.98 12.44
C ALA G 84 -19.48 31.00 12.84
N LYS G 85 -19.74 29.69 12.67
CA LYS G 85 -18.72 28.70 13.02
C LYS G 85 -17.41 29.03 12.32
N LYS G 86 -17.52 29.42 11.05
CA LYS G 86 -16.35 29.71 10.23
C LYS G 86 -15.66 30.97 10.69
N VAL G 87 -16.47 31.97 11.04
CA VAL G 87 -15.94 33.21 11.58
C VAL G 87 -15.17 32.86 12.83
N ILE G 88 -15.72 31.95 13.62
CA ILE G 88 -15.06 31.61 14.86
C ILE G 88 -13.79 30.84 14.57
N GLU G 89 -13.84 29.94 13.60
CA GLU G 89 -12.63 29.22 13.23
C GLU G 89 -11.64 30.27 12.79
N LEU G 90 -12.05 31.12 11.85
CA LEU G 90 -11.19 32.17 11.31
C LEU G 90 -10.58 33.01 12.43
N SER G 91 -11.40 33.30 13.44
CA SER G 91 -10.95 34.14 14.52
C SER G 91 -9.72 33.51 15.18
N MET G 92 -9.70 32.18 15.22
CA MET G 92 -8.60 31.48 15.86
C MET G 92 -7.36 31.70 15.06
N ASP G 93 -7.55 31.79 13.75
CA ASP G 93 -6.46 31.98 12.83
C ASP G 93 -5.97 33.41 12.96
N GLU G 94 -6.92 34.33 13.13
CA GLU G 94 -6.60 35.73 13.28
C GLU G 94 -5.77 35.94 14.53
N ALA G 95 -6.15 35.24 15.59
CA ALA G 95 -5.41 35.29 16.83
C ALA G 95 -3.99 34.74 16.62
N ARG G 96 -3.94 33.55 16.06
CA ARG G 96 -2.69 32.89 15.79
C ARG G 96 -1.72 33.82 15.05
N LYS G 97 -2.26 34.47 14.01
CA LYS G 97 -1.48 35.30 13.11
C LYS G 97 -1.00 36.55 13.83
N LEU G 98 -1.76 36.94 14.84
CA LEU G 98 -1.43 38.12 15.61
C LEU G 98 -0.60 37.73 16.84
N GLY G 99 -0.16 36.47 16.88
CA GLY G 99 0.73 35.97 17.92
C GLY G 99 0.05 35.36 19.14
N HIS G 100 -1.26 35.22 19.07
CA HIS G 100 -2.04 34.81 20.23
C HIS G 100 -2.53 33.38 20.20
N SER G 101 -2.66 32.79 21.37
CA SER G 101 -3.14 31.41 21.54
C SER G 101 -4.59 31.45 22.01
N TYR G 102 -5.02 32.65 22.37
CA TYR G 102 -6.37 32.95 22.80
C TYR G 102 -7.00 33.86 21.78
N VAL G 103 -8.19 33.49 21.36
CA VAL G 103 -8.98 34.38 20.54
C VAL G 103 -9.53 35.49 21.38
N GLY G 104 -9.22 36.73 21.01
CA GLY G 104 -9.81 37.86 21.65
C GLY G 104 -10.84 38.49 20.76
N THR G 105 -11.50 39.53 21.23
CA THR G 105 -12.53 40.19 20.47
C THR G 105 -11.97 40.65 19.12
N GLU G 106 -10.77 41.23 19.12
CA GLU G 106 -10.23 41.78 17.88
C GLU G 106 -10.17 40.68 16.84
N HIS G 107 -9.99 39.45 17.31
CA HIS G 107 -9.79 38.31 16.43
C HIS G 107 -11.13 37.74 15.92
N ILE G 108 -12.14 37.76 16.76
CA ILE G 108 -13.46 37.41 16.30
C ILE G 108 -13.88 38.42 15.23
N LEU G 109 -13.69 39.70 15.54
CA LEU G 109 -14.06 40.75 14.60
C LEU G 109 -13.31 40.57 13.29
N LEU G 110 -11.99 40.46 13.39
CA LEU G 110 -11.14 40.26 12.23
C LEU G 110 -11.57 39.02 11.42
N GLY G 111 -11.92 37.94 12.13
CA GLY G 111 -12.39 36.74 11.47
C GLY G 111 -13.72 36.97 10.80
N LEU G 112 -14.57 37.71 11.49
CA LEU G 112 -15.89 38.03 10.97
C LEU G 112 -15.73 38.87 9.69
N ILE G 113 -14.73 39.74 9.72
CA ILE G 113 -14.44 40.63 8.61
C ILE G 113 -13.76 39.86 7.48
N ARG G 114 -12.86 38.96 7.86
CA ARG G 114 -12.18 38.12 6.87
C ARG G 114 -13.20 37.29 6.17
N GLU G 115 -14.01 36.58 6.95
CA GLU G 115 -15.05 35.75 6.36
C GLU G 115 -15.99 36.61 5.54
N GLY G 116 -16.28 37.79 6.05
CA GLY G 116 -16.89 38.86 5.29
C GLY G 116 -18.01 38.45 4.35
N GLU G 117 -18.75 37.42 4.74
CA GLU G 117 -19.97 37.12 4.01
C GLU G 117 -20.99 36.82 5.06
N GLY G 118 -22.27 36.92 4.70
CA GLY G 118 -23.27 36.73 5.72
C GLY G 118 -23.76 38.02 6.32
N VAL G 119 -24.61 37.90 7.33
CA VAL G 119 -25.39 39.02 7.77
C VAL G 119 -24.54 40.10 8.41
N ALA G 120 -23.67 39.71 9.33
CA ALA G 120 -22.81 40.69 9.99
C ALA G 120 -22.09 41.51 8.94
N ALA G 121 -21.57 40.84 7.94
CA ALA G 121 -20.87 41.52 6.86
C ALA G 121 -21.80 42.47 6.11
N ARG G 122 -23.02 42.00 5.84
CA ARG G 122 -23.98 42.83 5.11
C ARG G 122 -24.42 44.00 5.96
N VAL G 123 -24.52 43.77 7.26
CA VAL G 123 -24.82 44.84 8.20
C VAL G 123 -23.76 45.94 8.15
N LEU G 124 -22.50 45.56 8.27
CA LEU G 124 -21.40 46.52 8.16
C LEU G 124 -21.51 47.25 6.83
N ASN G 125 -21.76 46.48 5.78
CA ASN G 125 -21.88 47.07 4.46
C ASN G 125 -23.05 48.05 4.47
N ASN G 126 -24.23 47.56 4.84
CA ASN G 126 -25.41 48.40 4.88
C ASN G 126 -25.24 49.67 5.72
N LEU G 127 -24.33 49.61 6.69
CA LEU G 127 -24.09 50.73 7.60
C LEU G 127 -22.90 51.55 7.16
N GLY G 128 -22.43 51.28 5.95
CA GLY G 128 -21.42 52.11 5.31
C GLY G 128 -19.98 51.79 5.69
N VAL G 129 -19.79 50.65 6.33
CA VAL G 129 -18.46 50.25 6.73
C VAL G 129 -17.99 49.12 5.83
N SER G 130 -16.96 49.38 5.03
CA SER G 130 -16.40 48.31 4.23
C SER G 130 -15.66 47.38 5.18
N LEU G 131 -15.59 46.13 4.80
CA LEU G 131 -14.86 45.17 5.61
C LEU G 131 -13.43 45.64 5.81
N ASN G 132 -12.84 46.25 4.79
CA ASN G 132 -11.46 46.67 4.90
C ASN G 132 -11.34 47.85 5.87
N LYS G 133 -12.32 48.75 5.87
CA LYS G 133 -12.22 49.90 6.75
C LYS G 133 -12.29 49.37 8.16
N ALA G 134 -13.10 48.33 8.32
CA ALA G 134 -13.28 47.73 9.61
C ALA G 134 -12.02 46.98 10.06
N ARG G 135 -11.43 46.25 9.13
CA ARG G 135 -10.19 45.56 9.44
C ARG G 135 -9.12 46.59 9.78
N GLN G 136 -9.11 47.67 9.01
CA GLN G 136 -8.15 48.75 9.19
C GLN G 136 -8.24 49.27 10.61
N GLN G 137 -9.47 49.48 11.06
CA GLN G 137 -9.71 50.09 12.37
C GLN G 137 -9.23 49.18 13.49
N VAL G 138 -9.53 47.90 13.36
CA VAL G 138 -9.10 46.92 14.34
C VAL G 138 -7.57 46.97 14.43
N LEU G 139 -6.93 46.90 13.28
CA LEU G 139 -5.48 46.89 13.23
C LEU G 139 -4.90 48.15 13.83
N GLN G 140 -5.47 49.29 13.48
CA GLN G 140 -5.06 50.55 14.10
C GLN G 140 -5.07 50.40 15.62
N LEU G 141 -6.22 49.97 16.16
CA LEU G 141 -6.37 49.76 17.59
C LEU G 141 -5.42 48.73 18.23
N LEU G 142 -4.80 47.89 17.42
CA LEU G 142 -3.86 46.91 17.96
C LEU G 142 -2.43 47.44 18.06
N GLY H 4 -21.46 14.80 23.71
CA GLY H 4 -22.82 14.27 23.57
C GLY H 4 -23.82 15.01 24.46
N ARG H 5 -25.02 14.45 24.61
CA ARG H 5 -26.06 15.08 25.40
C ARG H 5 -26.25 14.38 26.73
N PHE H 6 -26.53 15.16 27.77
CA PHE H 6 -26.78 14.56 29.07
C PHE H 6 -28.12 14.96 29.63
N THR H 7 -28.74 14.04 30.36
CA THR H 7 -29.96 14.37 31.04
C THR H 7 -29.59 15.45 32.05
N GLU H 8 -30.57 16.23 32.49
CA GLU H 8 -30.28 17.24 33.47
C GLU H 8 -29.52 16.58 34.63
N ARG H 9 -30.00 15.42 35.06
CA ARG H 9 -29.42 14.73 36.20
C ARG H 9 -28.01 14.26 35.92
N ALA H 10 -27.76 13.80 34.70
CA ALA H 10 -26.42 13.39 34.31
C ALA H 10 -25.50 14.60 34.33
N GLN H 11 -26.02 15.72 33.85
CA GLN H 11 -25.27 16.95 33.87
C GLN H 11 -24.93 17.32 35.29
N LYS H 12 -25.85 17.06 36.21
CA LYS H 12 -25.60 17.39 37.60
C LYS H 12 -24.53 16.45 38.14
N VAL H 13 -24.62 15.18 37.76
CA VAL H 13 -23.62 14.22 38.17
C VAL H 13 -22.23 14.73 37.78
N LEU H 14 -22.09 15.19 36.54
CA LEU H 14 -20.80 15.67 36.06
C LEU H 14 -20.38 16.98 36.71
N ALA H 15 -21.36 17.83 36.99
CA ALA H 15 -21.12 19.07 37.71
C ALA H 15 -20.60 18.73 39.10
N LEU H 16 -21.32 17.81 39.74
CA LEU H 16 -20.98 17.40 41.09
C LEU H 16 -19.57 16.82 41.09
N ALA H 17 -19.26 16.13 39.99
CA ALA H 17 -17.98 15.45 39.86
C ALA H 17 -16.90 16.52 39.87
N GLN H 18 -17.16 17.61 39.17
CA GLN H 18 -16.21 18.70 39.16
C GLN H 18 -16.13 19.39 40.51
N GLU H 19 -17.28 19.58 41.18
CA GLU H 19 -17.28 20.18 42.52
C GLU H 19 -16.51 19.32 43.50
N GLU H 20 -16.76 18.03 43.45
CA GLU H 20 -16.04 17.10 44.31
C GLU H 20 -14.55 17.13 44.03
N ALA H 21 -14.18 17.19 42.75
CA ALA H 21 -12.78 17.27 42.38
C ALA H 21 -12.17 18.55 42.94
N LEU H 22 -12.80 19.67 42.63
CA LEU H 22 -12.35 20.96 43.11
C LEU H 22 -12.28 20.99 44.64
N ARG H 23 -13.38 20.60 45.28
CA ARG H 23 -13.50 20.66 46.73
C ARG H 23 -12.56 19.70 47.48
N LEU H 24 -12.28 18.54 46.90
CA LEU H 24 -11.28 17.63 47.48
C LEU H 24 -9.91 18.10 47.02
N GLY H 25 -9.89 19.16 46.21
CA GLY H 25 -8.65 19.75 45.75
C GLY H 25 -7.80 18.85 44.89
N HIS H 26 -8.44 18.18 43.94
CA HIS H 26 -7.73 17.32 43.01
C HIS H 26 -7.59 18.06 41.67
N ASN H 27 -6.44 17.91 41.03
CA ASN H 27 -6.17 18.66 39.81
C ASN H 27 -7.03 18.17 38.67
N ASN H 28 -7.54 16.95 38.81
CA ASN H 28 -8.40 16.42 37.76
C ASN H 28 -9.70 15.81 38.25
N ILE H 29 -10.70 15.84 37.39
CA ILE H 29 -11.95 15.13 37.63
C ILE H 29 -11.76 13.70 37.13
N GLY H 30 -11.56 12.77 38.05
CA GLY H 30 -11.36 11.37 37.69
C GLY H 30 -12.64 10.57 37.81
N THR H 31 -12.58 9.30 37.44
CA THR H 31 -13.72 8.44 37.54
C THR H 31 -14.28 8.42 38.97
N GLU H 32 -13.41 8.56 39.97
CA GLU H 32 -13.83 8.58 41.36
C GLU H 32 -14.78 9.76 41.62
N HIS H 33 -14.54 10.86 40.93
CA HIS H 33 -15.35 12.05 41.09
C HIS H 33 -16.68 11.89 40.37
N ILE H 34 -16.65 11.25 39.22
CA ILE H 34 -17.87 10.88 38.54
C ILE H 34 -18.66 9.96 39.46
N LEU H 35 -17.98 9.01 40.07
CA LEU H 35 -18.64 8.11 41.01
C LEU H 35 -19.27 8.92 42.16
N LEU H 36 -18.54 9.87 42.73
CA LEU H 36 -19.06 10.73 43.77
C LEU H 36 -20.27 11.52 43.28
N GLY H 37 -20.17 12.07 42.09
CA GLY H 37 -21.27 12.82 41.53
C GLY H 37 -22.50 11.97 41.32
N LEU H 38 -22.28 10.74 40.90
CA LEU H 38 -23.39 9.84 40.63
C LEU H 38 -24.22 9.64 41.88
N VAL H 39 -23.53 9.37 42.99
CA VAL H 39 -24.22 9.10 44.24
C VAL H 39 -24.75 10.39 44.88
N ARG H 40 -23.99 11.48 44.76
CA ARG H 40 -24.39 12.77 45.31
C ARG H 40 -25.63 13.32 44.60
N GLU H 41 -25.66 13.17 43.27
CA GLU H 41 -26.81 13.64 42.50
C GLU H 41 -28.10 13.18 43.16
N GLY H 42 -28.08 11.94 43.65
CA GLY H 42 -29.04 11.48 44.63
C GLY H 42 -30.35 10.90 44.15
N GLU H 43 -30.80 11.31 42.96
CA GLU H 43 -32.12 10.91 42.51
C GLU H 43 -32.11 10.01 41.28
N GLY H 44 -31.04 10.11 40.51
CA GLY H 44 -30.91 9.32 39.30
C GLY H 44 -30.78 7.85 39.60
N ILE H 45 -31.08 7.01 38.61
CA ILE H 45 -30.89 5.58 38.75
C ILE H 45 -29.48 5.23 39.26
N ALA H 46 -28.49 5.97 38.78
CA ALA H 46 -27.12 5.75 39.25
C ALA H 46 -27.07 5.90 40.77
N ALA H 47 -27.60 7.01 41.27
CA ALA H 47 -27.61 7.23 42.72
C ALA H 47 -28.37 6.11 43.39
N LYS H 48 -29.55 5.80 42.85
CA LYS H 48 -30.41 4.78 43.45
C LYS H 48 -29.69 3.45 43.46
N ALA H 49 -29.04 3.13 42.33
CA ALA H 49 -28.29 1.89 42.21
C ALA H 49 -27.19 1.81 43.26
N LEU H 50 -26.50 2.94 43.46
CA LEU H 50 -25.39 2.99 44.39
C LEU H 50 -25.86 2.84 45.82
N GLN H 51 -26.93 3.53 46.19
CA GLN H 51 -27.42 3.38 47.57
C GLN H 51 -28.00 1.99 47.78
N ALA H 52 -28.50 1.38 46.70
CA ALA H 52 -28.97 0.00 46.80
C ALA H 52 -27.78 -0.94 46.98
N LEU H 53 -26.64 -0.56 46.41
CA LEU H 53 -25.42 -1.37 46.53
C LEU H 53 -24.75 -1.16 47.87
N GLY H 54 -25.30 -0.23 48.64
CA GLY H 54 -24.78 0.04 49.98
C GLY H 54 -23.69 1.09 49.96
N LEU H 55 -23.61 1.85 48.87
CA LEU H 55 -22.59 2.88 48.76
C LEU H 55 -23.15 4.30 48.85
N GLY H 56 -23.21 4.84 50.07
CA GLY H 56 -23.59 6.23 50.25
C GLY H 56 -22.46 7.16 49.83
N SER H 57 -22.75 8.45 49.75
CA SER H 57 -21.72 9.43 49.42
C SER H 57 -20.55 9.29 50.37
N GLU H 58 -20.86 9.01 51.64
CA GLU H 58 -19.85 8.98 52.69
C GLU H 58 -18.91 7.80 52.55
N LYS H 59 -19.46 6.60 52.35
CA LYS H 59 -18.62 5.42 52.18
C LYS H 59 -17.65 5.67 51.03
N ILE H 60 -18.21 6.18 49.93
CA ILE H 60 -17.43 6.44 48.74
C ILE H 60 -16.45 7.57 48.98
N GLN H 61 -16.97 8.66 49.51
CA GLN H 61 -16.18 9.82 49.90
C GLN H 61 -14.93 9.35 50.63
N LYS H 62 -15.14 8.62 51.71
CA LYS H 62 -14.06 8.21 52.59
C LYS H 62 -13.04 7.37 51.82
N GLU H 63 -13.53 6.43 51.03
CA GLU H 63 -12.65 5.55 50.26
C GLU H 63 -11.85 6.33 49.22
N VAL H 64 -12.54 7.24 48.53
CA VAL H 64 -11.91 8.07 47.51
C VAL H 64 -10.79 8.88 48.15
N GLU H 65 -11.08 9.49 49.28
CA GLU H 65 -10.06 10.26 49.97
C GLU H 65 -8.95 9.35 50.51
N SER H 66 -9.33 8.14 50.88
CA SER H 66 -8.35 7.15 51.31
C SER H 66 -7.40 6.74 50.18
N LEU H 67 -7.78 7.01 48.93
CA LEU H 67 -6.91 6.66 47.81
C LEU H 67 -6.19 7.87 47.26
N ILE H 68 -6.90 8.99 47.12
CA ILE H 68 -6.35 10.21 46.53
C ILE H 68 -6.05 11.27 47.60
N GLY H 69 -6.33 10.95 48.85
CA GLY H 69 -6.18 11.93 49.91
C GLY H 69 -6.92 13.21 49.57
N ARG H 70 -6.33 14.34 49.94
CA ARG H 70 -6.90 15.65 49.69
C ARG H 70 -5.94 16.41 48.74
N GLY H 71 -5.90 17.73 48.69
CA GLY H 71 -6.44 18.67 49.65
C GLY H 71 -5.85 20.01 49.23
N GLN H 72 -4.68 19.96 48.60
CA GLN H 72 -4.11 21.12 47.94
C GLN H 72 -5.09 21.57 46.86
N GLU H 73 -6.04 22.41 47.26
CA GLU H 73 -7.24 22.65 46.46
C GLU H 73 -6.95 23.29 45.12
N MET H 74 -5.84 24.76 45.19
CA MET H 74 -5.76 25.44 43.91
C MET H 74 -7.17 25.79 43.38
N SER H 75 -7.33 25.74 42.06
CA SER H 75 -8.63 25.99 41.44
C SER H 75 -8.59 25.96 39.90
N GLN H 76 -7.48 26.40 39.33
CA GLN H 76 -7.34 26.52 37.88
C GLN H 76 -8.16 25.45 37.16
N THR H 77 -9.20 25.87 36.45
CA THR H 77 -10.15 24.96 35.83
C THR H 77 -9.54 23.60 35.53
N ILE H 78 -10.03 22.58 36.24
CA ILE H 78 -9.54 21.21 36.08
C ILE H 78 -10.25 20.46 34.94
N HIS H 79 -9.63 19.38 34.48
CA HIS H 79 -10.19 18.61 33.37
C HIS H 79 -10.48 17.18 33.75
N TYR H 80 -11.15 16.45 32.88
CA TYR H 80 -11.38 15.05 33.14
C TYR H 80 -10.06 14.28 32.96
N THR H 81 -9.83 13.31 33.84
CA THR H 81 -8.74 12.40 33.61
C THR H 81 -9.15 11.62 32.39
N PRO H 82 -8.15 11.16 31.63
CA PRO H 82 -8.40 10.32 30.46
C PRO H 82 -9.42 9.22 30.75
N ARG H 83 -9.37 8.58 31.93
CA ARG H 83 -10.32 7.52 32.23
C ARG H 83 -11.71 8.07 32.33
N ALA H 84 -11.82 9.21 32.99
CA ALA H 84 -13.12 9.82 33.13
C ALA H 84 -13.68 10.14 31.75
N LYS H 85 -12.85 10.73 30.88
CA LYS H 85 -13.28 11.02 29.52
C LYS H 85 -13.84 9.76 28.88
N LYS H 86 -13.16 8.63 29.10
CA LYS H 86 -13.56 7.36 28.46
C LYS H 86 -14.85 6.86 29.06
N VAL H 87 -14.97 7.01 30.37
CA VAL H 87 -16.18 6.63 31.07
C VAL H 87 -17.33 7.46 30.52
N ILE H 88 -17.03 8.70 30.19
CA ILE H 88 -18.07 9.57 29.67
C ILE H 88 -18.39 9.17 28.24
N GLU H 89 -17.37 8.83 27.48
CA GLU H 89 -17.60 8.35 26.15
C GLU H 89 -18.45 7.10 26.28
N LEU H 90 -17.96 6.14 27.06
CA LEU H 90 -18.66 4.88 27.27
C LEU H 90 -20.12 5.13 27.64
N SER H 91 -20.33 6.13 28.48
CA SER H 91 -21.65 6.38 28.97
C SER H 91 -22.59 6.64 27.78
N MET H 92 -22.08 7.34 26.78
CA MET H 92 -22.88 7.66 25.61
C MET H 92 -23.30 6.39 24.92
N ASP H 93 -22.39 5.43 24.92
CA ASP H 93 -22.63 4.14 24.30
C ASP H 93 -23.65 3.39 25.15
N GLU H 94 -23.54 3.53 26.46
CA GLU H 94 -24.44 2.80 27.34
C GLU H 94 -25.84 3.34 27.15
N ALA H 95 -25.95 4.65 26.96
CA ALA H 95 -27.22 5.30 26.68
C ALA H 95 -27.76 4.78 25.35
N ARG H 96 -26.93 4.85 24.32
CA ARG H 96 -27.32 4.41 22.99
C ARG H 96 -27.88 3.01 23.03
N LYS H 97 -27.17 2.14 23.75
CA LYS H 97 -27.47 0.71 23.79
C LYS H 97 -28.76 0.50 24.55
N LEU H 98 -29.07 1.42 25.45
CA LEU H 98 -30.31 1.33 26.21
C LEU H 98 -31.43 2.13 25.56
N GLY H 99 -31.20 2.56 24.32
CA GLY H 99 -32.23 3.21 23.50
C GLY H 99 -32.28 4.72 23.61
N HIS H 100 -31.32 5.29 24.32
CA HIS H 100 -31.36 6.73 24.58
C HIS H 100 -30.36 7.55 23.75
N SER H 101 -30.72 8.80 23.50
CA SER H 101 -29.88 9.74 22.78
C SER H 101 -29.23 10.67 23.79
N TYR H 102 -29.70 10.57 25.03
CA TYR H 102 -29.21 11.38 26.13
C TYR H 102 -28.58 10.46 27.14
N VAL H 103 -27.38 10.79 27.56
CA VAL H 103 -26.75 10.06 28.65
C VAL H 103 -27.44 10.45 29.95
N GLY H 104 -27.95 9.45 30.65
CA GLY H 104 -28.48 9.68 31.98
C GLY H 104 -27.52 9.10 33.02
N THR H 105 -27.85 9.29 34.29
CA THR H 105 -26.96 8.83 35.34
C THR H 105 -26.69 7.35 35.18
N GLU H 106 -27.72 6.57 34.86
CA GLU H 106 -27.54 5.13 34.79
C GLU H 106 -26.44 4.80 33.80
N HIS H 107 -26.37 5.64 32.76
CA HIS H 107 -25.43 5.45 31.67
C HIS H 107 -23.99 5.85 32.00
N ILE H 108 -23.83 6.93 32.74
CA ILE H 108 -22.52 7.28 33.27
C ILE H 108 -22.05 6.16 34.21
N LEU H 109 -22.95 5.71 35.09
CA LEU H 109 -22.58 4.67 36.03
C LEU H 109 -22.22 3.40 35.29
N LEU H 110 -23.08 3.00 34.37
CA LEU H 110 -22.82 1.83 33.55
C LEU H 110 -21.50 1.97 32.79
N GLY H 111 -21.23 3.18 32.30
CA GLY H 111 -20.00 3.39 31.56
C GLY H 111 -18.81 3.30 32.49
N LEU H 112 -18.98 3.87 33.68
CA LEU H 112 -17.91 3.87 34.67
C LEU H 112 -17.62 2.44 35.09
N ILE H 113 -18.68 1.63 35.12
CA ILE H 113 -18.59 0.22 35.48
C ILE H 113 -18.01 -0.61 34.34
N ARG H 114 -18.42 -0.30 33.12
CA ARG H 114 -17.88 -0.98 31.95
C ARG H 114 -16.40 -0.66 31.87
N GLU H 115 -16.05 0.62 31.94
CA GLU H 115 -14.65 1.00 31.87
C GLU H 115 -13.90 0.36 33.02
N GLY H 116 -14.53 0.37 34.18
CA GLY H 116 -14.13 -0.46 35.29
C GLY H 116 -12.65 -0.54 35.54
N GLU H 117 -11.93 0.53 35.25
CA GLU H 117 -10.57 0.62 35.71
C GLU H 117 -10.42 2.00 36.22
N GLY H 118 -9.41 2.21 37.06
CA GLY H 118 -9.29 3.52 37.68
C GLY H 118 -9.91 3.62 39.06
N VAL H 119 -9.87 4.83 39.62
CA VAL H 119 -10.17 4.97 41.02
C VAL H 119 -11.60 4.58 41.39
N ALA H 120 -12.58 5.10 40.64
CA ALA H 120 -13.98 4.78 40.91
C ALA H 120 -14.12 3.29 40.99
N ALA H 121 -13.56 2.61 40.00
CA ALA H 121 -13.66 1.15 39.96
C ALA H 121 -13.00 0.50 41.16
N ARG H 122 -11.83 1.01 41.56
CA ARG H 122 -11.12 0.47 42.72
C ARG H 122 -11.87 0.80 44.02
N VAL H 123 -12.52 1.95 44.04
CA VAL H 123 -13.37 2.30 45.16
C VAL H 123 -14.49 1.28 45.35
N LEU H 124 -15.23 1.02 44.27
CA LEU H 124 -16.31 0.04 44.31
C LEU H 124 -15.75 -1.28 44.81
N ASN H 125 -14.60 -1.65 44.27
CA ASN H 125 -13.95 -2.90 44.63
C ASN H 125 -13.59 -2.87 46.11
N ASN H 126 -12.89 -1.82 46.50
CA ASN H 126 -12.51 -1.65 47.90
C ASN H 126 -13.68 -1.67 48.84
N LEU H 127 -14.85 -1.30 48.34
CA LEU H 127 -16.05 -1.20 49.17
C LEU H 127 -16.91 -2.44 49.00
N GLY H 128 -16.36 -3.45 48.34
CA GLY H 128 -17.00 -4.76 48.28
C GLY H 128 -18.09 -4.90 47.23
N VAL H 129 -18.07 -4.00 46.26
CA VAL H 129 -19.01 -4.06 45.18
C VAL H 129 -18.27 -4.44 43.91
N SER H 130 -18.58 -5.60 43.37
CA SER H 130 -17.97 -5.97 42.10
C SER H 130 -18.60 -5.14 41.03
N LEU H 131 -17.87 -4.91 39.95
CA LEU H 131 -18.40 -4.11 38.88
C LEU H 131 -19.67 -4.77 38.38
N ASN H 132 -19.68 -6.09 38.40
CA ASN H 132 -20.83 -6.81 37.87
C ASN H 132 -22.05 -6.69 38.78
N LYS H 133 -21.84 -6.71 40.08
CA LYS H 133 -22.96 -6.55 41.00
C LYS H 133 -23.54 -5.16 40.78
N ALA H 134 -22.64 -4.20 40.56
CA ALA H 134 -23.03 -2.82 40.34
C ALA H 134 -23.81 -2.67 39.02
N ARG H 135 -23.33 -3.32 37.97
CA ARG H 135 -24.00 -3.26 36.69
C ARG H 135 -25.36 -3.91 36.84
N GLN H 136 -25.39 -5.01 37.60
CA GLN H 136 -26.59 -5.79 37.84
C GLN H 136 -27.63 -4.90 38.49
N GLN H 137 -27.19 -4.11 39.47
CA GLN H 137 -28.11 -3.27 40.23
C GLN H 137 -28.71 -2.18 39.36
N VAL H 138 -27.87 -1.56 38.55
CA VAL H 138 -28.34 -0.52 37.65
C VAL H 138 -29.41 -1.11 36.74
N LEU H 139 -29.08 -2.23 36.11
CA LEU H 139 -29.99 -2.89 35.19
C LEU H 139 -31.33 -3.24 35.87
N GLN H 140 -31.24 -3.80 37.07
CA GLN H 140 -32.43 -4.10 37.84
C GLN H 140 -33.29 -2.84 37.93
N LEU H 141 -32.67 -1.74 38.36
CA LEU H 141 -33.37 -0.46 38.48
C LEU H 141 -33.94 0.10 37.17
N LEU H 142 -33.52 -0.43 36.02
CA LEU H 142 -34.02 0.08 34.75
C LEU H 142 -35.24 -0.69 34.26
N GLN I 5 -20.18 -31.89 -28.61
CA GLN I 5 -18.92 -31.40 -29.12
C GLN I 5 -18.07 -32.64 -29.48
N LYS I 6 -16.81 -32.41 -29.85
CA LYS I 6 -15.71 -33.33 -29.61
C LYS I 6 -15.75 -33.74 -28.14
N LEU I 7 -15.53 -35.02 -27.83
CA LEU I 7 -15.55 -35.50 -26.43
C LEU I 7 -14.18 -35.88 -25.86
N GLN I 8 -13.22 -36.17 -26.73
CA GLN I 8 -11.86 -36.51 -26.28
C GLN I 8 -10.90 -35.41 -26.70
N PHE I 9 -10.13 -34.93 -25.74
CA PHE I 9 -9.13 -33.89 -26.00
C PHE I 9 -7.76 -34.27 -25.47
N VAL I 10 -6.74 -33.92 -26.22
CA VAL I 10 -5.38 -34.07 -25.73
C VAL I 10 -4.96 -32.66 -25.44
N LEU I 11 -4.72 -32.38 -24.18
CA LEU I 11 -4.24 -31.09 -23.75
C LEU I 11 -2.75 -31.18 -23.52
N ARG I 12 -2.01 -30.15 -23.91
CA ARG I 12 -0.57 -30.15 -23.69
C ARG I 12 -0.27 -29.16 -22.57
N PHE I 13 0.64 -29.52 -21.68
CA PHE I 13 0.97 -28.62 -20.59
C PHE I 13 2.38 -28.04 -20.70
N GLY I 14 2.50 -26.77 -20.37
CA GLY I 14 3.79 -26.12 -20.30
C GLY I 14 4.76 -26.91 -19.46
N ASP I 15 4.36 -27.21 -18.23
CA ASP I 15 5.19 -28.03 -17.37
C ASP I 15 4.30 -28.72 -16.37
N PHE I 16 4.88 -29.65 -15.62
CA PHE I 16 4.12 -30.48 -14.71
C PHE I 16 3.28 -29.64 -13.77
N GLU I 17 3.83 -28.53 -13.31
CA GLU I 17 3.13 -27.72 -12.32
C GLU I 17 1.72 -27.37 -12.76
N ASP I 18 1.57 -27.11 -14.04
CA ASP I 18 0.25 -26.82 -14.59
C ASP I 18 -0.66 -28.02 -14.47
N VAL I 19 -0.09 -29.21 -14.59
CA VAL I 19 -0.86 -30.43 -14.44
C VAL I 19 -1.32 -30.51 -13.00
N ILE I 20 -0.38 -30.27 -12.10
CA ILE I 20 -0.70 -30.25 -10.67
C ILE I 20 -1.76 -29.21 -10.37
N SER I 21 -1.58 -28.00 -10.89
CA SER I 21 -2.57 -26.95 -10.73
C SER I 21 -3.95 -27.39 -11.18
N LEU I 22 -4.00 -28.04 -12.35
CA LEU I 22 -5.27 -28.51 -12.92
C LEU I 22 -5.88 -29.54 -12.01
N SER I 23 -5.05 -30.45 -11.52
CA SER I 23 -5.54 -31.57 -10.76
C SER I 23 -6.25 -31.13 -9.50
N LYS I 24 -5.93 -29.93 -9.03
CA LYS I 24 -6.57 -29.37 -7.84
C LYS I 24 -8.07 -29.13 -8.07
N LEU I 25 -8.41 -28.68 -9.27
CA LEU I 25 -9.79 -28.56 -9.71
C LEU I 25 -10.40 -29.96 -9.82
N ASN I 26 -11.70 -30.08 -9.60
CA ASN I 26 -12.34 -31.40 -9.68
C ASN I 26 -12.68 -31.84 -11.09
N VAL I 27 -11.98 -32.89 -11.54
CA VAL I 27 -12.11 -33.39 -12.91
C VAL I 27 -13.56 -33.41 -13.36
N ASN I 28 -14.47 -33.76 -12.47
CA ASN I 28 -15.89 -33.87 -12.78
C ASN I 28 -16.21 -35.08 -13.66
N GLY I 29 -15.87 -36.27 -13.17
CA GLY I 29 -16.30 -37.50 -13.78
C GLY I 29 -15.74 -37.78 -15.16
N SER I 30 -14.83 -36.94 -15.62
CA SER I 30 -14.16 -37.20 -16.89
C SER I 30 -12.87 -37.98 -16.65
N LYS I 31 -12.63 -38.99 -17.49
CA LYS I 31 -11.42 -39.80 -17.41
C LYS I 31 -10.23 -39.03 -17.97
N THR I 32 -9.21 -38.86 -17.13
CA THR I 32 -7.99 -38.21 -17.57
C THR I 32 -6.82 -39.20 -17.64
N THR I 33 -6.03 -39.10 -18.70
CA THR I 33 -4.83 -39.91 -18.82
C THR I 33 -3.66 -39.01 -19.09
N LEU I 34 -2.63 -39.13 -18.27
CA LEU I 34 -1.49 -38.22 -18.37
C LEU I 34 -0.33 -38.87 -19.09
N TYR I 35 0.09 -38.26 -20.18
CA TYR I 35 1.26 -38.73 -20.90
C TYR I 35 2.33 -37.66 -20.84
N SER I 36 3.57 -38.05 -21.01
CA SER I 36 4.61 -37.08 -21.29
C SER I 36 5.10 -37.46 -22.66
N PHE I 37 5.52 -36.47 -23.44
CA PHE I 37 6.01 -36.76 -24.78
C PHE I 37 6.81 -35.61 -25.33
N GLU I 38 7.98 -35.93 -25.84
CA GLU I 38 8.86 -34.89 -26.31
C GLU I 38 8.86 -33.70 -25.36
N ASN I 39 8.98 -34.00 -24.07
CA ASN I 39 9.21 -32.96 -23.07
C ASN I 39 8.02 -32.04 -22.84
N ARG I 40 6.84 -32.54 -23.17
CA ARG I 40 5.61 -31.85 -22.84
C ARG I 40 4.75 -32.85 -22.10
N TYR I 41 3.93 -32.37 -21.18
CA TYR I 41 2.94 -33.26 -20.60
C TYR I 41 1.65 -33.13 -21.37
N TYR I 42 1.07 -34.26 -21.70
CA TYR I 42 -0.19 -34.28 -22.40
C TYR I 42 -1.21 -34.94 -21.51
N LEU I 43 -2.41 -34.39 -21.51
CA LEU I 43 -3.50 -34.95 -20.73
C LEU I 43 -4.53 -35.36 -21.75
N TYR I 44 -4.82 -36.65 -21.80
CA TYR I 44 -5.91 -37.09 -22.63
C TYR I 44 -7.17 -37.04 -21.78
N VAL I 45 -8.07 -36.15 -22.14
CA VAL I 45 -9.29 -35.99 -21.40
C VAL I 45 -10.39 -36.63 -22.17
N ASP I 46 -11.12 -37.51 -21.51
CA ASP I 46 -12.29 -38.15 -22.10
C ASP I 46 -13.51 -37.68 -21.33
N PHE I 47 -14.26 -36.75 -21.90
CA PHE I 47 -15.51 -36.30 -21.28
C PHE I 47 -16.69 -37.26 -21.50
N CYS I 48 -16.78 -38.29 -20.67
CA CYS I 48 -17.83 -39.27 -20.80
C CYS I 48 -19.07 -38.82 -20.03
N ASN I 49 -20.24 -38.98 -20.65
CA ASN I 49 -21.51 -38.68 -20.01
C ASN I 49 -21.63 -37.23 -19.60
N MET I 50 -21.54 -36.34 -20.59
CA MET I 50 -21.52 -34.91 -20.35
C MET I 50 -22.15 -34.18 -21.52
N THR I 51 -23.02 -33.21 -21.24
CA THR I 51 -23.64 -32.45 -22.32
C THR I 51 -22.56 -31.72 -23.10
N ASP I 52 -22.86 -31.40 -24.34
CA ASP I 52 -21.94 -30.59 -25.14
C ASP I 52 -21.54 -29.33 -24.39
N GLU I 53 -22.52 -28.68 -23.77
CA GLU I 53 -22.24 -27.50 -22.96
C GLU I 53 -21.25 -27.84 -21.83
N GLU I 54 -21.53 -28.89 -21.07
CA GLU I 54 -20.68 -29.31 -19.95
C GLU I 54 -19.26 -29.54 -20.39
N VAL I 55 -19.10 -30.19 -21.54
CA VAL I 55 -17.80 -30.42 -22.12
C VAL I 55 -17.10 -29.09 -22.38
N GLU I 56 -17.71 -28.23 -23.19
CA GLU I 56 -17.15 -26.93 -23.48
C GLU I 56 -16.79 -26.15 -22.22
N ASN I 57 -17.70 -26.12 -21.26
CA ASN I 57 -17.43 -25.52 -19.96
C ASN I 57 -16.23 -26.14 -19.27
N GLN I 58 -16.26 -27.45 -19.10
CA GLN I 58 -15.21 -28.14 -18.38
C GLN I 58 -13.91 -27.95 -19.15
N LEU I 59 -14.01 -27.99 -20.47
CA LEU I 59 -12.85 -27.87 -21.32
C LEU I 59 -12.22 -26.51 -21.14
N SER I 60 -13.05 -25.47 -21.07
CA SER I 60 -12.57 -24.10 -20.94
C SER I 60 -11.85 -23.90 -19.61
N ILE I 61 -12.23 -24.69 -18.60
CA ILE I 61 -11.52 -24.65 -17.35
C ILE I 61 -10.17 -25.31 -17.51
N LEU I 62 -10.19 -26.49 -18.11
CA LEU I 62 -8.99 -27.23 -18.39
C LEU I 62 -8.01 -26.37 -19.19
N LEU I 63 -8.53 -25.66 -20.18
CA LEU I 63 -7.69 -24.90 -21.12
C LEU I 63 -7.03 -23.70 -20.48
N GLU I 64 -7.36 -23.45 -19.22
CA GLU I 64 -6.70 -22.42 -18.46
C GLU I 64 -5.31 -22.89 -18.15
N TYR I 65 -5.12 -24.19 -18.16
CA TYR I 65 -3.89 -24.79 -17.65
C TYR I 65 -3.12 -25.53 -18.71
N ALA I 66 -3.72 -25.67 -19.88
CA ALA I 66 -3.11 -26.45 -20.93
C ALA I 66 -3.62 -25.96 -22.26
N THR I 67 -2.85 -26.12 -23.32
CA THR I 67 -3.37 -25.74 -24.63
C THR I 67 -3.81 -27.04 -25.28
N GLU I 68 -4.89 -26.98 -26.02
CA GLU I 68 -5.34 -28.15 -26.73
C GLU I 68 -4.26 -28.48 -27.74
N SER I 69 -4.09 -29.77 -27.99
CA SER I 69 -2.99 -30.25 -28.82
C SER I 69 -3.49 -30.92 -30.09
N SER I 70 -2.74 -30.73 -31.17
CA SER I 70 -3.03 -31.41 -32.42
C SER I 70 -2.69 -32.87 -32.29
N ILE I 71 -1.91 -33.22 -31.27
CA ILE I 71 -1.30 -34.53 -31.25
C ILE I 71 -2.34 -35.63 -31.24
N SER I 72 -2.02 -36.72 -31.92
CA SER I 72 -2.90 -37.87 -31.92
C SER I 72 -2.76 -38.60 -30.61
N ILE I 73 -3.89 -38.91 -29.98
CA ILE I 73 -3.85 -39.71 -28.78
C ILE I 73 -3.13 -41.04 -29.07
N HIS I 74 -3.13 -41.46 -30.33
CA HIS I 74 -2.40 -42.66 -30.70
C HIS I 74 -0.92 -42.41 -30.65
N ARG I 75 -0.50 -41.27 -31.17
CA ARG I 75 0.91 -40.94 -31.15
C ARG I 75 1.38 -41.01 -29.70
N LEU I 76 0.62 -40.41 -28.80
CA LEU I 76 0.96 -40.45 -27.38
C LEU I 76 1.00 -41.89 -26.89
N GLU I 77 -0.07 -42.63 -27.15
CA GLU I 77 -0.14 -44.01 -26.68
C GLU I 77 1.11 -44.76 -27.11
N GLU I 78 1.39 -44.68 -28.40
CA GLU I 78 2.49 -45.44 -28.97
C GLU I 78 3.81 -44.95 -28.46
N TYR I 79 4.10 -43.68 -28.72
CA TYR I 79 5.45 -43.17 -28.53
C TYR I 79 5.65 -42.40 -27.24
N GLY I 80 4.57 -42.22 -26.48
CA GLY I 80 4.64 -41.35 -25.32
C GLY I 80 4.72 -42.12 -24.04
N LYS I 81 5.22 -41.48 -23.00
CA LYS I 81 5.25 -42.07 -21.67
C LYS I 81 3.90 -41.94 -21.02
N LEU I 82 3.29 -43.06 -20.71
CA LEU I 82 2.06 -43.05 -19.95
C LEU I 82 2.44 -42.89 -18.49
N ILE I 83 1.96 -41.82 -17.90
CA ILE I 83 2.27 -41.52 -16.51
C ILE I 83 1.14 -42.03 -15.61
N ILE I 84 -0.09 -41.75 -16.01
CA ILE I 84 -1.25 -42.23 -15.28
C ILE I 84 -2.40 -42.35 -16.24
N SER I 85 -3.01 -43.52 -16.32
CA SER I 85 -4.22 -43.68 -17.12
C SER I 85 -5.49 -43.53 -16.29
N GLU I 86 -6.60 -43.29 -16.98
CA GLU I 86 -7.92 -43.26 -16.33
C GLU I 86 -8.12 -42.03 -15.46
N HIS I 87 -7.32 -41.95 -14.39
CA HIS I 87 -7.61 -41.08 -13.28
C HIS I 87 -6.40 -40.21 -12.99
N ALA I 88 -5.82 -39.64 -14.04
CA ALA I 88 -4.56 -38.89 -13.92
C ALA I 88 -4.68 -37.70 -12.99
N LEU I 89 -5.64 -36.82 -13.24
CA LEU I 89 -5.79 -35.65 -12.39
C LEU I 89 -6.09 -36.03 -10.95
N GLU I 90 -6.98 -37.00 -10.76
CA GLU I 90 -7.35 -37.45 -9.43
C GLU I 90 -6.08 -37.89 -8.70
N THR I 91 -5.26 -38.67 -9.38
CA THR I 91 -4.00 -39.16 -8.85
C THR I 91 -2.99 -38.03 -8.61
N ILE I 92 -2.84 -37.14 -9.58
CA ILE I 92 -1.93 -36.02 -9.44
C ILE I 92 -2.32 -35.19 -8.24
N LYS I 93 -3.62 -34.94 -8.09
CA LYS I 93 -4.14 -34.21 -6.94
C LYS I 93 -3.79 -34.97 -5.66
N LYS I 94 -4.06 -36.28 -5.65
CA LYS I 94 -3.77 -37.11 -4.48
C LYS I 94 -2.34 -36.91 -4.00
N HIS I 95 -1.40 -36.84 -4.94
CA HIS I 95 0.01 -36.86 -4.58
C HIS I 95 0.70 -35.49 -4.57
N PHE I 96 0.11 -34.50 -5.21
CA PHE I 96 0.76 -33.19 -5.33
C PHE I 96 -0.04 -32.04 -4.77
N ALA I 97 -1.35 -32.19 -4.66
CA ALA I 97 -2.21 -31.10 -4.23
C ALA I 97 -2.17 -31.00 -2.72
N SER I 98 -1.95 -29.76 -2.26
CA SER I 98 -1.59 -29.41 -0.89
C SER I 98 -0.12 -29.03 -0.85
N GLU J 4 51.50 -0.58 -7.12
CA GLU J 4 50.65 0.40 -6.42
C GLU J 4 49.32 0.71 -7.14
N GLN J 5 48.85 1.96 -7.07
CA GLN J 5 47.44 2.28 -7.39
C GLN J 5 47.03 2.62 -8.83
N LYS J 6 45.96 1.96 -9.24
CA LYS J 6 45.48 2.07 -10.62
C LYS J 6 44.64 3.32 -10.81
N LEU J 7 44.94 4.11 -11.83
CA LEU J 7 44.19 5.33 -12.09
C LEU J 7 43.31 5.26 -13.33
N GLN J 8 43.60 4.32 -14.23
CA GLN J 8 42.81 4.15 -15.44
C GLN J 8 42.11 2.79 -15.40
N PHE J 9 40.82 2.81 -15.67
CA PHE J 9 40.03 1.59 -15.65
C PHE J 9 39.20 1.50 -16.91
N VAL J 10 39.06 0.29 -17.41
CA VAL J 10 38.09 0.06 -18.44
C VAL J 10 36.96 -0.68 -17.75
N LEU J 11 35.78 -0.08 -17.74
CA LEU J 11 34.61 -0.72 -17.15
C LEU J 11 33.76 -1.23 -18.28
N ARG J 12 33.20 -2.42 -18.14
CA ARG J 12 32.30 -2.97 -19.14
C ARG J 12 30.87 -2.89 -18.63
N PHE J 13 29.96 -2.56 -19.52
CA PHE J 13 28.57 -2.42 -19.14
C PHE J 13 27.70 -3.49 -19.75
N GLY J 14 26.75 -3.99 -18.94
CA GLY J 14 25.75 -4.93 -19.38
C GLY J 14 25.05 -4.42 -20.61
N ASP J 15 24.43 -3.25 -20.50
CA ASP J 15 23.85 -2.61 -21.67
C ASP J 15 23.90 -1.11 -21.50
N PHE J 16 23.52 -0.39 -22.54
CA PHE J 16 23.64 1.04 -22.54
C PHE J 16 22.98 1.68 -21.35
N GLU J 17 21.84 1.14 -20.94
CA GLU J 17 21.07 1.73 -19.85
C GLU J 17 21.89 1.94 -18.60
N ASP J 18 22.83 1.03 -18.38
CA ASP J 18 23.70 1.11 -17.22
C ASP J 18 24.67 2.29 -17.39
N VAL J 19 25.08 2.54 -18.63
CA VAL J 19 25.92 3.68 -18.92
C VAL J 19 25.10 4.92 -18.59
N ILE J 20 23.87 4.96 -19.08
CA ILE J 20 22.97 6.07 -18.80
C ILE J 20 22.79 6.26 -17.31
N SER J 21 22.51 5.17 -16.63
CA SER J 21 22.34 5.20 -15.18
C SER J 21 23.54 5.80 -14.51
N LEU J 22 24.72 5.37 -14.94
CA LEU J 22 25.99 5.84 -14.38
C LEU J 22 26.17 7.33 -14.63
N SER J 23 25.83 7.76 -15.84
CA SER J 23 26.05 9.13 -16.25
C SER J 23 25.25 10.11 -15.40
N LYS J 24 24.18 9.63 -14.77
CA LYS J 24 23.37 10.47 -13.91
C LYS J 24 24.15 10.89 -12.68
N LEU J 25 24.94 9.98 -12.14
CA LEU J 25 25.89 10.32 -11.09
C LEU J 25 26.95 11.30 -11.62
N ASN J 26 27.48 12.17 -10.77
CA ASN J 26 28.51 13.12 -11.21
C ASN J 26 29.91 12.53 -11.31
N VAL J 27 30.41 12.46 -12.53
CA VAL J 27 31.72 11.85 -12.82
C VAL J 27 32.78 12.26 -11.79
N ASN J 28 32.71 13.51 -11.36
CA ASN J 28 33.70 14.04 -10.41
C ASN J 28 35.07 14.22 -11.03
N GLY J 29 35.13 15.04 -12.09
CA GLY J 29 36.39 15.47 -12.67
C GLY J 29 37.26 14.40 -13.29
N SER J 30 36.72 13.19 -13.40
CA SER J 30 37.44 12.13 -14.08
C SER J 30 37.02 12.07 -15.55
N LYS J 31 38.00 11.89 -16.43
CA LYS J 31 37.74 11.80 -17.87
C LYS J 31 37.19 10.42 -18.20
N THR J 32 36.01 10.39 -18.82
CA THR J 32 35.40 9.14 -19.23
C THR J 32 35.32 9.04 -20.76
N THR J 33 35.67 7.88 -21.28
CA THR J 33 35.59 7.64 -22.71
C THR J 33 34.77 6.38 -22.93
N LEU J 34 33.75 6.49 -23.76
CA LEU J 34 32.83 5.39 -23.94
C LEU J 34 33.12 4.70 -25.25
N TYR J 35 33.41 3.41 -25.17
CA TYR J 35 33.57 2.59 -26.35
C TYR J 35 32.47 1.57 -26.35
N SER J 36 32.17 1.03 -27.52
CA SER J 36 31.38 -0.20 -27.61
C SER J 36 32.32 -1.20 -28.26
N PHE J 37 32.22 -2.45 -27.88
CA PHE J 37 33.10 -3.43 -28.47
C PHE J 37 32.54 -4.82 -28.27
N GLU J 38 32.47 -5.59 -29.35
CA GLU J 38 31.88 -6.90 -29.28
C GLU J 38 30.63 -6.87 -28.41
N ASN J 39 29.78 -5.88 -28.66
CA ASN J 39 28.43 -5.87 -28.10
C ASN J 39 28.40 -5.65 -26.60
N ARG J 40 29.44 -5.01 -26.12
CA ARG J 40 29.48 -4.53 -24.76
C ARG J 40 29.90 -3.05 -24.79
N TYR J 41 29.42 -2.28 -23.84
CA TYR J 41 29.88 -0.92 -23.76
C TYR J 41 31.01 -0.88 -22.77
N TYR J 42 32.07 -0.18 -23.14
CA TYR J 42 33.21 -0.05 -22.27
C TYR J 42 33.39 1.41 -21.99
N LEU J 43 33.66 1.72 -20.73
CA LEU J 43 33.92 3.07 -20.29
C LEU J 43 35.35 3.07 -19.86
N TYR J 44 36.18 3.84 -20.54
CA TYR J 44 37.53 4.03 -20.07
C TYR J 44 37.46 5.21 -19.13
N VAL J 45 37.78 4.96 -17.86
CA VAL J 45 37.75 5.99 -16.85
C VAL J 45 39.17 6.35 -16.53
N ASP J 46 39.49 7.63 -16.59
CA ASP J 46 40.80 8.11 -16.23
C ASP J 46 40.64 9.00 -15.01
N PHE J 47 41.06 8.51 -13.84
CA PHE J 47 40.90 9.27 -12.64
C PHE J 47 42.09 10.20 -12.45
N CYS J 48 42.01 11.39 -13.05
CA CYS J 48 43.08 12.36 -12.96
C CYS J 48 42.91 13.25 -11.73
N ASN J 49 44.02 13.50 -11.02
CA ASN J 49 44.04 14.39 -9.87
C ASN J 49 43.08 13.97 -8.77
N MET J 50 43.31 12.77 -8.25
CA MET J 50 42.42 12.17 -7.28
C MET J 50 43.24 11.30 -6.35
N THR J 51 42.99 11.37 -5.05
CA THR J 51 43.70 10.51 -4.10
C THR J 51 43.39 9.06 -4.40
N ASP J 52 44.27 8.17 -3.99
CA ASP J 52 44.02 6.75 -4.11
C ASP J 52 42.65 6.42 -3.51
N GLU J 53 42.37 6.94 -2.32
CA GLU J 53 41.08 6.75 -1.69
C GLU J 53 39.95 7.25 -2.59
N GLU J 54 40.06 8.48 -3.10
CA GLU J 54 39.05 9.03 -3.98
C GLU J 54 38.77 8.13 -5.16
N VAL J 55 39.83 7.63 -5.77
CA VAL J 55 39.72 6.71 -6.88
C VAL J 55 38.94 5.46 -6.47
N GLU J 56 39.42 4.76 -5.45
CA GLU J 56 38.72 3.59 -4.98
C GLU J 56 37.25 3.89 -4.70
N ASN J 57 37.00 5.02 -4.05
CA ASN J 57 35.63 5.42 -3.72
C ASN J 57 34.81 5.62 -4.98
N GLN J 58 35.33 6.46 -5.87
CA GLN J 58 34.65 6.79 -7.11
C GLN J 58 34.47 5.53 -7.95
N LEU J 59 35.51 4.70 -7.96
CA LEU J 59 35.48 3.45 -8.68
C LEU J 59 34.36 2.55 -8.16
N SER J 60 34.25 2.42 -6.84
CA SER J 60 33.26 1.56 -6.22
C SER J 60 31.86 2.04 -6.58
N ILE J 61 31.70 3.31 -6.85
CA ILE J 61 30.42 3.82 -7.31
C ILE J 61 30.21 3.41 -8.76
N LEU J 62 31.23 3.64 -9.58
CA LEU J 62 31.19 3.24 -10.96
C LEU J 62 30.86 1.76 -11.07
N LEU J 63 31.51 0.97 -10.23
CA LEU J 63 31.40 -0.48 -10.30
C LEU J 63 30.02 -1.00 -9.94
N GLU J 64 29.15 -0.11 -9.51
CA GLU J 64 27.78 -0.48 -9.24
C GLU J 64 27.07 -0.71 -10.55
N TYR J 65 27.63 -0.11 -11.59
CA TYR J 65 26.94 -0.07 -12.87
C TYR J 65 27.67 -0.80 -13.98
N ALA J 66 28.92 -1.17 -13.69
CA ALA J 66 29.75 -1.81 -14.69
C ALA J 66 30.73 -2.74 -14.01
N THR J 67 31.17 -3.80 -14.68
CA THR J 67 32.20 -4.64 -14.10
C THR J 67 33.54 -4.18 -14.68
N GLU J 68 34.58 -4.20 -13.87
CA GLU J 68 35.87 -3.81 -14.37
C GLU J 68 36.25 -4.85 -15.42
N SER J 69 36.95 -4.42 -16.46
CA SER J 69 37.22 -5.30 -17.57
C SER J 69 38.70 -5.58 -17.70
N SER J 70 39.03 -6.76 -18.18
CA SER J 70 40.41 -7.14 -18.44
C SER J 70 40.87 -6.42 -19.70
N ILE J 71 39.92 -5.94 -20.48
CA ILE J 71 40.25 -5.51 -21.83
C ILE J 71 41.29 -4.41 -21.82
N SER J 72 42.17 -4.43 -22.82
CA SER J 72 43.15 -3.37 -22.96
C SER J 72 42.47 -2.15 -23.53
N ILE J 73 42.75 -0.99 -22.94
CA ILE J 73 42.23 0.24 -23.49
C ILE J 73 42.72 0.39 -24.93
N HIS J 74 43.84 -0.25 -25.24
CA HIS J 74 44.35 -0.25 -26.61
C HIS J 74 43.53 -1.08 -27.56
N ARG J 75 43.07 -2.23 -27.08
CA ARG J 75 42.19 -3.08 -27.85
C ARG J 75 40.95 -2.28 -28.19
N LEU J 76 40.40 -1.59 -27.20
CA LEU J 76 39.24 -0.74 -27.43
C LEU J 76 39.55 0.34 -28.46
N GLU J 77 40.62 1.07 -28.22
CA GLU J 77 41.02 2.15 -29.11
C GLU J 77 41.09 1.65 -30.52
N GLU J 78 41.83 0.58 -30.72
CA GLU J 78 42.07 0.05 -32.04
C GLU J 78 40.82 -0.54 -32.65
N TYR J 79 40.23 -1.51 -31.96
CA TYR J 79 39.21 -2.34 -32.57
C TYR J 79 37.80 -1.95 -32.14
N GLY J 80 37.72 -1.03 -31.19
CA GLY J 80 36.41 -0.70 -30.63
C GLY J 80 35.80 0.52 -31.27
N LYS J 81 34.47 0.65 -31.14
CA LYS J 81 33.79 1.87 -31.54
C LYS J 81 33.91 2.93 -30.45
N LEU J 82 34.52 4.05 -30.79
CA LEU J 82 34.55 5.20 -29.89
C LEU J 82 33.24 5.94 -30.02
N ILE J 83 32.52 5.99 -28.90
CA ILE J 83 31.22 6.61 -28.89
C ILE J 83 31.36 8.05 -28.41
N ILE J 84 32.11 8.24 -27.34
CA ILE J 84 32.41 9.56 -26.83
C ILE J 84 33.74 9.53 -26.11
N SER J 85 34.65 10.44 -26.46
CA SER J 85 35.91 10.55 -25.72
C SER J 85 35.85 11.65 -24.67
N GLU J 86 36.77 11.58 -23.72
CA GLU J 86 36.92 12.67 -22.76
C GLU J 86 35.77 12.71 -21.73
N HIS J 87 34.59 13.01 -22.23
CA HIS J 87 33.48 13.46 -21.40
C HIS J 87 32.27 12.60 -21.69
N ALA J 88 32.48 11.29 -21.74
CA ALA J 88 31.42 10.35 -22.12
C ALA J 88 30.23 10.43 -21.18
N LEU J 89 30.44 10.27 -19.87
CA LEU J 89 29.34 10.32 -18.93
C LEU J 89 28.63 11.66 -18.93
N GLU J 90 29.40 12.73 -18.96
CA GLU J 90 28.84 14.07 -19.00
C GLU J 90 27.91 14.15 -20.20
N THR J 91 28.40 13.69 -21.34
CA THR J 91 27.63 13.69 -22.58
C THR J 91 26.39 12.78 -22.53
N ILE J 92 26.57 11.57 -22.03
CA ILE J 92 25.49 10.63 -21.91
C ILE J 92 24.42 11.22 -21.02
N LYS J 93 24.83 11.83 -19.92
CA LYS J 93 23.90 12.48 -19.00
C LYS J 93 23.16 13.61 -19.72
N LYS J 94 23.91 14.42 -20.44
CA LYS J 94 23.32 15.53 -21.19
C LYS J 94 22.20 15.04 -22.10
N HIS J 95 22.39 13.91 -22.75
CA HIS J 95 21.44 13.47 -23.76
C HIS J 95 20.42 12.43 -23.31
N PHE J 96 20.73 11.71 -22.24
CA PHE J 96 19.86 10.62 -21.79
C PHE J 96 19.28 10.79 -20.38
N ALA J 97 19.94 11.57 -19.52
CA ALA J 97 19.49 11.72 -18.16
C ALA J 97 18.32 12.69 -18.10
N SER J 98 17.28 12.22 -17.42
CA SER J 98 15.93 12.81 -17.38
C SER J 98 14.98 11.89 -18.16
N LYS K 6 25.25 -38.74 8.84
CA LYS K 6 25.78 -38.30 7.55
C LYS K 6 25.13 -39.09 6.40
N LEU K 7 24.11 -39.88 6.74
CA LEU K 7 23.48 -40.85 5.83
C LEU K 7 22.11 -40.45 5.28
N GLN K 8 21.47 -39.48 5.92
CA GLN K 8 20.19 -38.98 5.43
C GLN K 8 20.36 -37.57 4.91
N PHE K 9 19.87 -37.35 3.69
CA PHE K 9 19.90 -36.02 3.10
C PHE K 9 18.54 -35.58 2.61
N VAL K 10 18.23 -34.32 2.84
CA VAL K 10 17.10 -33.72 2.15
C VAL K 10 17.67 -32.91 1.00
N LEU K 11 17.32 -33.30 -0.22
CA LEU K 11 17.72 -32.58 -1.40
C LEU K 11 16.53 -31.76 -1.88
N ARG K 12 16.79 -30.53 -2.33
CA ARG K 12 15.73 -29.66 -2.85
C ARG K 12 15.88 -29.55 -4.35
N PHE K 13 14.76 -29.61 -5.05
CA PHE K 13 14.81 -29.58 -6.51
C PHE K 13 14.24 -28.29 -7.07
N GLY K 14 14.91 -27.76 -8.09
CA GLY K 14 14.42 -26.61 -8.84
C GLY K 14 12.99 -26.84 -9.26
N ASP K 15 12.75 -27.90 -10.03
CA ASP K 15 11.40 -28.24 -10.40
C ASP K 15 11.31 -29.72 -10.59
N PHE K 16 10.09 -30.21 -10.73
CA PHE K 16 9.83 -31.63 -10.79
C PHE K 16 10.71 -32.31 -11.82
N GLU K 17 10.98 -31.63 -12.94
CA GLU K 17 11.68 -32.28 -14.04
C GLU K 17 13.01 -32.84 -13.58
N ASP K 18 13.62 -32.13 -12.63
CA ASP K 18 14.91 -32.55 -12.08
C ASP K 18 14.73 -33.81 -11.26
N VAL K 19 13.59 -33.93 -10.58
CA VAL K 19 13.28 -35.14 -9.85
C VAL K 19 13.15 -36.28 -10.86
N ILE K 20 12.38 -36.05 -11.91
CA ILE K 20 12.26 -37.03 -12.98
C ILE K 20 13.63 -37.39 -13.57
N SER K 21 14.41 -36.39 -13.93
CA SER K 21 15.77 -36.65 -14.42
C SER K 21 16.55 -37.55 -13.47
N LEU K 22 16.50 -37.21 -12.19
CA LEU K 22 17.20 -37.96 -11.18
C LEU K 22 16.70 -39.40 -11.12
N SER K 23 15.38 -39.55 -11.20
CA SER K 23 14.78 -40.87 -11.04
C SER K 23 15.25 -41.83 -12.12
N LYS K 24 15.67 -41.29 -13.25
CA LYS K 24 16.15 -42.11 -14.37
C LYS K 24 17.41 -42.87 -13.96
N LEU K 25 18.25 -42.20 -13.18
CA LEU K 25 19.44 -42.83 -12.60
C LEU K 25 19.00 -43.86 -11.57
N ASN K 26 19.78 -44.93 -11.40
CA ASN K 26 19.40 -45.96 -10.44
C ASN K 26 19.72 -45.62 -8.99
N VAL K 27 18.66 -45.42 -8.21
CA VAL K 27 18.79 -45.01 -6.81
C VAL K 27 19.91 -45.74 -6.10
N ASN K 28 20.07 -47.03 -6.41
CA ASN K 28 21.09 -47.86 -5.77
C ASN K 28 20.76 -48.18 -4.31
N GLY K 29 19.61 -48.82 -4.10
CA GLY K 29 19.25 -49.35 -2.81
C GLY K 29 19.06 -48.35 -1.68
N SER K 30 19.10 -47.06 -2.02
CA SER K 30 18.80 -46.04 -1.02
C SER K 30 17.31 -45.70 -1.04
N LYS K 31 16.71 -45.56 0.13
CA LYS K 31 15.30 -45.17 0.25
C LYS K 31 15.09 -43.67 -0.02
N THR K 32 14.25 -43.35 -0.98
CA THR K 32 13.97 -41.99 -1.33
C THR K 32 12.52 -41.66 -1.02
N THR K 33 12.33 -40.51 -0.39
CA THR K 33 10.99 -40.01 -0.12
C THR K 33 10.86 -38.62 -0.71
N LEU K 34 9.80 -38.42 -1.49
CA LEU K 34 9.63 -37.17 -2.21
C LEU K 34 8.58 -36.32 -1.53
N TYR K 35 8.97 -35.13 -1.12
CA TYR K 35 8.03 -34.18 -0.56
C TYR K 35 7.98 -32.98 -1.48
N SER K 36 6.90 -32.23 -1.40
CA SER K 36 6.89 -30.90 -1.97
C SER K 36 6.65 -29.97 -0.81
N PHE K 37 7.26 -28.80 -0.83
CA PHE K 37 7.07 -27.88 0.26
C PHE K 37 7.43 -26.48 -0.16
N GLU K 38 6.55 -25.55 0.18
CA GLU K 38 6.72 -24.17 -0.27
C GLU K 38 7.27 -24.12 -1.68
N ASN K 39 6.65 -24.90 -2.56
CA ASN K 39 6.89 -24.79 -4.00
C ASN K 39 8.23 -25.28 -4.42
N ARG K 40 8.81 -26.15 -3.62
CA ARG K 40 10.02 -26.81 -4.01
C ARG K 40 9.77 -28.29 -3.79
N TYR K 41 10.41 -29.13 -4.59
CA TYR K 41 10.38 -30.54 -4.29
C TYR K 41 11.58 -30.91 -3.44
N TYR K 42 11.32 -31.68 -2.40
CA TYR K 42 12.38 -32.17 -1.52
C TYR K 42 12.41 -33.66 -1.61
N LEU K 43 13.62 -34.21 -1.67
CA LEU K 43 13.80 -35.66 -1.74
C LEU K 43 14.54 -35.97 -0.47
N TYR K 44 13.90 -36.74 0.38
CA TYR K 44 14.62 -37.23 1.54
C TYR K 44 15.32 -38.50 1.09
N VAL K 45 16.64 -38.47 1.07
CA VAL K 45 17.40 -39.65 0.72
C VAL K 45 17.96 -40.31 1.96
N ASP K 46 17.70 -41.59 2.10
CA ASP K 46 18.26 -42.36 3.21
C ASP K 46 19.21 -43.40 2.62
N PHE K 47 20.52 -43.17 2.76
CA PHE K 47 21.51 -44.10 2.24
C PHE K 47 21.76 -45.22 3.23
N CYS K 48 20.93 -46.24 3.19
CA CYS K 48 21.07 -47.36 4.09
C CYS K 48 22.04 -48.40 3.52
N ASN K 49 22.91 -48.94 4.38
CA ASN K 49 23.84 -50.00 3.99
C ASN K 49 24.76 -49.58 2.84
N MET K 50 25.55 -48.54 3.10
CA MET K 50 26.40 -47.96 2.08
C MET K 50 27.63 -47.37 2.74
N THR K 51 28.81 -47.64 2.17
CA THR K 51 30.05 -47.08 2.73
C THR K 51 29.99 -45.59 2.67
N ASP K 52 30.75 -44.93 3.54
CA ASP K 52 30.84 -43.46 3.48
C ASP K 52 31.18 -42.99 2.08
N GLU K 53 32.11 -43.68 1.45
CA GLU K 53 32.47 -43.37 0.07
C GLU K 53 31.27 -43.52 -0.86
N GLU K 54 30.58 -44.66 -0.79
CA GLU K 54 29.40 -44.90 -1.62
C GLU K 54 28.38 -43.79 -1.49
N VAL K 55 28.16 -43.36 -0.24
CA VAL K 55 27.27 -42.25 0.04
C VAL K 55 27.74 -40.99 -0.70
N GLU K 56 28.95 -40.55 -0.38
CA GLU K 56 29.48 -39.34 -1.03
C GLU K 56 29.39 -39.43 -2.56
N ASN K 57 29.77 -40.57 -3.13
CA ASN K 57 29.63 -40.81 -4.54
C ASN K 57 28.19 -40.69 -5.00
N GLN K 58 27.33 -41.51 -4.42
CA GLN K 58 25.90 -41.48 -4.78
C GLN K 58 25.34 -40.07 -4.60
N LEU K 59 25.74 -39.43 -3.51
CA LEU K 59 25.25 -38.11 -3.19
C LEU K 59 25.64 -37.12 -4.28
N SER K 60 26.88 -37.24 -4.74
CA SER K 60 27.43 -36.31 -5.72
C SER K 60 26.70 -36.46 -7.04
N ILE K 61 26.13 -37.64 -7.26
CA ILE K 61 25.32 -37.84 -8.45
C ILE K 61 23.97 -37.19 -8.24
N LEU K 62 23.36 -37.48 -7.09
CA LEU K 62 22.13 -36.83 -6.71
C LEU K 62 22.26 -35.31 -6.82
N LEU K 63 23.35 -34.77 -6.29
CA LEU K 63 23.51 -33.32 -6.22
C LEU K 63 23.66 -32.66 -7.57
N GLU K 64 23.72 -33.46 -8.63
CA GLU K 64 23.74 -32.88 -9.96
C GLU K 64 22.38 -32.32 -10.26
N TYR K 65 21.39 -32.83 -9.53
CA TYR K 65 20.01 -32.58 -9.89
C TYR K 65 19.26 -31.79 -8.82
N ALA K 66 19.88 -31.67 -7.66
CA ALA K 66 19.21 -31.05 -6.52
C ALA K 66 20.25 -30.44 -5.64
N THR K 67 19.91 -29.38 -4.94
CA THR K 67 20.88 -28.89 -4.00
C THR K 67 20.53 -29.50 -2.65
N GLU K 68 21.54 -29.77 -1.84
CA GLU K 68 21.26 -30.23 -0.49
C GLU K 68 20.55 -29.11 0.28
N SER K 69 19.63 -29.49 1.17
CA SER K 69 18.76 -28.53 1.82
C SER K 69 19.01 -28.47 3.31
N SER K 70 18.90 -27.28 3.87
CA SER K 70 19.00 -27.09 5.30
C SER K 70 17.78 -27.66 5.96
N ILE K 71 16.72 -27.85 5.18
CA ILE K 71 15.43 -28.12 5.78
C ILE K 71 15.44 -29.37 6.65
N SER K 72 14.69 -29.32 7.73
CA SER K 72 14.54 -30.48 8.59
C SER K 72 13.62 -31.49 7.92
N ILE K 73 14.02 -32.75 7.88
CA ILE K 73 13.13 -33.77 7.37
C ILE K 73 11.84 -33.77 8.17
N HIS K 74 11.91 -33.30 9.42
CA HIS K 74 10.71 -33.16 10.24
C HIS K 74 9.80 -32.07 9.73
N ARG K 75 10.40 -30.94 9.36
CA ARG K 75 9.61 -29.83 8.85
C ARG K 75 8.84 -30.35 7.62
N LEU K 76 9.52 -31.08 6.76
CA LEU K 76 8.88 -31.66 5.58
C LEU K 76 7.77 -32.60 6.01
N GLU K 77 8.11 -33.56 6.87
CA GLU K 77 7.13 -34.55 7.33
C GLU K 77 5.89 -33.83 7.80
N GLU K 78 6.09 -32.87 8.70
CA GLU K 78 4.97 -32.20 9.32
C GLU K 78 4.24 -31.32 8.34
N TYR K 79 4.95 -30.37 7.74
CA TYR K 79 4.30 -29.30 7.00
C TYR K 79 4.33 -29.50 5.50
N GLY K 80 5.03 -30.54 5.06
CA GLY K 80 5.18 -30.73 3.62
C GLY K 80 4.23 -31.74 3.03
N LYS K 81 4.01 -31.65 1.73
CA LYS K 81 3.25 -32.66 1.02
C LYS K 81 4.12 -33.89 0.73
N LEU K 82 3.74 -35.02 1.29
CA LEU K 82 4.38 -36.28 0.98
C LEU K 82 3.83 -36.74 -0.36
N ILE K 83 4.73 -36.88 -1.33
CA ILE K 83 4.32 -37.28 -2.67
C ILE K 83 4.55 -38.78 -2.83
N ILE K 84 5.70 -39.26 -2.38
CA ILE K 84 5.98 -40.68 -2.42
C ILE K 84 6.97 -40.99 -1.31
N SER K 85 6.68 -41.97 -0.48
CA SER K 85 7.62 -42.37 0.55
C SER K 85 8.38 -43.61 0.12
N GLU K 86 9.50 -43.88 0.79
CA GLU K 86 10.26 -45.10 0.55
C GLU K 86 10.98 -45.12 -0.80
N HIS K 87 10.20 -45.13 -1.87
CA HIS K 87 10.67 -45.52 -3.19
C HIS K 87 10.28 -44.43 -4.19
N ALA K 88 10.47 -43.18 -3.80
CA ALA K 88 10.11 -42.02 -4.62
C ALA K 88 10.74 -42.05 -6.01
N LEU K 89 12.05 -42.19 -6.08
CA LEU K 89 12.72 -42.15 -7.38
C LEU K 89 12.29 -43.35 -8.24
N GLU K 90 12.24 -44.52 -7.63
CA GLU K 90 11.79 -45.73 -8.33
C GLU K 90 10.42 -45.47 -8.94
N THR K 91 9.53 -44.89 -8.14
CA THR K 91 8.19 -44.58 -8.57
C THR K 91 8.13 -43.48 -9.65
N ILE K 92 8.87 -42.40 -9.43
CA ILE K 92 8.96 -41.33 -10.41
C ILE K 92 9.47 -41.88 -11.74
N LYS K 93 10.48 -42.74 -11.68
CA LYS K 93 11.03 -43.36 -12.86
C LYS K 93 9.96 -44.18 -13.55
N LYS K 94 9.28 -45.02 -12.76
CA LYS K 94 8.22 -45.87 -13.26
C LYS K 94 7.21 -45.08 -14.08
N HIS K 95 6.84 -43.91 -13.59
CA HIS K 95 5.76 -43.18 -14.21
C HIS K 95 6.17 -42.07 -15.17
N PHE K 96 7.41 -41.58 -15.05
CA PHE K 96 7.86 -40.42 -15.85
C PHE K 96 9.05 -40.69 -16.77
N ALA K 97 9.85 -41.71 -16.47
CA ALA K 97 11.04 -41.98 -17.26
C ALA K 97 10.65 -42.75 -18.51
N HIS L 95 28.03 7.62 -33.61
CA HIS L 95 28.65 7.31 -32.33
C HIS L 95 28.57 5.84 -31.90
N PHE L 96 27.63 5.08 -32.47
CA PHE L 96 27.41 3.71 -32.00
C PHE L 96 27.62 2.63 -33.04
N ALA L 97 27.47 2.97 -34.31
CA ALA L 97 27.61 1.99 -35.37
C ALA L 97 29.07 1.71 -35.66
N SER L 98 29.38 0.42 -35.73
CA SER L 98 30.73 -0.16 -35.72
C SER L 98 31.00 -0.80 -34.36
N LYS M 6 -43.82 -8.09 18.09
CA LYS M 6 -42.55 -7.38 18.20
C LYS M 6 -42.24 -6.70 16.86
N LEU M 7 -43.12 -5.79 16.43
CA LEU M 7 -43.27 -5.35 15.02
C LEU M 7 -43.10 -3.86 14.68
N GLN M 8 -43.20 -2.99 15.69
CA GLN M 8 -42.98 -1.56 15.48
C GLN M 8 -41.71 -1.13 16.20
N PHE M 9 -40.86 -0.39 15.49
CA PHE M 9 -39.64 0.10 16.07
C PHE M 9 -39.49 1.57 15.79
N VAL M 10 -38.91 2.27 16.76
CA VAL M 10 -38.53 3.65 16.54
C VAL M 10 -37.03 3.61 16.48
N LEU M 11 -36.49 3.94 15.32
CA LEU M 11 -35.06 4.00 15.15
C LEU M 11 -34.65 5.46 15.20
N ARG M 12 -33.53 5.73 15.86
CA ARG M 12 -32.98 7.09 15.94
C ARG M 12 -31.76 7.20 15.04
N PHE M 13 -31.66 8.31 14.32
CA PHE M 13 -30.56 8.49 13.40
C PHE M 13 -29.57 9.56 13.86
N GLY M 14 -28.28 9.25 13.69
CA GLY M 14 -27.19 10.19 13.92
C GLY M 14 -27.48 11.52 13.24
N ASP M 15 -27.62 11.47 11.91
CA ASP M 15 -28.06 12.63 11.18
C ASP M 15 -28.84 12.21 9.95
N PHE M 16 -29.40 13.19 9.26
CA PHE M 16 -30.26 12.91 8.14
C PHE M 16 -29.61 11.99 7.11
N GLU M 17 -28.33 12.20 6.85
CA GLU M 17 -27.62 11.40 5.84
C GLU M 17 -27.83 9.91 6.03
N ASP M 18 -27.86 9.48 7.28
CA ASP M 18 -28.09 8.08 7.59
C ASP M 18 -29.49 7.66 7.18
N VAL M 19 -30.45 8.58 7.31
CA VAL M 19 -31.81 8.33 6.85
C VAL M 19 -31.81 8.17 5.34
N ILE M 20 -31.14 9.11 4.67
CA ILE M 20 -30.96 9.01 3.23
C ILE M 20 -30.28 7.70 2.84
N SER M 21 -29.19 7.36 3.55
CA SER M 21 -28.48 6.10 3.25
C SER M 21 -29.40 4.91 3.36
N LEU M 22 -30.20 4.90 4.41
CA LEU M 22 -31.14 3.83 4.66
C LEU M 22 -32.16 3.77 3.56
N SER M 23 -32.63 4.94 3.10
CA SER M 23 -33.76 5.00 2.17
C SER M 23 -33.37 4.38 0.84
N LYS M 24 -32.08 4.35 0.57
CA LYS M 24 -31.55 3.74 -0.64
C LYS M 24 -31.87 2.24 -0.68
N LEU M 25 -31.75 1.58 0.46
CA LEU M 25 -32.14 0.18 0.61
C LEU M 25 -33.66 0.09 0.46
N ASN M 26 -34.17 -1.04 -0.03
CA ASN M 26 -35.62 -1.18 -0.21
C ASN M 26 -36.38 -1.55 1.06
N GLY M 29 -41.83 -3.27 1.95
CA GLY M 29 -43.23 -3.34 2.31
C GLY M 29 -43.56 -2.94 3.73
N SER M 30 -42.55 -2.47 4.46
CA SER M 30 -42.79 -1.97 5.80
C SER M 30 -43.07 -0.46 5.78
N LYS M 31 -44.08 -0.03 6.54
CA LYS M 31 -44.43 1.39 6.61
C LYS M 31 -43.43 2.16 7.48
N THR M 32 -42.80 3.16 6.89
CA THR M 32 -41.85 4.00 7.63
C THR M 32 -42.39 5.41 7.82
N THR M 33 -42.24 5.91 9.03
CA THR M 33 -42.62 7.30 9.31
C THR M 33 -41.44 8.02 9.90
N LEU M 34 -41.09 9.15 9.33
CA LEU M 34 -39.90 9.86 9.75
C LEU M 34 -40.26 11.04 10.61
N TYR M 35 -39.74 11.08 11.82
CA TYR M 35 -39.93 12.21 12.71
C TYR M 35 -38.57 12.80 12.95
N SER M 36 -38.54 14.08 13.35
CA SER M 36 -37.33 14.63 13.93
C SER M 36 -37.77 15.01 15.34
N PHE M 37 -36.85 14.94 16.28
CA PHE M 37 -37.19 15.29 17.65
C PHE M 37 -35.95 15.53 18.46
N GLU M 38 -35.96 16.64 19.19
CA GLU M 38 -34.78 17.00 19.93
C GLU M 38 -33.52 16.71 19.11
N ASN M 39 -33.53 17.14 17.85
CA ASN M 39 -32.30 17.17 17.05
C ASN M 39 -31.78 15.80 16.69
N ARG M 40 -32.69 14.84 16.68
CA ARG M 40 -32.38 13.52 16.17
C ARG M 40 -33.49 13.17 15.19
N TYR M 41 -33.17 12.40 14.17
CA TYR M 41 -34.23 11.89 13.33
C TYR M 41 -34.67 10.53 13.85
N TYR M 42 -35.98 10.35 13.96
CA TYR M 42 -36.53 9.07 14.35
C TYR M 42 -37.32 8.49 13.21
N LEU M 43 -37.16 7.19 13.01
CA LEU M 43 -37.89 6.47 11.98
C LEU M 43 -38.78 5.51 12.70
N TYR M 44 -40.07 5.70 12.57
CA TYR M 44 -40.99 4.73 13.09
C TYR M 44 -41.20 3.68 12.01
N VAL M 45 -40.66 2.50 12.25
CA VAL M 45 -40.81 1.39 11.32
C VAL M 45 -41.92 0.48 11.77
N ASP M 46 -42.89 0.25 10.89
CA ASP M 46 -43.97 -0.69 11.18
C ASP M 46 -43.83 -1.88 10.21
N PHE M 47 -43.34 -3.01 10.72
CA PHE M 47 -43.17 -4.20 9.91
C PHE M 47 -44.47 -4.97 9.80
N CYS M 48 -45.31 -4.57 8.84
CA CYS M 48 -46.58 -5.23 8.64
C CYS M 48 -46.44 -6.43 7.68
N ASN M 49 -47.09 -7.53 8.03
CA ASN M 49 -47.10 -8.73 7.20
C ASN M 49 -45.71 -9.27 6.93
N MET M 50 -45.02 -9.64 8.01
CA MET M 50 -43.64 -10.08 7.92
C MET M 50 -43.36 -11.12 9.01
N THR M 51 -42.68 -12.22 8.67
CA THR M 51 -42.37 -13.23 9.68
C THR M 51 -41.48 -12.62 10.71
N ASP M 52 -41.48 -13.18 11.91
CA ASP M 52 -40.56 -12.72 12.95
C ASP M 52 -39.12 -12.68 12.42
N GLU M 53 -38.73 -13.72 11.69
CA GLU M 53 -37.41 -13.76 11.09
C GLU M 53 -37.22 -12.57 10.13
N GLU M 54 -38.20 -12.32 9.27
CA GLU M 54 -38.11 -11.23 8.29
C GLU M 54 -37.92 -9.89 8.97
N VAL M 55 -38.67 -9.69 10.04
CA VAL M 55 -38.55 -8.50 10.85
C VAL M 55 -37.11 -8.38 11.39
N GLU M 56 -36.67 -9.36 12.16
CA GLU M 56 -35.31 -9.32 12.70
C GLU M 56 -34.27 -9.07 11.60
N ASN M 57 -34.40 -9.76 10.48
CA ASN M 57 -33.51 -9.54 9.34
C ASN M 57 -33.59 -8.11 8.87
N GLN M 58 -34.78 -7.67 8.52
CA GLN M 58 -34.97 -6.33 8.00
C GLN M 58 -34.47 -5.33 9.02
N LEU M 59 -34.78 -5.59 10.28
CA LEU M 59 -34.43 -4.69 11.37
C LEU M 59 -32.91 -4.56 11.47
N SER M 60 -32.21 -5.69 11.35
CA SER M 60 -30.77 -5.71 11.45
C SER M 60 -30.13 -4.90 10.34
N ILE M 61 -30.83 -4.81 9.20
CA ILE M 61 -30.35 -3.97 8.12
C ILE M 61 -30.56 -2.51 8.49
N LEU M 62 -31.78 -2.21 8.93
CA LEU M 62 -32.11 -0.86 9.38
C LEU M 62 -31.12 -0.41 10.43
N LEU M 63 -30.83 -1.29 11.38
CA LEU M 63 -29.98 -0.94 12.51
C LEU M 63 -28.53 -0.67 12.13
N GLU M 64 -28.21 -0.85 10.87
CA GLU M 64 -26.88 -0.48 10.39
C GLU M 64 -26.78 1.03 10.33
N TYR M 65 -27.93 1.66 10.23
CA TYR M 65 -27.98 3.09 9.95
C TYR M 65 -28.59 3.89 11.09
N ALA M 66 -29.17 3.20 12.07
CA ALA M 66 -29.86 3.87 13.14
C ALA M 66 -29.78 3.01 14.38
N THR M 67 -29.84 3.61 15.56
CA THR M 67 -29.91 2.80 16.76
C THR M 67 -31.36 2.76 17.20
N GLU M 68 -31.76 1.61 17.73
CA GLU M 68 -33.12 1.47 18.16
C GLU M 68 -33.28 2.43 19.30
N SER M 69 -34.48 3.00 19.45
CA SER M 69 -34.72 4.05 20.43
C SER M 69 -35.71 3.64 21.50
N SER M 70 -35.48 4.11 22.71
CA SER M 70 -36.41 3.87 23.81
C SER M 70 -37.66 4.69 23.57
N ILE M 71 -37.54 5.72 22.74
CA ILE M 71 -38.56 6.75 22.72
C ILE M 71 -39.89 6.15 22.37
N SER M 72 -40.94 6.71 22.97
CA SER M 72 -42.29 6.29 22.66
C SER M 72 -42.70 6.88 21.32
N ILE M 73 -43.23 6.05 20.44
CA ILE M 73 -43.78 6.57 19.19
C ILE M 73 -44.83 7.66 19.50
N HIS M 74 -45.44 7.61 20.69
CA HIS M 74 -46.39 8.63 21.09
C HIS M 74 -45.70 9.93 21.38
N ARG M 75 -44.56 9.84 22.04
CA ARG M 75 -43.79 11.04 22.35
C ARG M 75 -43.47 11.73 21.03
N LEU M 76 -42.98 10.96 20.06
CA LEU M 76 -42.71 11.49 18.72
C LEU M 76 -43.94 12.11 18.12
N GLU M 77 -45.02 11.35 18.06
CA GLU M 77 -46.26 11.82 17.48
C GLU M 77 -46.61 13.18 18.08
N GLU M 78 -46.68 13.21 19.40
CA GLU M 78 -47.13 14.39 20.09
C GLU M 78 -46.14 15.53 19.94
N TYR M 79 -44.90 15.30 20.35
CA TYR M 79 -43.94 16.39 20.53
C TYR M 79 -42.92 16.52 19.40
N GLY M 80 -42.97 15.57 18.48
CA GLY M 80 -41.96 15.49 17.43
C GLY M 80 -42.44 16.05 16.11
N LYS M 81 -41.49 16.45 15.26
CA LYS M 81 -41.81 16.92 13.92
C LYS M 81 -42.02 15.73 13.02
N LEU M 82 -43.24 15.58 12.52
CA LEU M 82 -43.51 14.58 11.50
C LEU M 82 -43.00 15.08 10.15
N ILE M 83 -42.06 14.35 9.60
CA ILE M 83 -41.44 14.77 8.36
C ILE M 83 -42.08 14.05 7.19
N ILE M 84 -42.26 12.74 7.36
CA ILE M 84 -43.00 11.97 6.37
C ILE M 84 -43.67 10.79 7.07
N SER M 85 -44.96 10.61 6.83
CA SER M 85 -45.65 9.45 7.37
C SER M 85 -45.77 8.36 6.33
N GLU M 86 -46.01 7.14 6.78
CA GLU M 86 -46.31 6.01 5.90
C GLU M 86 -45.08 5.52 5.14
N HIS M 87 -44.59 6.39 4.26
CA HIS M 87 -43.68 6.01 3.20
C HIS M 87 -42.44 6.91 3.26
N ALA M 88 -41.93 7.13 4.47
CA ALA M 88 -40.79 8.01 4.71
C ALA M 88 -39.57 7.61 3.89
N LEU M 89 -39.13 6.35 4.01
CA LEU M 89 -37.93 5.92 3.29
C LEU M 89 -38.12 5.99 1.78
N GLU M 90 -39.25 5.51 1.32
CA GLU M 90 -39.59 5.58 -0.11
C GLU M 90 -39.47 7.02 -0.58
N THR M 91 -40.05 7.95 0.19
CA THR M 91 -40.01 9.37 -0.14
C THR M 91 -38.59 9.96 -0.05
N ILE M 92 -37.86 9.60 1.01
CA ILE M 92 -36.49 10.08 1.16
C ILE M 92 -35.66 9.63 -0.02
N LYS M 93 -35.79 8.36 -0.39
CA LYS M 93 -35.09 7.82 -1.54
C LYS M 93 -35.46 8.60 -2.80
N LYS M 94 -36.75 8.78 -3.01
CA LYS M 94 -37.26 9.51 -4.17
C LYS M 94 -36.55 10.85 -4.30
N HIS M 95 -36.36 11.54 -3.19
CA HIS M 95 -35.82 12.90 -3.25
C HIS M 95 -34.32 13.02 -3.02
N PHE M 96 -33.72 12.03 -2.38
CA PHE M 96 -32.33 12.16 -1.98
C PHE M 96 -31.40 11.13 -2.55
N ALA M 97 -31.94 9.98 -2.93
CA ALA M 97 -31.11 8.91 -3.46
C ALA M 97 -30.77 9.16 -4.93
N GLN N 5 16.26 43.73 12.44
CA GLN N 5 15.97 42.34 12.02
C GLN N 5 16.11 41.31 13.17
N LYS N 6 14.97 40.77 13.59
CA LYS N 6 14.76 40.11 14.89
C LYS N 6 15.59 38.85 15.11
N LEU N 7 16.22 38.73 16.28
CA LEU N 7 17.06 37.56 16.58
C LEU N 7 16.50 36.63 17.65
N GLN N 8 15.61 37.14 18.50
CA GLN N 8 14.94 36.31 19.49
C GLN N 8 13.46 36.15 19.15
N PHE N 9 13.00 34.91 19.17
CA PHE N 9 11.60 34.64 18.92
C PHE N 9 11.02 33.73 19.97
N VAL N 10 9.78 34.00 20.32
CA VAL N 10 9.04 33.07 21.14
C VAL N 10 8.08 32.38 20.20
N LEU N 11 8.25 31.08 20.04
CA LEU N 11 7.37 30.28 19.22
C LEU N 11 6.40 29.55 20.15
N ARG N 12 5.13 29.48 19.77
CA ARG N 12 4.14 28.73 20.54
C ARG N 12 3.81 27.46 19.81
N PHE N 13 3.66 26.37 20.57
CA PHE N 13 3.41 25.07 19.96
C PHE N 13 2.02 24.55 20.26
N GLY N 14 1.41 23.91 19.26
CA GLY N 14 0.10 23.29 19.40
C GLY N 14 0.10 22.31 20.55
N ASP N 15 1.03 21.36 20.49
CA ASP N 15 1.24 20.46 21.61
C ASP N 15 2.67 19.98 21.63
N PHE N 16 3.02 19.25 22.68
CA PHE N 16 4.39 18.86 22.90
C PHE N 16 4.98 18.16 21.69
N GLU N 17 4.17 17.33 21.05
CA GLU N 17 4.62 16.53 19.90
C GLU N 17 5.32 17.37 18.85
N ASP N 18 4.82 18.58 18.67
CA ASP N 18 5.39 19.51 17.70
C ASP N 18 6.78 19.96 18.17
N VAL N 19 6.92 20.14 19.48
CA VAL N 19 8.21 20.44 20.04
C VAL N 19 9.16 19.28 19.77
N ILE N 20 8.70 18.06 20.05
CA ILE N 20 9.50 16.88 19.76
C ILE N 20 9.83 16.83 18.28
N SER N 21 8.84 17.06 17.43
CA SER N 21 9.07 17.03 15.99
C SER N 21 10.16 18.01 15.58
N LEU N 22 10.08 19.21 16.14
CA LEU N 22 11.03 20.26 15.85
C LEU N 22 12.43 19.87 16.33
N SER N 23 12.50 19.28 17.51
CA SER N 23 13.77 18.95 18.12
C SER N 23 14.56 17.98 17.25
N LYS N 24 13.86 17.22 16.42
CA LYS N 24 14.49 16.24 15.53
C LYS N 24 15.38 16.93 14.49
N LEU N 25 14.93 18.08 14.00
CA LEU N 25 15.72 18.94 13.13
C LEU N 25 16.91 19.51 13.89
N SER N 30 22.15 28.35 17.92
CA SER N 30 20.76 28.71 18.17
C SER N 30 20.27 28.16 19.51
N LYS N 31 20.29 29.01 20.54
CA LYS N 31 19.89 28.64 21.91
C LYS N 31 18.37 28.57 22.04
N THR N 32 17.88 27.42 22.44
CA THR N 32 16.45 27.24 22.61
C THR N 32 16.08 27.04 24.07
N THR N 33 15.02 27.72 24.50
CA THR N 33 14.52 27.54 25.84
C THR N 33 13.05 27.23 25.76
N LEU N 34 12.66 26.13 26.39
CA LEU N 34 11.29 25.65 26.31
C LEU N 34 10.53 26.03 27.55
N TYR N 35 9.44 26.76 27.36
CA TYR N 35 8.54 27.06 28.45
C TYR N 35 7.21 26.39 28.15
N SER N 36 6.40 26.18 29.19
CA SER N 36 4.99 25.90 28.99
C SER N 36 4.29 27.05 29.67
N PHE N 37 3.14 27.44 29.16
CA PHE N 37 2.41 28.54 29.75
C PHE N 37 0.98 28.52 29.28
N GLU N 38 0.06 28.60 30.23
CA GLU N 38 -1.37 28.54 29.93
C GLU N 38 -1.62 27.50 28.87
N ASN N 39 -1.05 26.32 29.10
CA ASN N 39 -1.36 25.13 28.32
C ASN N 39 -0.88 25.18 26.87
N ARG N 40 0.14 25.99 26.63
CA ARG N 40 0.83 26.01 25.37
C ARG N 40 2.31 25.85 25.65
N TYR N 41 3.02 25.24 24.73
CA TYR N 41 4.46 25.21 24.87
C TYR N 41 5.04 26.39 24.10
N TYR N 42 5.97 27.08 24.73
CA TYR N 42 6.64 28.18 24.09
C TYR N 42 8.13 27.87 24.01
N LEU N 43 8.70 28.14 22.85
CA LEU N 43 10.12 27.92 22.63
C LEU N 43 10.68 29.29 22.45
N TYR N 44 11.56 29.68 23.36
CA TYR N 44 12.26 30.92 23.16
C TYR N 44 13.50 30.57 22.34
N VAL N 45 13.53 31.03 21.10
CA VAL N 45 14.67 30.82 20.24
C VAL N 45 15.55 32.06 20.22
N ASP N 46 16.83 31.86 20.51
CA ASP N 46 17.79 32.94 20.39
C ASP N 46 18.76 32.58 19.26
N PHE N 47 18.63 33.25 18.13
CA PHE N 47 19.52 32.98 16.99
C PHE N 47 20.82 33.76 17.13
N CYS N 48 21.79 33.19 17.84
CA CYS N 48 23.04 33.89 18.08
C CYS N 48 24.02 33.54 16.97
N ASN N 49 24.77 34.54 16.49
CA ASN N 49 25.78 34.36 15.45
C ASN N 49 25.27 33.70 14.14
N MET N 50 24.39 34.39 13.44
CA MET N 50 23.69 33.90 12.27
C MET N 50 23.31 35.09 11.38
N THR N 51 23.47 34.97 10.08
CA THR N 51 23.05 36.06 9.23
C THR N 51 21.54 36.32 9.31
N ASP N 52 21.12 37.53 8.98
CA ASP N 52 19.69 37.80 8.89
C ASP N 52 19.02 36.73 8.04
N GLU N 53 19.62 36.40 6.91
CA GLU N 53 19.11 35.35 6.05
C GLU N 53 19.02 34.02 6.80
N GLU N 54 20.08 33.65 7.50
CA GLU N 54 20.13 32.38 8.20
C GLU N 54 19.00 32.32 9.20
N VAL N 55 18.79 33.44 9.90
CA VAL N 55 17.73 33.52 10.89
C VAL N 55 16.39 33.26 10.21
N GLU N 56 16.07 34.07 9.20
CA GLU N 56 14.81 33.91 8.49
C GLU N 56 14.64 32.48 7.99
N ASN N 57 15.68 31.94 7.39
CA ASN N 57 15.66 30.54 6.97
C ASN N 57 15.35 29.62 8.13
N GLN N 58 16.19 29.67 9.15
CA GLN N 58 16.06 28.76 10.29
C GLN N 58 14.69 28.96 10.92
N LEU N 59 14.26 30.21 10.98
CA LEU N 59 12.97 30.55 11.57
C LEU N 59 11.84 29.91 10.78
N SER N 60 11.95 29.98 9.46
CA SER N 60 10.91 29.45 8.58
C SER N 60 10.78 27.95 8.78
N ILE N 61 11.88 27.30 9.16
CA ILE N 61 11.82 25.87 9.43
C ILE N 61 11.13 25.66 10.76
N LEU N 62 11.55 26.44 11.74
CA LEU N 62 10.92 26.40 13.05
C LEU N 62 9.42 26.62 12.94
N LEU N 63 9.05 27.60 12.13
CA LEU N 63 7.65 27.99 12.01
C LEU N 63 6.76 26.94 11.36
N GLU N 64 7.36 25.86 10.90
CA GLU N 64 6.59 24.74 10.37
C GLU N 64 5.92 24.04 11.53
N TYR N 65 6.50 24.23 12.71
CA TYR N 65 6.11 23.42 13.85
C TYR N 65 5.52 24.23 14.98
N ALA N 66 5.61 25.55 14.84
CA ALA N 66 5.17 26.45 15.89
C ALA N 66 4.73 27.78 15.28
N THR N 67 3.79 28.47 15.91
CA THR N 67 3.45 29.79 15.40
C THR N 67 4.19 30.82 16.24
N GLU N 68 4.66 31.87 15.60
CA GLU N 68 5.37 32.88 16.33
C GLU N 68 4.35 33.46 17.31
N SER N 69 4.81 33.81 18.50
CA SER N 69 3.91 34.28 19.53
C SER N 69 4.15 35.73 19.89
N SER N 70 3.08 36.43 20.26
CA SER N 70 3.15 37.80 20.69
C SER N 70 3.75 37.83 22.07
N ILE N 71 3.75 36.69 22.74
CA ILE N 71 4.05 36.69 24.16
C ILE N 71 5.43 37.26 24.48
N SER N 72 5.53 37.96 25.60
CA SER N 72 6.80 38.48 26.00
C SER N 72 7.60 37.36 26.61
N ILE N 73 8.86 37.25 26.20
CA ILE N 73 9.75 36.27 26.81
C ILE N 73 9.80 36.52 28.34
N HIS N 74 9.52 37.74 28.75
CA HIS N 74 9.47 38.07 30.17
C HIS N 74 8.27 37.46 30.84
N ARG N 75 7.13 37.51 30.16
CA ARG N 75 5.91 36.92 30.68
C ARG N 75 6.15 35.43 30.90
N LEU N 76 6.76 34.79 29.92
CA LEU N 76 7.12 33.38 30.08
C LEU N 76 8.06 33.19 31.26
N GLU N 77 9.17 33.93 31.27
CA GLU N 77 10.15 33.81 32.33
C GLU N 77 9.47 33.89 33.69
N GLU N 78 8.70 34.96 33.89
CA GLU N 78 8.06 35.21 35.15
C GLU N 78 6.97 34.20 35.47
N TYR N 79 6.01 34.08 34.58
CA TYR N 79 4.78 33.35 34.87
C TYR N 79 4.73 31.95 34.26
N GLY N 80 5.71 31.63 33.44
CA GLY N 80 5.67 30.37 32.73
C GLY N 80 6.54 29.31 33.37
N LYS N 81 6.22 28.06 33.07
CA LYS N 81 7.04 26.93 33.49
C LYS N 81 8.24 26.78 32.57
N LEU N 82 9.43 26.95 33.13
CA LEU N 82 10.65 26.67 32.40
C LEU N 82 10.85 25.15 32.39
N ILE N 83 10.84 24.59 31.20
CA ILE N 83 11.00 23.16 31.04
C ILE N 83 12.46 22.84 30.76
N ILE N 84 13.07 23.60 29.86
CA ILE N 84 14.50 23.45 29.55
C ILE N 84 15.05 24.77 29.05
N SER N 85 16.13 25.24 29.66
CA SER N 85 16.78 26.46 29.19
C SER N 85 17.96 26.13 28.30
N GLU N 86 18.41 27.12 27.52
CA GLU N 86 19.61 26.98 26.72
C GLU N 86 19.42 26.03 25.51
N HIS N 87 19.22 24.76 25.83
CA HIS N 87 19.39 23.66 24.90
C HIS N 87 18.14 22.81 24.88
N ALA N 88 16.97 23.46 24.81
CA ALA N 88 15.69 22.79 24.88
C ALA N 88 15.53 21.76 23.78
N LEU N 89 15.72 22.17 22.53
CA LEU N 89 15.53 21.25 21.41
C LEU N 89 16.52 20.10 21.46
N GLU N 90 17.77 20.42 21.75
CA GLU N 90 18.82 19.42 21.84
C GLU N 90 18.38 18.39 22.87
N THR N 91 17.86 18.88 24.00
CA THR N 91 17.43 18.04 25.10
C THR N 91 16.19 17.23 24.77
N ILE N 92 15.22 17.88 24.12
CA ILE N 92 14.00 17.22 23.73
C ILE N 92 14.34 16.10 22.75
N LYS N 93 15.25 16.40 21.83
CA LYS N 93 15.67 15.41 20.85
C LYS N 93 16.31 14.23 21.55
N LYS N 94 17.25 14.54 22.45
CA LYS N 94 17.95 13.54 23.25
C LYS N 94 16.96 12.54 23.86
N HIS N 95 15.88 13.06 24.44
CA HIS N 95 14.97 12.24 25.20
C HIS N 95 13.75 11.72 24.44
N PHE N 96 13.37 12.37 23.34
CA PHE N 96 12.12 12.02 22.65
C PHE N 96 12.31 11.57 21.22
N ALA N 97 13.41 11.99 20.61
CA ALA N 97 13.63 11.67 19.20
C ALA N 97 14.15 10.24 19.07
N LEU O 7 -28.56 37.74 -9.79
CA LEU O 7 -29.88 37.35 -9.27
C LEU O 7 -30.06 35.85 -8.99
N GLN O 8 -29.28 35.00 -9.66
CA GLN O 8 -29.33 33.56 -9.39
C GLN O 8 -28.04 33.11 -8.71
N PHE O 9 -28.20 32.37 -7.61
CA PHE O 9 -27.06 31.87 -6.88
C PHE O 9 -27.21 30.39 -6.62
N VAL O 10 -26.09 29.68 -6.73
CA VAL O 10 -26.05 28.33 -6.25
C VAL O 10 -25.29 28.37 -4.93
N LEU O 11 -25.99 27.99 -3.87
CA LEU O 11 -25.39 27.94 -2.55
C LEU O 11 -25.09 26.48 -2.22
N ARG O 12 -23.94 26.22 -1.61
CA ARG O 12 -23.58 24.86 -1.22
C ARG O 12 -23.67 24.73 0.29
N PHE O 13 -24.25 23.64 0.75
CA PHE O 13 -24.43 23.45 2.17
C PHE O 13 -23.54 22.35 2.73
N GLY O 14 -23.00 22.62 3.91
CA GLY O 14 -22.19 21.68 4.66
C GLY O 14 -22.92 20.37 4.81
N ASP O 15 -24.11 20.42 5.42
CA ASP O 15 -24.95 19.24 5.45
C ASP O 15 -26.40 19.64 5.46
N PHE O 16 -27.27 18.65 5.33
CA PHE O 16 -28.68 18.93 5.16
C PHE O 16 -29.20 19.87 6.26
N GLU O 17 -28.70 19.68 7.48
CA GLU O 17 -29.21 20.42 8.63
C GLU O 17 -29.18 21.91 8.37
N ASP O 18 -28.16 22.34 7.63
CA ASP O 18 -28.04 23.75 7.32
C ASP O 18 -29.16 24.17 6.37
N VAL O 19 -29.51 23.27 5.45
CA VAL O 19 -30.65 23.54 4.57
C VAL O 19 -31.90 23.69 5.43
N ILE O 20 -32.10 22.76 6.35
CA ILE O 20 -33.23 22.83 7.25
C ILE O 20 -33.22 24.13 8.04
N SER O 21 -32.08 24.47 8.61
CA SER O 21 -31.93 25.72 9.35
C SER O 21 -32.33 26.90 8.51
N LEU O 22 -31.84 26.92 7.28
CA LEU O 22 -32.13 27.99 6.33
C LEU O 22 -33.60 28.06 6.02
N SER O 23 -34.23 26.89 5.85
CA SER O 23 -35.63 26.84 5.47
C SER O 23 -36.54 27.44 6.52
N LYS O 24 -36.07 27.48 7.76
CA LYS O 24 -36.84 28.07 8.86
C LYS O 24 -37.07 29.57 8.65
N LEU O 25 -36.05 30.23 8.12
CA LEU O 25 -36.14 31.63 7.70
C LEU O 25 -37.08 31.73 6.49
N ASN O 26 -37.77 32.86 6.36
CA ASN O 26 -38.69 33.02 5.23
C ASN O 26 -38.04 33.42 3.92
N VAL O 27 -38.08 32.49 2.96
CA VAL O 27 -37.43 32.67 1.68
C VAL O 27 -37.66 34.07 1.11
N SER O 30 -36.98 34.54 -3.80
CA SER O 30 -38.20 33.74 -3.89
C SER O 30 -37.93 32.27 -4.22
N LYS O 31 -37.56 31.96 -5.48
CA LYS O 31 -37.57 30.56 -5.91
C LYS O 31 -36.30 29.79 -5.53
N THR O 32 -36.47 28.75 -4.73
CA THR O 32 -35.34 27.95 -4.31
C THR O 32 -35.48 26.54 -4.87
N THR O 33 -34.39 26.02 -5.41
CA THR O 33 -34.36 24.65 -5.87
C THR O 33 -33.23 23.94 -5.18
N LEU O 34 -33.51 22.79 -4.58
CA LEU O 34 -32.51 22.06 -3.81
C LEU O 34 -31.96 20.89 -4.60
N TYR O 35 -30.65 20.87 -4.78
CA TYR O 35 -29.99 19.77 -5.43
C TYR O 35 -29.05 19.14 -4.42
N SER O 36 -28.73 17.88 -4.63
CA SER O 36 -27.59 17.29 -3.95
C SER O 36 -26.62 16.93 -5.05
N PHE O 37 -25.34 17.05 -4.78
CA PHE O 37 -24.36 16.71 -5.80
C PHE O 37 -23.01 16.45 -5.18
N GLU O 38 -22.40 15.32 -5.56
CA GLU O 38 -21.13 14.94 -4.97
C GLU O 38 -21.13 15.21 -3.46
N ASN O 39 -22.21 14.80 -2.80
CA ASN O 39 -22.25 14.78 -1.35
C ASN O 39 -22.28 16.15 -0.71
N ARG O 40 -22.77 17.10 -1.48
CA ARG O 40 -23.03 18.42 -0.95
C ARG O 40 -24.47 18.76 -1.35
N TYR O 41 -25.16 19.54 -0.53
CA TYR O 41 -26.44 20.05 -0.96
C TYR O 41 -26.25 21.40 -1.59
N TYR O 42 -26.91 21.61 -2.73
CA TYR O 42 -26.85 22.88 -3.43
C TYR O 42 -28.24 23.45 -3.52
N LEU O 43 -28.34 24.74 -3.23
CA LEU O 43 -29.59 25.46 -3.28
C LEU O 43 -29.41 26.44 -4.42
N TYR O 44 -30.22 26.27 -5.44
CA TYR O 44 -30.25 27.25 -6.50
C TYR O 44 -31.28 28.28 -6.08
N VAL O 45 -30.81 29.48 -5.77
CA VAL O 45 -31.69 30.56 -5.37
C VAL O 45 -31.91 31.49 -6.54
N ASP O 46 -33.16 31.74 -6.86
CA ASP O 46 -33.49 32.68 -7.92
C ASP O 46 -34.23 33.84 -7.28
N PHE O 47 -33.55 34.97 -7.13
CA PHE O 47 -34.15 36.15 -6.54
C PHE O 47 -34.95 36.94 -7.56
N CYS O 48 -36.18 36.53 -7.79
CA CYS O 48 -37.05 37.20 -8.75
C CYS O 48 -37.77 38.39 -8.10
N ASN O 49 -37.84 39.51 -8.83
CA ASN O 49 -38.55 40.70 -8.37
C ASN O 49 -38.06 41.24 -7.03
N MET O 50 -36.79 41.64 -7.01
CA MET O 50 -36.14 42.05 -5.78
C MET O 50 -35.07 43.07 -6.13
N THR O 51 -35.01 44.17 -5.38
CA THR O 51 -33.98 45.16 -5.64
C THR O 51 -32.60 44.55 -5.43
N ASP O 52 -31.60 45.14 -6.07
CA ASP O 52 -30.23 44.70 -5.84
C ASP O 52 -29.94 44.62 -4.35
N GLU O 53 -30.40 45.63 -3.61
CA GLU O 53 -30.17 45.66 -2.18
C GLU O 53 -30.86 44.48 -1.51
N GLU O 54 -32.13 44.26 -1.84
CA GLU O 54 -32.88 43.14 -1.29
C GLU O 54 -32.18 41.82 -1.51
N VAL O 55 -31.67 41.63 -2.73
CA VAL O 55 -30.92 40.44 -3.06
C VAL O 55 -29.71 40.30 -2.13
N GLU O 56 -28.83 41.30 -2.13
CA GLU O 56 -27.62 41.25 -1.30
C GLU O 56 -28.01 40.98 0.15
N ASN O 57 -29.02 41.67 0.65
CA ASN O 57 -29.51 41.44 2.00
C ASN O 57 -29.94 39.99 2.19
N GLN O 58 -30.88 39.55 1.37
CA GLN O 58 -31.42 38.20 1.47
C GLN O 58 -30.28 37.20 1.29
N LEU O 59 -29.39 37.49 0.36
CA LEU O 59 -28.26 36.61 0.10
C LEU O 59 -27.38 36.46 1.33
N SER O 60 -27.13 37.59 2.01
CA SER O 60 -26.25 37.60 3.19
C SER O 60 -26.88 36.78 4.31
N ILE O 61 -28.19 36.66 4.31
CA ILE O 61 -28.85 35.83 5.29
C ILE O 61 -28.67 34.37 4.89
N LEU O 62 -28.92 34.09 3.62
CA LEU O 62 -28.69 32.75 3.08
C LEU O 62 -27.25 32.31 3.36
N LEU O 63 -26.32 33.21 3.12
CA LEU O 63 -24.90 32.87 3.22
C LEU O 63 -24.46 32.56 4.63
N GLU O 64 -25.36 32.71 5.59
CA GLU O 64 -25.04 32.34 6.95
C GLU O 64 -25.04 30.84 7.04
N TYR O 65 -25.71 30.22 6.10
CA TYR O 65 -25.99 28.79 6.19
C TYR O 65 -25.35 27.98 5.08
N ALA O 66 -24.89 28.68 4.06
CA ALA O 66 -24.33 28.02 2.91
C ALA O 66 -23.24 28.90 2.30
N THR O 67 -22.24 28.30 1.68
CA THR O 67 -21.28 29.12 0.98
C THR O 67 -21.72 29.20 -0.49
N GLU O 68 -21.53 30.35 -1.10
CA GLU O 68 -21.82 30.48 -2.52
C GLU O 68 -20.90 29.55 -3.30
N SER O 69 -21.42 28.97 -4.37
CA SER O 69 -20.68 27.92 -5.07
C SER O 69 -20.34 28.35 -6.47
N SER O 70 -19.19 27.89 -6.94
CA SER O 70 -18.76 28.17 -8.29
C SER O 70 -19.59 27.34 -9.24
N ILE O 71 -20.22 26.30 -8.70
CA ILE O 71 -20.84 25.30 -9.55
C ILE O 71 -21.85 25.92 -10.51
N SER O 72 -21.89 25.37 -11.72
CA SER O 72 -22.88 25.78 -12.71
C SER O 72 -24.23 25.18 -12.36
N ILE O 73 -25.26 26.01 -12.33
CA ILE O 73 -26.59 25.47 -12.11
C ILE O 73 -26.87 24.39 -13.15
N HIS O 74 -26.21 24.47 -14.30
CA HIS O 74 -26.36 23.45 -15.34
C HIS O 74 -25.74 22.12 -14.93
N ARG O 75 -24.57 22.19 -14.31
CA ARG O 75 -23.89 21.01 -13.85
C ARG O 75 -24.83 20.29 -12.86
N LEU O 76 -25.42 21.07 -11.95
CA LEU O 76 -26.38 20.53 -11.00
C LEU O 76 -27.56 19.91 -11.73
N GLU O 77 -28.20 20.70 -12.58
CA GLU O 77 -29.36 20.22 -13.34
C GLU O 77 -29.04 18.88 -13.99
N GLU O 78 -27.94 18.84 -14.71
CA GLU O 78 -27.57 17.67 -15.47
C GLU O 78 -27.17 16.52 -14.55
N TYR O 79 -26.17 16.77 -13.72
CA TYR O 79 -25.48 15.69 -13.02
C TYR O 79 -25.89 15.55 -11.57
N GLY O 80 -26.71 16.50 -11.11
CA GLY O 80 -27.08 16.54 -9.71
C GLY O 80 -28.45 15.94 -9.44
N LYS O 81 -28.65 15.52 -8.19
CA LYS O 81 -29.95 15.05 -7.76
C LYS O 81 -30.86 16.24 -7.45
N LEU O 82 -31.95 16.34 -8.18
CA LEU O 82 -32.94 17.35 -7.87
C LEU O 82 -33.79 16.82 -6.72
N ILE O 83 -33.74 17.54 -5.61
CA ILE O 83 -34.45 17.13 -4.43
C ILE O 83 -35.80 17.85 -4.37
N ILE O 84 -35.78 19.15 -4.63
CA ILE O 84 -37.02 19.94 -4.69
C ILE O 84 -36.78 21.14 -5.60
N SER O 85 -37.63 21.33 -6.59
CA SER O 85 -37.55 22.51 -7.44
C SER O 85 -38.52 23.58 -6.99
N GLU O 86 -38.27 24.81 -7.43
CA GLU O 86 -39.18 25.92 -7.17
C GLU O 86 -39.19 26.41 -5.73
N HIS O 87 -39.65 25.52 -4.84
CA HIS O 87 -40.05 25.89 -3.49
C HIS O 87 -39.34 25.02 -2.48
N ALA O 88 -38.04 24.84 -2.68
CA ALA O 88 -37.23 23.94 -1.86
C ALA O 88 -37.28 24.29 -0.38
N LEU O 89 -36.93 25.53 -0.04
CA LEU O 89 -36.93 25.95 1.35
C LEU O 89 -38.31 25.86 1.96
N GLU O 90 -39.31 26.33 1.22
CA GLU O 90 -40.69 26.28 1.70
C GLU O 90 -41.05 24.83 2.04
N THR O 91 -40.64 23.93 1.17
CA THR O 91 -40.88 22.50 1.36
C THR O 91 -40.08 21.91 2.50
N ILE O 92 -38.81 22.24 2.57
CA ILE O 92 -37.94 21.77 3.63
C ILE O 92 -38.47 22.22 4.98
N LYS O 93 -38.91 23.46 5.04
CA LYS O 93 -39.51 24.01 6.26
C LYS O 93 -40.77 23.24 6.63
N LYS O 94 -41.64 23.05 5.65
CA LYS O 94 -42.88 22.30 5.84
C LYS O 94 -42.60 20.96 6.52
N HIS O 95 -41.57 20.26 6.06
CA HIS O 95 -41.33 18.90 6.51
C HIS O 95 -40.32 18.76 7.64
N PHE O 96 -39.44 19.75 7.79
CA PHE O 96 -38.37 19.61 8.78
C PHE O 96 -38.37 20.64 9.91
N ALA O 97 -38.98 21.80 9.67
CA ALA O 97 -38.99 22.87 10.65
C ALA O 97 -40.06 22.61 11.71
N GLN P 5 -0.41 -8.96 43.24
CA GLN P 5 0.26 -9.99 42.46
C GLN P 5 1.24 -9.36 41.48
N LYS P 6 0.72 -8.66 40.48
CA LYS P 6 1.58 -7.98 39.51
C LYS P 6 2.20 -6.72 40.12
N LEU P 7 3.53 -6.59 40.04
CA LEU P 7 4.23 -5.41 40.56
C LEU P 7 4.77 -4.45 39.50
N GLN P 8 4.96 -4.95 38.28
CA GLN P 8 5.44 -4.11 37.19
C GLN P 8 4.37 -3.96 36.16
N PHE P 9 4.13 -2.72 35.75
CA PHE P 9 3.14 -2.44 34.74
C PHE P 9 3.70 -1.52 33.68
N VAL P 10 3.31 -1.78 32.45
CA VAL P 10 3.57 -0.84 31.38
C VAL P 10 2.26 -0.17 31.10
N LEU P 11 2.21 1.13 31.32
CA LEU P 11 1.01 1.90 31.05
C LEU P 11 1.22 2.65 29.76
N ARG P 12 0.19 2.70 28.91
CA ARG P 12 0.27 3.45 27.67
C ARG P 12 -0.50 4.75 27.82
N PHE P 13 0.03 5.84 27.29
CA PHE P 13 -0.62 7.13 27.38
C PHE P 13 -1.12 7.64 26.03
N GLY P 14 -2.31 8.24 26.06
CA GLY P 14 -2.88 8.84 24.87
C GLY P 14 -1.92 9.86 24.27
N ASP P 15 -1.52 10.82 25.08
CA ASP P 15 -0.48 11.75 24.66
C ASP P 15 0.33 12.24 25.85
N PHE P 16 1.39 12.95 25.56
CA PHE P 16 2.32 13.35 26.60
C PHE P 16 1.59 14.05 27.75
N GLU P 17 0.62 14.87 27.43
CA GLU P 17 -0.06 15.66 28.46
C GLU P 17 -0.54 14.78 29.61
N ASP P 18 -1.00 13.59 29.27
CA ASP P 18 -1.47 12.66 30.29
C ASP P 18 -0.30 12.22 31.16
N VAL P 19 0.85 12.05 30.57
CA VAL P 19 2.04 11.74 31.34
C VAL P 19 2.30 12.90 32.30
N ILE P 20 2.29 14.11 31.77
CA ILE P 20 2.47 15.30 32.59
C ILE P 20 1.42 15.36 33.71
N SER P 21 0.16 15.18 33.34
CA SER P 21 -0.92 15.14 34.33
C SER P 21 -0.63 14.16 35.44
N LEU P 22 -0.26 12.95 35.05
CA LEU P 22 0.08 11.89 35.98
C LEU P 22 1.23 12.29 36.89
N SER P 23 2.24 12.93 36.31
CA SER P 23 3.46 13.27 37.03
C SER P 23 3.16 14.23 38.17
N LYS P 24 2.07 14.99 38.04
CA LYS P 24 1.67 15.94 39.07
C LYS P 24 1.31 15.23 40.39
N LEU P 25 0.66 14.08 40.26
CA LEU P 25 0.39 13.21 41.39
C LEU P 25 1.71 12.66 41.92
N ASN P 26 1.79 12.35 43.21
CA ASN P 26 3.02 11.81 43.77
C ASN P 26 3.20 10.31 43.54
N VAL P 27 4.22 9.98 42.76
CA VAL P 27 4.50 8.60 42.38
C VAL P 27 4.36 7.65 43.56
N ASN P 28 4.79 8.10 44.73
CA ASN P 28 4.76 7.26 45.93
C ASN P 28 5.77 6.14 45.88
N GLY P 29 7.05 6.52 45.73
CA GLY P 29 8.15 5.58 45.89
C GLY P 29 8.26 4.47 44.87
N SER P 30 7.40 4.54 43.86
CA SER P 30 7.49 3.59 42.75
C SER P 30 8.38 4.13 41.62
N LYS P 31 9.24 3.27 41.08
CA LYS P 31 10.15 3.64 40.02
C LYS P 31 9.39 3.67 38.71
N THR P 32 9.43 4.82 38.05
CA THR P 32 8.76 4.98 36.77
C THR P 32 9.78 5.18 35.66
N THR P 33 9.57 4.52 34.54
CA THR P 33 10.43 4.71 33.39
C THR P 33 9.56 5.05 32.19
N LEU P 34 9.89 6.14 31.52
CA LEU P 34 9.05 6.62 30.46
C LEU P 34 9.65 6.27 29.12
N TYR P 35 8.90 5.52 28.32
CA TYR P 35 9.30 5.22 26.96
C TYR P 35 8.30 5.88 26.01
N SER P 36 8.72 6.14 24.79
CA SER P 36 7.79 6.38 23.71
C SER P 36 7.98 5.22 22.73
N PHE P 37 6.90 4.79 22.11
CA PHE P 37 7.03 3.72 21.16
C PHE P 37 5.86 3.74 20.21
N GLU P 38 6.16 3.66 18.92
CA GLU P 38 5.12 3.71 17.91
C GLU P 38 4.10 4.77 18.28
N ASN P 39 4.60 5.93 18.68
CA ASN P 39 3.75 7.11 18.80
C ASN P 39 2.80 7.04 19.96
N ARG P 40 3.16 6.24 20.94
CA ARG P 40 2.47 6.23 22.21
C ARG P 40 3.55 6.42 23.30
N TYR P 41 3.18 7.04 24.41
CA TYR P 41 4.09 7.03 25.55
C TYR P 41 3.76 5.85 26.46
N TYR P 42 4.80 5.12 26.84
CA TYR P 42 4.64 4.02 27.78
C TYR P 42 5.37 4.35 29.05
N LEU P 43 4.69 4.08 30.16
CA LEU P 43 5.29 4.29 31.49
C LEU P 43 5.47 2.91 32.07
N TYR P 44 6.72 2.52 32.27
CA TYR P 44 6.97 1.30 32.98
C TYR P 44 6.98 1.64 34.45
N VAL P 45 5.97 1.15 35.15
CA VAL P 45 5.86 1.37 36.59
C VAL P 45 6.34 0.15 37.34
N ASP P 46 7.25 0.37 38.28
CA ASP P 46 7.72 -0.73 39.11
C ASP P 46 7.33 -0.39 40.53
N PHE P 47 6.32 -1.09 41.06
CA PHE P 47 5.87 -0.83 42.41
C PHE P 47 6.70 -1.61 43.42
N CYS P 48 7.80 -1.02 43.83
CA CYS P 48 8.70 -1.70 44.75
C CYS P 48 8.32 -1.37 46.20
N ASN P 49 8.35 -2.39 47.05
CA ASN P 49 8.04 -2.23 48.48
C ASN P 49 6.66 -1.63 48.74
N MET P 50 5.64 -2.33 48.25
CA MET P 50 4.26 -1.87 48.32
C MET P 50 3.31 -3.05 48.48
N THR P 51 2.36 -2.97 49.43
CA THR P 51 1.40 -4.05 49.61
C THR P 51 0.63 -4.24 48.32
N ASP P 52 0.11 -5.45 48.13
CA ASP P 52 -0.75 -5.69 46.98
C ASP P 52 -1.85 -4.62 46.87
N GLU P 53 -2.46 -4.30 48.01
CA GLU P 53 -3.49 -3.28 48.07
C GLU P 53 -2.92 -1.95 47.57
N GLU P 54 -1.76 -1.57 48.11
CA GLU P 54 -1.11 -0.29 47.74
C GLU P 54 -0.89 -0.21 46.26
N VAL P 55 -0.39 -1.31 45.70
CA VAL P 55 -0.21 -1.40 44.26
C VAL P 55 -1.53 -1.15 43.55
N GLU P 56 -2.54 -1.97 43.84
CA GLU P 56 -3.82 -1.82 43.17
C GLU P 56 -4.34 -0.38 43.30
N ASN P 57 -4.28 0.16 44.51
CA ASN P 57 -4.67 1.54 44.74
C ASN P 57 -3.90 2.49 43.86
N GLN P 58 -2.58 2.44 43.97
CA GLN P 58 -1.70 3.34 43.22
C GLN P 58 -1.94 3.14 41.74
N LEU P 59 -2.08 1.89 41.34
CA LEU P 59 -2.31 1.57 39.94
C LEU P 59 -3.60 2.20 39.44
N SER P 60 -4.64 2.12 40.26
CA SER P 60 -5.95 2.64 39.88
C SER P 60 -5.89 4.14 39.68
N ILE P 61 -4.97 4.79 40.37
CA ILE P 61 -4.79 6.22 40.19
C ILE P 61 -4.07 6.45 38.89
N LEU P 62 -3.02 5.67 38.67
CA LEU P 62 -2.26 5.74 37.42
C LEU P 62 -3.19 5.52 36.26
N LEU P 63 -4.05 4.52 36.37
CA LEU P 63 -4.88 4.11 35.26
C LEU P 63 -5.92 5.15 34.91
N GLU P 64 -5.96 6.23 35.68
CA GLU P 64 -6.86 7.32 35.32
C GLU P 64 -6.28 8.05 34.11
N TYR P 65 -4.97 7.94 33.95
CA TYR P 65 -4.26 8.73 32.98
C TYR P 65 -3.69 7.90 31.83
N ALA P 66 -3.73 6.59 31.99
CA ALA P 66 -3.10 5.71 31.04
C ALA P 66 -3.86 4.40 31.01
N THR P 67 -3.83 3.70 29.89
CA THR P 67 -4.40 2.36 29.92
C THR P 67 -3.24 1.38 30.10
N GLU P 68 -3.49 0.30 30.82
CA GLU P 68 -2.47 -0.72 30.99
C GLU P 68 -2.22 -1.31 29.62
N SER P 69 -0.98 -1.70 29.36
CA SER P 69 -0.59 -2.13 28.03
C SER P 69 -0.16 -3.58 28.02
N SER P 70 -0.46 -4.27 26.93
CA SER P 70 -0.01 -5.63 26.74
C SER P 70 1.49 -5.63 26.49
N ILE P 71 2.04 -4.49 26.14
CA ILE P 71 3.37 -4.48 25.55
C ILE P 71 4.38 -5.03 26.52
N SER P 72 5.38 -5.71 25.99
CA SER P 72 6.45 -6.23 26.82
C SER P 72 7.39 -5.10 27.17
N ILE P 73 7.74 -5.01 28.45
CA ILE P 73 8.71 -4.02 28.84
C ILE P 73 10.02 -4.25 28.07
N HIS P 74 10.23 -5.47 27.59
CA HIS P 74 11.39 -5.77 26.75
C HIS P 74 11.27 -5.15 25.38
N ARG P 75 10.08 -5.23 24.81
CA ARG P 75 9.84 -4.63 23.51
C ARG P 75 10.15 -3.13 23.60
N LEU P 76 9.64 -2.50 24.65
CA LEU P 76 9.94 -1.10 24.88
C LEU P 76 11.45 -0.86 25.02
N GLU P 77 12.08 -1.65 25.90
CA GLU P 77 13.50 -1.52 26.15
C GLU P 77 14.25 -1.57 24.84
N GLU P 78 13.99 -2.62 24.09
CA GLU P 78 14.70 -2.86 22.84
C GLU P 78 14.37 -1.82 21.79
N TYR P 79 13.09 -1.70 21.47
CA TYR P 79 12.68 -0.99 20.27
C TYR P 79 12.12 0.39 20.54
N GLY P 80 11.97 0.70 21.81
CA GLY P 80 11.35 1.96 22.18
C GLY P 80 12.34 3.03 22.57
N LYS P 81 11.91 4.27 22.50
CA LYS P 81 12.72 5.41 22.94
C LYS P 81 12.65 5.57 24.45
N LEU P 82 13.78 5.45 25.12
CA LEU P 82 13.82 5.67 26.53
C LEU P 82 13.89 7.16 26.75
N ILE P 83 12.90 7.69 27.46
CA ILE P 83 12.82 9.12 27.64
C ILE P 83 13.38 9.46 28.99
N ILE P 84 12.99 8.68 29.99
CA ILE P 84 13.49 8.87 31.35
C ILE P 84 13.40 7.54 32.06
N SER P 85 14.51 7.08 32.64
CA SER P 85 14.48 5.87 33.45
C SER P 85 14.37 6.19 34.93
N GLU P 86 13.95 5.20 35.71
CA GLU P 86 13.97 5.33 37.16
C GLU P 86 12.88 6.23 37.68
N HIS P 87 13.02 7.51 37.34
CA HIS P 87 12.29 8.60 38.02
C HIS P 87 11.55 9.44 37.01
N ALA P 88 10.89 8.79 36.06
CA ALA P 88 10.24 9.46 34.94
C ALA P 88 9.20 10.48 35.40
N LEU P 89 8.24 10.06 36.21
CA LEU P 89 7.20 10.97 36.68
C LEU P 89 7.79 12.13 37.50
N GLU P 90 8.70 11.80 38.40
CA GLU P 90 9.34 12.82 39.21
C GLU P 90 9.99 13.84 38.29
N THR P 91 10.62 13.34 37.22
CA THR P 91 11.29 14.21 36.28
C THR P 91 10.30 15.02 35.46
N ILE P 92 9.27 14.37 34.95
CA ILE P 92 8.24 15.04 34.14
C ILE P 92 7.60 16.14 34.98
N LYS P 93 7.31 15.84 36.23
CA LYS P 93 6.75 16.83 37.14
C LYS P 93 7.68 18.02 37.31
N LYS P 94 8.96 17.72 37.56
CA LYS P 94 9.99 18.74 37.73
C LYS P 94 9.98 19.72 36.57
N HIS P 95 9.84 19.19 35.35
CA HIS P 95 9.99 20.03 34.17
C HIS P 95 8.68 20.55 33.57
N PHE P 96 7.57 19.89 33.87
CA PHE P 96 6.29 20.19 33.21
C PHE P 96 5.17 20.62 34.15
N ALA P 97 5.23 20.20 35.40
CA ALA P 97 4.20 20.52 36.36
C ALA P 97 4.37 21.94 36.87
N SER P 98 3.25 22.65 36.85
CA SER P 98 3.15 24.11 37.03
C SER P 98 2.84 24.76 35.68
#